data_3EFO
#
_entry.id   3EFO
#
_cell.length_a   103.060
_cell.length_b   140.830
_cell.length_c   152.250
_cell.angle_alpha   90.00
_cell.angle_beta   90.00
_cell.angle_gamma   90.00
#
_symmetry.space_group_name_H-M   'P 21 21 21'
#
loop_
_entity.id
_entity.type
_entity.pdbx_description
1 polymer 'Protein transport protein Sec23A'
2 polymer 'SEC24 related gene family, member D'
3 polymer Peptide
4 non-polymer 'ZINC ION'
5 water water
#
loop_
_entity_poly.entity_id
_entity_poly.type
_entity_poly.pdbx_seq_one_letter_code
_entity_poly.pdbx_strand_id
1 'polypeptide(L)'
;MTTYLEFIQQNEERDGVRFSWNVWPSSRLEATRMVVPVAALFTPLKERPDLPPIQYEPVLCSRTTCRAVLNPLCQVDYRA
KLWACNFCYQRNQFPPSYAGISELNQPAELLPQFSSIEYVVLRGPQMPLIFLYVVDTCMEDEDLQALKESMQMSLSLLPP
TALVGLITFGRMVQVHELGCEGISKSYVFRGTGDLSAKQLQEMLGLSKVPLTQATRGPQVQQPPPSNRFLQPVQKIDMNL
TDLLGELQRDPWPVPQGKRPLRSSGVALSIAVGLLECTFPNTGARIMMFIGGPATQGPGMVVGDELKTPIRSWHDIDKDN
AKYVKKGTKHFEALANRAATTGHVIDIYACALDQTGLLEMKCCPNLTGGYMVMGDSFNTSLFKQTFQRVFTKDMHGQFKM
GFGGTLEIKTSREIKISGAIGPCVSLNSKGPCVSENEIGTGGTCQWKICGLSPTTTLAIYFEVVNQHNAPIPQGGRGAIQ
FVTQYQHSSGQRRIRVTTIARNWADAQTQIQNIAASFDQEAAAILMARLAIYRAETEEGPDVLRWLDRQLIRLCQKFGEY
HKDDPSSFRFSETFSLYPQFMFHLRRSSFLQVFNNSPDESSYYRHHFMRQDLTQSLIMIQPILYAYSFSGPPEPVLLDSS
SILADRILLMDTFFQILIYHGETIAQWRKSGYQDMPEYENFRHLLQAPVDDAQEILHSRFPMPRYIDTEHGGSQARFLLS
KVNPSQTHNNMYAWGQESGAPILTDDVSLQVFMDHLKKLAVSSAA
;
A
2 'polypeptide(L)'
;AMGSPIQVIENDRASRGGQVYATNTRGQIPPLVTTDCMIQDQGNASPRFIRCTTYCFPCTSDMAKQAQIPLAAVIKPFAT
IPSNESPLYLVNHGESGPVRCNRCKAYMCPFMQFIEGGRRYQCGFCNCVNDVPPFYFQHLDHIGRRLDHYEKPELSLGSY
EYVATLDYCRKSKPPNPPAFIFMIDVSYSNIKNGLVKLICEELKTMLEKIPKEEQEETSAIRVGFITYNKVLHFFNVKSN
LAQPQMMVVTDVGEVFVPLLDGFLVNYQESQSVIHNLLDQIPDMFADSNENETVFAPVIQAGMEALKAADCPGKLFIFHS
SLPTAEAPGKLKNRDDKKLVNTDKEKILFQPQTNVYDSLAKDCVAHGCSVTLFLFPSQYVDVASLGLVPQLTGGTLYKYN
NFQMHLDRQQFLNDLRNDIEKKIGFDAIMRVRTSTGFRATDFFGGILMNNTTDVEMAAIDCDKAVTVEFKHDDKLSEDSG
ALIQCAVLYTTISGQRRLRIHNLGLNCSSQLADLYKSCETDALINFFAKSAFKAVLHQPLKVIREILVNQTAHMLACYRK
NCASPSAASQLILPDSMKVLPVYMNCLLKNCVLLSRPEISTDERAYQRQLVMTMGVADSQLFFYPQLLPIHTLDVKSTML
PAAVRCSESRLSEEGIFLLANGLHMFLWLGVSSPPELIQGIFNVPSFAHINTDMTLLPEVGNPYSQQLRMIMGIIQQKRP
YSMKLTIVKQREQPEMVFRQFLVEDKGLYGGSSYVDFLCCVHKEICQLLN
;
B
3 'polypeptide(L)' DVAIDMM C
#
# COMPACT_ATOMS: atom_id res chain seq x y z
N THR A 3 -2.11 64.55 -26.14
CA THR A 3 -1.73 64.23 -24.73
C THR A 3 -1.02 62.89 -24.66
N TYR A 4 0.11 62.87 -23.96
CA TYR A 4 0.87 61.64 -23.81
C TYR A 4 0.10 60.65 -22.95
N LEU A 5 -0.79 61.17 -22.11
CA LEU A 5 -1.59 60.33 -21.22
C LEU A 5 -2.59 59.53 -22.02
N GLU A 6 -3.20 60.19 -23.00
CA GLU A 6 -4.19 59.52 -23.84
C GLU A 6 -3.47 58.45 -24.65
N PHE A 7 -2.24 58.76 -25.04
CA PHE A 7 -1.42 57.83 -25.82
C PHE A 7 -1.19 56.58 -24.99
N ILE A 8 -0.75 56.75 -23.74
CA ILE A 8 -0.52 55.61 -22.86
C ILE A 8 -1.80 54.80 -22.71
N GLN A 9 -2.90 55.48 -22.38
CA GLN A 9 -4.18 54.81 -22.19
C GLN A 9 -4.72 54.09 -23.41
N GLN A 10 -4.54 54.67 -24.59
CA GLN A 10 -5.05 54.05 -25.80
C GLN A 10 -4.21 52.87 -26.27
N ASN A 11 -2.90 52.93 -26.05
CA ASN A 11 -2.05 51.84 -26.47
C ASN A 11 -2.13 50.64 -25.53
N GLU A 12 -2.57 50.88 -24.29
CA GLU A 12 -2.73 49.78 -23.37
C GLU A 12 -4.06 49.11 -23.67
N GLU A 13 -5.06 49.91 -23.95
CA GLU A 13 -6.38 49.38 -24.21
C GLU A 13 -6.42 48.56 -25.49
N ARG A 14 -5.70 49.04 -26.52
CA ARG A 14 -5.65 48.38 -27.82
C ARG A 14 -4.67 47.20 -27.88
N ASP A 15 -3.42 47.42 -27.48
CA ASP A 15 -2.43 46.36 -27.53
C ASP A 15 -2.04 45.74 -26.18
N GLY A 16 -2.75 46.12 -25.10
CA GLY A 16 -2.45 45.57 -23.79
C GLY A 16 -0.97 45.66 -23.53
N VAL A 17 -0.42 46.82 -23.84
CA VAL A 17 1.00 47.05 -23.70
C VAL A 17 1.29 48.37 -22.98
N ARG A 18 2.30 48.39 -22.12
CA ARG A 18 2.69 49.62 -21.43
C ARG A 18 4.20 49.72 -21.24
N PHE A 19 4.80 50.63 -22.02
CA PHE A 19 6.25 50.85 -22.01
C PHE A 19 6.78 51.89 -21.02
N SER A 20 8.01 51.68 -20.55
CA SER A 20 8.64 52.61 -19.62
C SER A 20 8.93 53.90 -20.38
N TRP A 21 9.28 53.77 -21.66
CA TRP A 21 9.54 54.91 -22.53
C TRP A 21 8.78 54.67 -23.85
N ASN A 22 8.12 55.70 -24.35
CA ASN A 22 7.38 55.56 -25.59
C ASN A 22 8.06 56.18 -26.79
N VAL A 23 9.28 56.62 -26.57
CA VAL A 23 10.11 57.17 -27.63
C VAL A 23 11.44 56.60 -27.19
N TRP A 24 12.13 55.90 -28.11
CA TRP A 24 13.37 55.25 -27.76
C TRP A 24 14.65 55.89 -28.24
N PRO A 25 15.70 55.82 -27.40
CA PRO A 25 17.01 56.39 -27.72
C PRO A 25 17.61 55.60 -28.87
N SER A 26 18.08 56.30 -29.89
CA SER A 26 18.66 55.66 -31.06
C SER A 26 20.10 55.17 -30.84
N SER A 27 20.47 54.90 -29.60
CA SER A 27 21.84 54.45 -29.33
C SER A 27 21.99 53.81 -27.98
N ARG A 28 22.64 52.65 -27.97
CA ARG A 28 22.84 51.90 -26.75
C ARG A 28 23.43 52.70 -25.60
N LEU A 29 24.33 53.64 -25.89
CA LEU A 29 24.94 54.41 -24.82
C LEU A 29 23.95 55.26 -24.04
N GLU A 30 23.40 56.28 -24.69
CA GLU A 30 22.46 57.18 -24.05
C GLU A 30 21.28 56.45 -23.42
N ALA A 31 21.01 55.25 -23.91
CA ALA A 31 19.93 54.43 -23.37
C ALA A 31 20.42 53.84 -22.05
N THR A 32 21.69 53.44 -22.02
CA THR A 32 22.30 52.85 -20.82
C THR A 32 22.24 53.82 -19.64
N ARG A 33 22.44 55.10 -19.94
CA ARG A 33 22.43 56.14 -18.91
C ARG A 33 21.15 56.94 -18.96
N MET A 34 20.08 56.21 -19.25
CA MET A 34 18.75 56.75 -19.26
C MET A 34 18.17 56.01 -18.05
N VAL A 35 19.06 55.28 -17.37
CA VAL A 35 18.78 54.53 -16.13
C VAL A 35 17.51 53.57 -16.10
N VAL A 36 16.36 53.94 -16.66
CA VAL A 36 15.25 52.97 -16.67
C VAL A 36 15.21 52.31 -18.05
N PRO A 37 15.49 51.00 -18.12
CA PRO A 37 15.47 50.32 -19.42
C PRO A 37 14.20 50.37 -20.24
N VAL A 38 14.36 50.26 -21.56
CA VAL A 38 13.21 50.24 -22.46
C VAL A 38 12.58 48.89 -22.12
N ALA A 39 11.44 48.93 -21.43
CA ALA A 39 10.80 47.69 -21.06
C ALA A 39 9.30 47.86 -21.20
N ALA A 40 8.57 46.75 -21.11
CA ALA A 40 7.13 46.81 -21.23
C ALA A 40 6.40 45.78 -20.42
N LEU A 41 5.29 46.23 -19.85
CA LEU A 41 4.37 45.43 -19.08
C LEU A 41 3.46 44.93 -20.24
N PHE A 42 3.37 43.62 -20.43
CA PHE A 42 2.58 43.06 -21.54
C PHE A 42 1.53 42.03 -21.14
N THR A 43 0.30 42.27 -21.55
CA THR A 43 -0.83 41.40 -21.25
C THR A 43 -1.32 40.75 -22.54
N PRO A 44 -0.87 39.52 -22.83
CA PRO A 44 -1.27 38.80 -24.06
C PRO A 44 -2.76 38.65 -24.38
N LEU A 45 -3.58 38.32 -23.40
CA LEU A 45 -5.02 38.17 -23.67
C LEU A 45 -5.89 39.27 -23.04
N LYS A 46 -5.45 40.52 -23.17
CA LYS A 46 -6.19 41.66 -22.65
C LYS A 46 -7.62 41.60 -23.17
N GLU A 47 -8.60 41.92 -22.34
CA GLU A 47 -10.00 41.91 -22.79
C GLU A 47 -10.15 42.85 -23.97
N ARG A 48 -10.74 42.34 -25.05
CA ARG A 48 -10.91 43.11 -26.27
C ARG A 48 -12.17 42.59 -27.00
N PRO A 49 -13.37 42.86 -26.46
CA PRO A 49 -14.64 42.43 -27.03
C PRO A 49 -14.99 43.06 -28.37
N ASP A 50 -14.35 44.19 -28.66
CA ASP A 50 -14.56 44.95 -29.89
C ASP A 50 -13.89 44.27 -31.09
N LEU A 51 -13.26 43.12 -30.84
CA LEU A 51 -12.53 42.41 -31.90
C LEU A 51 -13.12 41.04 -32.27
N PRO A 52 -13.27 40.77 -33.58
CA PRO A 52 -13.79 39.48 -34.02
C PRO A 52 -12.63 38.50 -33.99
N PRO A 53 -12.90 37.20 -33.85
CA PRO A 53 -11.79 36.25 -33.83
C PRO A 53 -11.08 36.00 -35.16
N ILE A 54 -11.57 36.57 -36.27
CA ILE A 54 -10.95 36.39 -37.59
C ILE A 54 -10.61 34.91 -37.81
N GLN A 55 -11.40 34.22 -38.62
CA GLN A 55 -11.19 32.81 -38.79
C GLN A 55 -10.33 32.21 -39.91
N TYR A 56 -9.02 32.42 -39.83
CA TYR A 56 -8.08 31.87 -40.79
C TYR A 56 -6.65 31.97 -40.26
N GLU A 57 -5.73 31.26 -40.92
CA GLU A 57 -4.31 31.22 -40.53
C GLU A 57 -3.70 32.62 -40.60
N PRO A 58 -2.66 32.88 -39.79
CA PRO A 58 -1.96 34.18 -39.72
C PRO A 58 -1.09 34.73 -40.86
N VAL A 59 -0.55 33.89 -41.75
CA VAL A 59 0.28 34.41 -42.85
C VAL A 59 1.62 34.93 -42.31
N LEU A 60 2.69 34.17 -42.51
CA LEU A 60 3.99 34.57 -41.98
C LEU A 60 5.09 34.87 -42.98
N CYS A 61 6.08 35.62 -42.53
CA CYS A 61 7.22 35.96 -43.36
C CYS A 61 7.92 34.65 -43.77
N SER A 62 8.38 34.59 -45.02
CA SER A 62 9.02 33.38 -45.50
C SER A 62 10.44 33.13 -45.02
N ARG A 63 11.08 34.11 -44.40
CA ARG A 63 12.44 33.91 -43.92
C ARG A 63 12.42 33.10 -42.63
N THR A 64 13.08 31.94 -42.65
CA THR A 64 13.10 31.04 -41.51
C THR A 64 13.44 31.64 -40.14
N THR A 65 14.48 32.46 -40.09
CA THR A 65 14.91 33.09 -38.84
C THR A 65 13.96 34.20 -38.38
N CYS A 66 13.17 34.72 -39.30
CA CYS A 66 12.25 35.78 -38.98
C CYS A 66 10.88 35.21 -38.65
N ARG A 67 10.08 34.98 -39.70
CA ARG A 67 8.76 34.38 -39.57
C ARG A 67 7.69 35.27 -38.94
N ALA A 68 7.88 36.58 -39.03
CA ALA A 68 6.92 37.54 -38.48
C ALA A 68 5.53 37.41 -39.09
N VAL A 69 4.53 37.87 -38.36
CA VAL A 69 3.17 37.81 -38.84
C VAL A 69 2.81 39.09 -39.57
N LEU A 70 2.21 38.95 -40.75
CA LEU A 70 1.79 40.08 -41.54
C LEU A 70 1.07 41.10 -40.65
N ASN A 71 1.53 42.35 -40.65
CA ASN A 71 0.92 43.37 -39.81
C ASN A 71 0.86 44.74 -40.50
N PRO A 72 0.17 45.72 -39.87
CA PRO A 72 0.04 47.07 -40.43
C PRO A 72 1.35 47.75 -40.81
N LEU A 73 2.45 47.37 -40.17
CA LEU A 73 3.73 48.00 -40.48
C LEU A 73 4.35 47.50 -41.79
N CYS A 74 3.74 46.51 -42.40
CA CYS A 74 4.26 45.96 -43.63
C CYS A 74 3.82 46.74 -44.85
N GLN A 75 4.73 46.98 -45.77
CA GLN A 75 4.41 47.69 -46.99
C GLN A 75 3.81 46.68 -47.95
N VAL A 76 2.71 47.05 -48.62
CA VAL A 76 2.02 46.16 -49.55
C VAL A 76 1.92 46.68 -50.98
N ASP A 77 2.28 45.85 -51.95
CA ASP A 77 2.19 46.22 -53.35
C ASP A 77 1.10 45.39 -54.00
N TYR A 78 -0.15 45.79 -53.77
CA TYR A 78 -1.33 45.09 -54.28
C TYR A 78 -1.29 44.67 -55.74
N ARG A 79 -0.74 45.53 -56.58
CA ARG A 79 -0.65 45.24 -58.01
C ARG A 79 0.61 44.43 -58.32
N ALA A 80 0.85 43.42 -57.48
CA ALA A 80 2.00 42.53 -57.61
C ALA A 80 1.87 41.47 -56.51
N LYS A 81 0.78 41.61 -55.75
CA LYS A 81 0.43 40.72 -54.65
C LYS A 81 1.63 40.29 -53.81
N LEU A 82 2.35 41.29 -53.31
CA LEU A 82 3.52 41.09 -52.48
C LEU A 82 3.48 42.04 -51.27
N TRP A 83 4.15 41.65 -50.20
CA TRP A 83 4.23 42.48 -48.99
C TRP A 83 5.62 42.34 -48.42
N ALA A 84 6.19 43.46 -47.97
CA ALA A 84 7.53 43.43 -47.42
C ALA A 84 7.45 43.37 -45.91
N CYS A 85 8.15 42.41 -45.34
CA CYS A 85 8.18 42.23 -43.90
C CYS A 85 8.90 43.41 -43.25
N ASN A 86 8.22 44.10 -42.35
CA ASN A 86 8.82 45.25 -41.69
C ASN A 86 9.96 44.91 -40.76
N PHE A 87 10.13 43.63 -40.44
CA PHE A 87 11.20 43.22 -39.54
C PHE A 87 12.52 42.87 -40.24
N CYS A 88 12.46 42.08 -41.30
CA CYS A 88 13.67 41.70 -42.03
C CYS A 88 13.69 42.14 -43.50
N TYR A 89 12.65 42.88 -43.89
CA TYR A 89 12.52 43.43 -45.24
C TYR A 89 12.22 42.43 -46.35
N GLN A 90 12.29 41.15 -46.02
CA GLN A 90 12.02 40.07 -46.96
C GLN A 90 10.75 40.29 -47.77
N ARG A 91 10.82 40.03 -49.07
CA ARG A 91 9.65 40.19 -49.92
C ARG A 91 8.84 38.89 -49.79
N ASN A 92 7.54 39.02 -49.61
CA ASN A 92 6.69 37.84 -49.45
C ASN A 92 5.47 37.89 -50.35
N GLN A 93 5.04 36.71 -50.75
CA GLN A 93 3.90 36.55 -51.60
C GLN A 93 2.67 36.32 -50.72
N PHE A 94 1.49 36.65 -51.20
CA PHE A 94 0.29 36.42 -50.41
C PHE A 94 -0.26 35.05 -50.78
N PRO A 95 -1.22 34.54 -49.99
CA PRO A 95 -1.79 33.23 -50.31
C PRO A 95 -2.93 33.47 -51.31
N PRO A 96 -3.19 32.49 -52.19
CA PRO A 96 -4.24 32.60 -53.21
C PRO A 96 -5.56 33.19 -52.74
N SER A 97 -6.06 32.76 -51.60
CA SER A 97 -7.35 33.27 -51.10
C SER A 97 -7.37 34.79 -50.94
N TYR A 98 -6.19 35.42 -50.94
CA TYR A 98 -6.10 36.86 -50.77
C TYR A 98 -6.23 37.64 -52.08
N ALA A 99 -6.21 36.93 -53.20
CA ALA A 99 -6.31 37.51 -54.52
C ALA A 99 -7.00 38.89 -54.59
N GLY A 100 -8.24 38.97 -54.09
CA GLY A 100 -8.98 40.23 -54.13
C GLY A 100 -8.37 41.43 -53.42
N ILE A 101 -7.41 41.16 -52.55
CA ILE A 101 -6.71 42.21 -51.79
C ILE A 101 -6.46 43.49 -52.60
N SER A 102 -6.83 44.63 -52.03
CA SER A 102 -6.64 45.92 -52.68
C SER A 102 -6.55 47.09 -51.70
N GLU A 103 -5.85 48.15 -52.10
CA GLU A 103 -5.69 49.34 -51.27
C GLU A 103 -6.94 49.70 -50.47
N LEU A 104 -8.11 49.55 -51.07
CA LEU A 104 -9.36 49.90 -50.41
C LEU A 104 -10.09 48.73 -49.75
N ASN A 105 -9.68 47.51 -50.08
CA ASN A 105 -10.28 46.33 -49.49
C ASN A 105 -9.16 45.42 -49.05
N GLN A 106 -8.54 45.79 -47.93
CA GLN A 106 -7.41 45.04 -47.41
C GLN A 106 -7.73 44.13 -46.25
N PRO A 107 -6.92 43.07 -46.07
CA PRO A 107 -7.12 42.10 -44.98
C PRO A 107 -6.96 42.77 -43.62
N ALA A 108 -7.88 42.42 -42.72
CA ALA A 108 -7.92 42.94 -41.37
C ALA A 108 -6.56 43.10 -40.69
N GLU A 109 -5.71 42.07 -40.78
CA GLU A 109 -4.40 42.14 -40.15
C GLU A 109 -3.54 43.31 -40.59
N LEU A 110 -3.95 43.99 -41.66
CA LEU A 110 -3.19 45.12 -42.17
C LEU A 110 -3.71 46.46 -41.66
N LEU A 111 -4.92 46.46 -41.12
CA LEU A 111 -5.53 47.69 -40.61
C LEU A 111 -4.92 48.11 -39.27
N PRO A 112 -4.63 49.41 -39.10
CA PRO A 112 -4.04 49.93 -37.86
C PRO A 112 -4.89 49.58 -36.65
N GLN A 113 -6.20 49.65 -36.84
CA GLN A 113 -7.16 49.33 -35.79
C GLN A 113 -6.92 47.89 -35.33
N PHE A 114 -6.36 47.08 -36.21
CA PHE A 114 -6.13 45.69 -35.88
C PHE A 114 -4.69 45.32 -35.55
N SER A 115 -3.87 46.32 -35.22
CA SER A 115 -2.52 46.00 -34.76
C SER A 115 -3.08 45.26 -33.57
N SER A 116 -2.59 44.07 -33.24
CA SER A 116 -3.22 43.38 -32.11
C SER A 116 -4.58 42.77 -32.58
N ILE A 117 -4.55 41.49 -32.92
CA ILE A 117 -5.72 40.77 -33.42
C ILE A 117 -5.58 39.29 -33.07
N GLU A 118 -6.68 38.54 -33.17
CA GLU A 118 -6.64 37.11 -32.85
C GLU A 118 -7.03 36.21 -34.03
N TYR A 119 -6.26 35.15 -34.25
CA TYR A 119 -6.53 34.21 -35.34
C TYR A 119 -7.05 32.89 -34.78
N VAL A 120 -7.69 32.09 -35.63
CA VAL A 120 -8.24 30.81 -35.15
C VAL A 120 -7.67 29.59 -35.87
N VAL A 121 -6.51 29.13 -35.40
CA VAL A 121 -5.81 27.96 -35.96
C VAL A 121 -6.69 26.74 -36.24
N LEU A 122 -6.33 26.02 -37.29
CA LEU A 122 -7.05 24.82 -37.71
C LEU A 122 -6.20 23.60 -37.36
N ARG A 123 -5.69 23.56 -36.13
CA ARG A 123 -4.84 22.47 -35.65
C ARG A 123 -5.42 21.08 -35.90
N GLY A 124 -6.58 20.79 -35.32
CA GLY A 124 -7.20 19.49 -35.51
C GLY A 124 -7.57 18.79 -34.22
N PRO A 125 -6.59 18.46 -33.36
CA PRO A 125 -6.90 17.78 -32.10
C PRO A 125 -7.69 18.70 -31.17
N GLN A 126 -9.02 18.65 -31.23
CA GLN A 126 -9.82 19.48 -30.34
C GLN A 126 -9.88 18.72 -29.01
N MET A 127 -8.95 19.06 -28.12
CA MET A 127 -8.88 18.39 -26.82
C MET A 127 -9.82 18.98 -25.77
N PRO A 128 -10.34 18.11 -24.89
CA PRO A 128 -11.23 18.58 -23.83
C PRO A 128 -10.36 19.07 -22.69
N LEU A 129 -10.87 20.02 -21.91
CA LEU A 129 -10.12 20.53 -20.80
C LEU A 129 -10.03 19.41 -19.78
N ILE A 130 -8.96 19.40 -19.00
CA ILE A 130 -8.78 18.39 -17.99
C ILE A 130 -8.64 19.04 -16.62
N PHE A 131 -9.45 18.60 -15.69
CA PHE A 131 -9.40 19.13 -14.34
C PHE A 131 -9.13 18.01 -13.35
N LEU A 132 -7.95 18.03 -12.75
CA LEU A 132 -7.59 17.00 -11.79
C LEU A 132 -7.56 17.56 -10.37
N TYR A 133 -8.49 17.10 -9.55
CA TYR A 133 -8.58 17.52 -8.15
C TYR A 133 -7.67 16.68 -7.26
N VAL A 134 -6.71 17.31 -6.60
CA VAL A 134 -5.83 16.62 -5.67
C VAL A 134 -6.26 17.16 -4.32
N VAL A 135 -6.92 16.33 -3.52
CA VAL A 135 -7.48 16.75 -2.24
C VAL A 135 -6.88 16.22 -0.95
N ASP A 136 -6.52 17.13 -0.06
CA ASP A 136 -5.97 16.76 1.23
C ASP A 136 -7.16 16.43 2.12
N THR A 137 -7.01 15.43 2.98
CA THR A 137 -8.11 15.03 3.85
C THR A 137 -7.79 15.17 5.34
N CYS A 138 -6.66 15.80 5.65
CA CYS A 138 -6.27 15.99 7.04
C CYS A 138 -6.74 17.34 7.57
N MET A 139 -8.04 17.47 7.80
CA MET A 139 -8.61 18.71 8.32
C MET A 139 -9.93 18.42 9.04
N GLU A 140 -10.45 19.42 9.75
CA GLU A 140 -11.71 19.24 10.48
C GLU A 140 -12.88 18.95 9.55
N ASP A 141 -13.95 18.36 10.06
CA ASP A 141 -15.10 18.05 9.22
C ASP A 141 -15.79 19.27 8.63
N GLU A 142 -15.67 20.41 9.30
CA GLU A 142 -16.26 21.65 8.81
C GLU A 142 -15.58 22.03 7.51
N ASP A 143 -14.26 22.12 7.59
CA ASP A 143 -13.43 22.45 6.45
C ASP A 143 -13.68 21.50 5.30
N LEU A 144 -13.33 20.23 5.48
CA LEU A 144 -13.50 19.24 4.43
C LEU A 144 -14.90 19.24 3.80
N GLN A 145 -15.92 19.50 4.61
CA GLN A 145 -17.27 19.54 4.06
C GLN A 145 -17.39 20.73 3.12
N ALA A 146 -16.93 21.90 3.57
CA ALA A 146 -16.98 23.11 2.76
C ALA A 146 -16.19 22.90 1.46
N LEU A 147 -14.99 22.37 1.59
CA LEU A 147 -14.18 22.10 0.42
C LEU A 147 -14.96 21.20 -0.55
N LYS A 148 -15.60 20.17 0.00
CA LYS A 148 -16.38 19.24 -0.83
C LYS A 148 -17.51 19.96 -1.54
N GLU A 149 -18.05 21.00 -0.90
CA GLU A 149 -19.13 21.77 -1.52
C GLU A 149 -18.57 22.65 -2.63
N SER A 150 -17.43 23.28 -2.36
CA SER A 150 -16.78 24.14 -3.35
C SER A 150 -16.38 23.34 -4.57
N MET A 151 -15.94 22.11 -4.34
CA MET A 151 -15.52 21.25 -5.44
C MET A 151 -16.72 20.85 -6.28
N GLN A 152 -17.81 20.50 -5.61
CA GLN A 152 -19.02 20.11 -6.34
C GLN A 152 -19.46 21.29 -7.19
N MET A 153 -19.42 22.48 -6.61
CA MET A 153 -19.81 23.70 -7.32
C MET A 153 -19.06 23.86 -8.64
N SER A 154 -17.74 23.72 -8.58
CA SER A 154 -16.92 23.87 -9.78
C SER A 154 -17.22 22.79 -10.80
N LEU A 155 -17.39 21.57 -10.31
CA LEU A 155 -17.68 20.44 -11.17
C LEU A 155 -18.96 20.69 -11.96
N SER A 156 -19.85 21.51 -11.41
CA SER A 156 -21.11 21.82 -12.09
C SER A 156 -20.89 22.85 -13.21
N LEU A 157 -19.83 23.64 -13.11
CA LEU A 157 -19.53 24.66 -14.10
C LEU A 157 -18.67 24.16 -15.26
N LEU A 158 -18.04 23.00 -15.07
CA LEU A 158 -17.19 22.44 -16.11
C LEU A 158 -17.96 22.03 -17.37
N PRO A 159 -17.32 22.14 -18.54
CA PRO A 159 -17.95 21.77 -19.81
C PRO A 159 -18.22 20.26 -19.78
N PRO A 160 -19.32 19.80 -20.38
CA PRO A 160 -19.63 18.38 -20.39
C PRO A 160 -18.51 17.48 -20.94
N THR A 161 -17.74 18.01 -21.89
CA THR A 161 -16.67 17.24 -22.49
C THR A 161 -15.38 17.18 -21.67
N ALA A 162 -15.23 18.11 -20.74
CA ALA A 162 -14.03 18.16 -19.89
C ALA A 162 -13.83 16.88 -19.10
N LEU A 163 -12.58 16.41 -19.04
CA LEU A 163 -12.27 15.20 -18.28
C LEU A 163 -11.93 15.60 -16.85
N VAL A 164 -12.48 14.86 -15.89
CA VAL A 164 -12.22 15.12 -14.47
C VAL A 164 -11.53 13.94 -13.80
N GLY A 165 -10.68 14.25 -12.83
CA GLY A 165 -9.95 13.22 -12.12
C GLY A 165 -9.86 13.55 -10.64
N LEU A 166 -9.98 12.54 -9.77
CA LEU A 166 -9.92 12.77 -8.34
C LEU A 166 -8.87 11.95 -7.61
N ILE A 167 -7.99 12.65 -6.89
CA ILE A 167 -6.95 12.03 -6.09
C ILE A 167 -7.11 12.60 -4.68
N THR A 168 -7.10 11.74 -3.68
CA THR A 168 -7.24 12.19 -2.30
C THR A 168 -6.04 11.68 -1.51
N PHE A 169 -5.67 12.40 -0.46
CA PHE A 169 -4.52 11.96 0.31
C PHE A 169 -4.53 12.37 1.78
N GLY A 170 -3.64 11.73 2.51
CA GLY A 170 -3.48 11.97 3.94
C GLY A 170 -2.22 11.22 4.29
N ARG A 171 -2.35 10.16 5.07
CA ARG A 171 -1.18 9.38 5.43
C ARG A 171 -0.70 8.69 4.16
N MET A 172 -1.66 8.25 3.35
CA MET A 172 -1.37 7.59 2.08
C MET A 172 -2.05 8.34 0.94
N VAL A 173 -1.65 8.06 -0.28
CA VAL A 173 -2.23 8.71 -1.45
C VAL A 173 -3.16 7.80 -2.22
N GLN A 174 -4.36 8.29 -2.52
CA GLN A 174 -5.35 7.51 -3.26
C GLN A 174 -5.71 8.07 -4.63
N VAL A 175 -5.56 7.24 -5.66
CA VAL A 175 -5.93 7.65 -7.00
C VAL A 175 -7.22 6.92 -7.32
N HIS A 176 -8.31 7.66 -7.35
CA HIS A 176 -9.63 7.10 -7.60
C HIS A 176 -9.98 6.73 -9.02
N GLU A 177 -10.52 5.52 -9.19
CA GLU A 177 -10.96 5.08 -10.51
C GLU A 177 -12.45 5.41 -10.56
N LEU A 178 -12.83 6.26 -11.49
CA LEU A 178 -14.21 6.67 -11.60
C LEU A 178 -14.99 5.88 -12.63
N GLY A 179 -16.32 6.04 -12.62
CA GLY A 179 -17.17 5.33 -13.53
C GLY A 179 -17.39 3.91 -13.02
N CYS A 180 -16.35 3.40 -12.36
CA CYS A 180 -16.37 2.07 -11.77
C CYS A 180 -17.58 1.98 -10.85
N GLU A 181 -18.69 1.46 -11.39
CA GLU A 181 -19.92 1.36 -10.60
C GLU A 181 -20.14 0.03 -9.92
N GLY A 182 -20.81 0.08 -8.78
CA GLY A 182 -21.10 -1.11 -8.01
C GLY A 182 -20.08 -1.45 -6.94
N ILE A 183 -18.88 -0.89 -7.07
CA ILE A 183 -17.82 -1.17 -6.10
C ILE A 183 -16.96 0.02 -5.69
N SER A 184 -16.71 0.94 -6.62
CA SER A 184 -15.88 2.12 -6.33
C SER A 184 -14.48 1.71 -5.87
N LYS A 185 -13.48 1.89 -6.72
CA LYS A 185 -12.14 1.50 -6.33
C LYS A 185 -11.13 2.61 -6.44
N SER A 186 -9.93 2.34 -5.95
CA SER A 186 -8.86 3.32 -5.96
C SER A 186 -7.53 2.62 -5.75
N TYR A 187 -6.47 3.23 -6.26
CA TYR A 187 -5.12 2.68 -6.12
C TYR A 187 -4.46 3.48 -5.02
N VAL A 188 -3.86 2.78 -4.07
CA VAL A 188 -3.22 3.43 -2.93
C VAL A 188 -1.72 3.30 -2.96
N PHE A 189 -1.04 4.37 -2.56
CA PHE A 189 0.42 4.37 -2.53
C PHE A 189 0.92 4.94 -1.20
N ARG A 190 2.15 4.57 -0.84
CA ARG A 190 2.72 5.08 0.41
C ARG A 190 2.97 6.58 0.24
N GLY A 191 2.54 7.38 1.20
CA GLY A 191 2.74 8.81 1.09
C GLY A 191 4.14 9.18 1.51
N THR A 192 4.97 8.17 1.70
CA THR A 192 6.34 8.37 2.14
C THR A 192 7.39 8.26 1.02
N GLY A 193 7.00 7.69 -0.12
CA GLY A 193 7.95 7.54 -1.21
C GLY A 193 7.49 8.10 -2.55
N ASP A 194 8.44 8.73 -3.26
CA ASP A 194 8.20 9.33 -4.57
C ASP A 194 7.87 8.30 -5.66
N LEU A 195 7.56 8.79 -6.87
CA LEU A 195 7.24 7.94 -8.02
C LEU A 195 7.35 8.74 -9.31
N SER A 196 7.92 8.11 -10.33
CA SER A 196 8.09 8.76 -11.63
C SER A 196 6.82 8.59 -12.45
N ALA A 197 6.75 9.30 -13.58
CA ALA A 197 5.58 9.20 -14.42
C ALA A 197 5.49 7.80 -15.00
N LYS A 198 6.65 7.21 -15.30
CA LYS A 198 6.68 5.87 -15.86
C LYS A 198 6.17 4.86 -14.83
N GLN A 199 6.85 4.80 -13.68
CA GLN A 199 6.48 3.90 -12.62
C GLN A 199 4.98 3.92 -12.39
N LEU A 200 4.43 5.11 -12.35
CA LEU A 200 3.00 5.29 -12.13
C LEU A 200 2.20 4.71 -13.28
N GLN A 201 2.66 4.99 -14.50
CA GLN A 201 1.97 4.49 -15.68
C GLN A 201 1.97 2.96 -15.63
N GLU A 202 3.10 2.39 -15.19
CA GLU A 202 3.21 0.95 -15.08
C GLU A 202 2.30 0.42 -13.97
N MET A 203 2.48 0.94 -12.76
CA MET A 203 1.70 0.53 -11.61
C MET A 203 0.19 0.70 -11.80
N LEU A 204 -0.22 1.85 -12.32
CA LEU A 204 -1.64 2.09 -12.54
C LEU A 204 -2.12 1.22 -13.69
N GLY A 205 -1.16 0.55 -14.35
CA GLY A 205 -1.50 -0.31 -15.46
C GLY A 205 -2.12 0.47 -16.61
N LEU A 206 -1.36 1.43 -17.12
CA LEU A 206 -1.80 2.26 -18.23
C LEU A 206 -0.85 2.08 -19.41
N SER A 207 -1.30 2.45 -20.60
CA SER A 207 -0.49 2.34 -21.80
C SER A 207 0.45 3.56 -21.89
N LYS A 208 0.96 3.83 -23.08
CA LYS A 208 1.88 4.96 -23.27
C LYS A 208 1.33 6.02 -24.23
N VAL A 209 1.33 7.27 -23.77
CA VAL A 209 0.83 8.44 -24.51
C VAL A 209 -0.64 8.70 -24.20
N SER A 226 -10.29 8.90 -23.04
CA SER A 226 -10.64 8.82 -21.63
C SER A 226 -10.07 7.58 -20.93
N ASN A 227 -9.51 7.78 -19.74
CA ASN A 227 -8.95 6.69 -18.95
C ASN A 227 -9.96 6.27 -17.92
N ARG A 228 -9.56 5.36 -17.05
CA ARG A 228 -10.44 4.91 -15.99
C ARG A 228 -10.35 5.99 -14.93
N PHE A 229 -9.26 6.76 -15.00
CA PHE A 229 -8.97 7.82 -14.04
C PHE A 229 -9.48 9.21 -14.41
N LEU A 230 -9.41 9.55 -15.71
CA LEU A 230 -9.86 10.86 -16.18
C LEU A 230 -11.04 10.71 -17.12
N GLN A 231 -12.25 10.94 -16.59
CA GLN A 231 -13.45 10.80 -17.42
C GLN A 231 -14.33 12.04 -17.61
N PRO A 232 -15.17 12.01 -18.65
CA PRO A 232 -16.09 13.09 -19.00
C PRO A 232 -17.00 13.51 -17.87
N VAL A 233 -17.16 14.82 -17.71
CA VAL A 233 -18.02 15.40 -16.69
C VAL A 233 -19.46 14.95 -16.88
N GLN A 234 -19.89 14.95 -18.15
CA GLN A 234 -21.26 14.55 -18.50
C GLN A 234 -21.49 13.04 -18.38
N LYS A 235 -20.45 12.30 -18.01
CA LYS A 235 -20.59 10.86 -17.86
C LYS A 235 -20.37 10.42 -16.41
N ILE A 236 -19.58 11.19 -15.66
CA ILE A 236 -19.28 10.84 -14.27
C ILE A 236 -20.10 11.60 -13.25
N ASP A 237 -20.57 12.80 -13.62
CA ASP A 237 -21.37 13.66 -12.75
C ASP A 237 -21.94 13.00 -11.50
N MET A 238 -22.85 12.06 -11.71
CA MET A 238 -23.50 11.32 -10.63
C MET A 238 -22.45 10.70 -9.69
N ASN A 239 -21.66 9.78 -10.23
CA ASN A 239 -20.63 9.09 -9.46
C ASN A 239 -19.69 10.01 -8.67
N LEU A 240 -19.01 10.92 -9.36
CA LEU A 240 -18.07 11.83 -8.71
C LEU A 240 -18.74 12.68 -7.65
N THR A 241 -19.91 13.23 -7.97
CA THR A 241 -20.62 14.06 -7.01
C THR A 241 -21.06 13.24 -5.79
N ASP A 242 -21.16 11.92 -5.96
CA ASP A 242 -21.52 11.04 -4.85
C ASP A 242 -20.27 10.83 -4.04
N LEU A 243 -19.20 10.39 -4.69
CA LEU A 243 -17.93 10.14 -4.03
C LEU A 243 -17.50 11.37 -3.24
N LEU A 244 -17.63 12.54 -3.85
CA LEU A 244 -17.25 13.79 -3.18
C LEU A 244 -18.02 13.95 -1.88
N GLY A 245 -19.32 13.73 -1.94
CA GLY A 245 -20.16 13.86 -0.76
C GLY A 245 -19.93 12.81 0.31
N GLU A 246 -19.54 11.61 -0.11
CA GLU A 246 -19.28 10.52 0.83
C GLU A 246 -17.86 10.60 1.39
N LEU A 247 -17.05 11.48 0.81
CA LEU A 247 -15.67 11.66 1.24
C LEU A 247 -15.57 12.08 2.69
N GLN A 248 -14.73 11.38 3.44
CA GLN A 248 -14.55 11.71 4.85
C GLN A 248 -13.08 11.96 5.14
N ARG A 249 -12.80 12.64 6.24
CA ARG A 249 -11.43 12.96 6.59
C ARG A 249 -10.55 11.75 6.84
N ASP A 250 -9.25 11.94 6.64
CA ASP A 250 -8.25 10.89 6.83
C ASP A 250 -8.51 10.13 8.13
N PRO A 251 -8.84 8.83 8.03
CA PRO A 251 -9.12 7.94 9.16
C PRO A 251 -8.06 7.81 10.25
N TRP A 252 -6.81 7.63 9.85
CA TRP A 252 -5.72 7.47 10.80
C TRP A 252 -5.72 8.58 11.86
N PRO A 253 -5.86 8.19 13.14
CA PRO A 253 -5.89 9.06 14.32
C PRO A 253 -4.58 9.82 14.56
N VAL A 254 -4.69 11.02 15.11
CA VAL A 254 -3.53 11.83 15.37
C VAL A 254 -3.23 11.99 16.85
N PRO A 255 -2.09 11.44 17.29
CA PRO A 255 -1.64 11.49 18.69
C PRO A 255 -1.45 12.91 19.20
N GLN A 256 -1.78 13.12 20.47
CA GLN A 256 -1.67 14.43 21.12
C GLN A 256 -0.27 15.03 20.95
N GLY A 257 -0.20 16.33 20.69
CA GLY A 257 1.06 17.02 20.51
C GLY A 257 1.68 16.81 19.14
N LYS A 258 0.98 16.07 18.27
CA LYS A 258 1.45 15.78 16.92
C LYS A 258 0.59 16.44 15.83
N ARG A 259 1.10 16.43 14.61
CA ARG A 259 0.39 16.97 13.45
C ARG A 259 0.00 15.75 12.61
N PRO A 260 -1.02 15.88 11.76
CA PRO A 260 -1.42 14.73 10.94
C PRO A 260 -0.29 14.38 9.98
N LEU A 261 -0.30 13.15 9.48
CA LEU A 261 0.70 12.76 8.50
C LEU A 261 0.10 13.10 7.13
N ARG A 262 0.53 14.23 6.56
CA ARG A 262 0.04 14.73 5.27
C ARG A 262 1.10 14.58 4.19
N SER A 263 0.82 13.75 3.19
CA SER A 263 1.77 13.49 2.11
C SER A 263 1.65 14.41 0.89
N SER A 264 1.42 15.70 1.13
CA SER A 264 1.27 16.69 0.09
C SER A 264 2.30 16.56 -1.04
N GLY A 265 3.56 16.41 -0.66
CA GLY A 265 4.62 16.28 -1.66
C GLY A 265 4.45 15.11 -2.62
N VAL A 266 4.03 13.98 -2.08
CA VAL A 266 3.86 12.80 -2.92
C VAL A 266 2.54 12.84 -3.65
N ALA A 267 1.49 13.34 -3.01
CA ALA A 267 0.22 13.44 -3.69
C ALA A 267 0.39 14.25 -4.98
N LEU A 268 1.08 15.38 -4.87
CA LEU A 268 1.28 16.24 -6.04
C LEU A 268 2.11 15.52 -7.09
N SER A 269 3.14 14.82 -6.63
CA SER A 269 4.01 14.10 -7.55
C SER A 269 3.20 13.06 -8.34
N ILE A 270 2.29 12.38 -7.65
CA ILE A 270 1.46 11.36 -8.31
C ILE A 270 0.48 12.02 -9.29
N ALA A 271 0.00 13.23 -8.95
CA ALA A 271 -0.91 13.96 -9.81
C ALA A 271 -0.19 14.41 -11.08
N VAL A 272 1.01 14.95 -10.93
CA VAL A 272 1.78 15.38 -12.09
C VAL A 272 2.01 14.17 -12.99
N GLY A 273 2.56 13.11 -12.40
CA GLY A 273 2.83 11.90 -13.16
C GLY A 273 1.60 11.35 -13.88
N LEU A 274 0.46 11.34 -13.19
CA LEU A 274 -0.78 10.83 -13.76
C LEU A 274 -1.11 11.49 -15.09
N LEU A 275 -1.00 12.82 -15.15
CA LEU A 275 -1.29 13.54 -16.38
C LEU A 275 -0.14 13.50 -17.37
N GLU A 276 1.07 13.38 -16.86
CA GLU A 276 2.26 13.33 -17.71
C GLU A 276 2.25 12.11 -18.62
N CYS A 277 1.67 11.01 -18.12
CA CYS A 277 1.65 9.78 -18.89
C CYS A 277 0.31 9.48 -19.55
N THR A 278 -0.64 10.41 -19.47
CA THR A 278 -1.95 10.19 -20.11
C THR A 278 -2.32 11.30 -21.09
N PHE A 279 -2.09 12.56 -20.71
CA PHE A 279 -2.43 13.66 -21.58
C PHE A 279 -1.37 14.74 -21.61
N PRO A 280 -0.14 14.36 -21.98
CA PRO A 280 0.93 15.35 -22.04
C PRO A 280 0.69 16.35 -23.16
N ASN A 281 1.17 17.56 -22.95
CA ASN A 281 1.06 18.63 -23.92
C ASN A 281 -0.36 19.07 -24.27
N THR A 282 -1.26 19.09 -23.30
CA THR A 282 -2.61 19.58 -23.56
C THR A 282 -3.11 20.30 -22.34
N GLY A 283 -4.02 21.25 -22.55
CA GLY A 283 -4.56 22.01 -21.44
C GLY A 283 -5.06 21.16 -20.30
N ALA A 284 -4.67 21.52 -19.08
CA ALA A 284 -5.08 20.78 -17.90
C ALA A 284 -4.73 21.54 -16.63
N ARG A 285 -5.60 21.42 -15.63
CA ARG A 285 -5.37 22.06 -14.36
C ARG A 285 -5.25 20.99 -13.26
N ILE A 286 -4.09 20.95 -12.60
CA ILE A 286 -3.89 20.03 -11.47
C ILE A 286 -4.17 20.96 -10.29
N MET A 287 -5.35 20.78 -9.67
CA MET A 287 -5.77 21.63 -8.55
C MET A 287 -5.63 20.98 -7.17
N MET A 288 -4.58 21.35 -6.46
CA MET A 288 -4.35 20.79 -5.14
C MET A 288 -4.83 21.68 -3.98
N PHE A 289 -5.68 21.11 -3.12
CA PHE A 289 -6.22 21.81 -1.96
C PHE A 289 -5.56 21.22 -0.70
N ILE A 290 -4.98 22.07 0.14
CA ILE A 290 -4.32 21.58 1.34
C ILE A 290 -4.80 22.32 2.58
N GLY A 291 -4.97 21.57 3.68
CA GLY A 291 -5.41 22.17 4.92
C GLY A 291 -4.31 22.31 5.96
N GLY A 292 -3.08 22.01 5.55
CA GLY A 292 -1.96 22.10 6.47
C GLY A 292 -0.66 21.86 5.73
N PRO A 293 0.47 21.87 6.43
CA PRO A 293 1.78 21.64 5.79
C PRO A 293 2.10 20.17 5.59
N ALA A 294 2.90 19.91 4.57
CA ALA A 294 3.30 18.54 4.27
C ALA A 294 4.21 18.10 5.42
N THR A 295 3.84 16.98 6.06
CA THR A 295 4.60 16.45 7.19
C THR A 295 5.24 15.09 6.94
N GLN A 296 5.32 14.67 5.68
CA GLN A 296 5.89 13.37 5.38
C GLN A 296 6.33 13.39 3.91
N GLY A 297 7.51 13.96 3.67
CA GLY A 297 8.07 14.12 2.35
C GLY A 297 8.30 12.86 1.54
N PRO A 298 8.97 12.96 0.38
CA PRO A 298 9.55 14.16 -0.24
C PRO A 298 8.60 15.35 -0.25
N GLY A 299 9.18 16.55 -0.19
CA GLY A 299 8.39 17.76 -0.19
C GLY A 299 7.98 18.15 1.22
N MET A 300 8.31 17.28 2.17
CA MET A 300 8.01 17.48 3.58
C MET A 300 8.42 18.89 4.01
N VAL A 301 7.48 19.63 4.59
CA VAL A 301 7.73 21.00 5.00
C VAL A 301 8.02 21.22 6.49
N VAL A 302 7.52 20.32 7.34
CA VAL A 302 7.76 20.47 8.76
C VAL A 302 7.47 19.17 9.50
N GLY A 303 8.17 18.97 10.62
CA GLY A 303 7.98 17.76 11.41
C GLY A 303 6.55 17.53 11.86
N ASP A 304 6.32 16.40 12.51
CA ASP A 304 4.99 16.03 12.98
C ASP A 304 4.75 16.37 14.44
N GLU A 305 5.79 16.78 15.14
CA GLU A 305 5.65 17.13 16.55
C GLU A 305 5.32 18.61 16.70
N LEU A 306 4.09 18.89 17.12
CA LEU A 306 3.63 20.26 17.30
C LEU A 306 4.65 21.14 18.01
N LYS A 307 5.43 20.55 18.92
CA LYS A 307 6.45 21.30 19.65
C LYS A 307 7.18 22.25 18.73
N THR A 308 7.70 21.73 17.64
CA THR A 308 8.44 22.56 16.69
C THR A 308 7.51 23.39 15.83
N PRO A 309 7.74 24.71 15.78
CA PRO A 309 6.90 25.61 14.97
C PRO A 309 7.37 25.59 13.50
N ILE A 310 6.48 25.93 12.58
CA ILE A 310 6.84 25.93 11.17
C ILE A 310 7.82 27.06 10.91
N ARG A 311 8.86 26.79 10.12
CA ARG A 311 9.88 27.79 9.84
C ARG A 311 9.36 29.21 9.67
N SER A 312 10.18 30.16 10.11
CA SER A 312 9.85 31.58 10.02
C SER A 312 10.90 32.20 9.12
N TRP A 313 10.74 33.47 8.80
CA TRP A 313 11.73 34.14 7.97
C TRP A 313 13.03 34.23 8.74
N HIS A 314 12.92 34.44 10.05
CA HIS A 314 14.10 34.51 10.90
C HIS A 314 14.76 33.13 10.91
N ASP A 315 13.99 32.11 11.28
CA ASP A 315 14.49 30.74 11.29
C ASP A 315 15.26 30.45 10.00
N ILE A 316 14.60 30.60 8.87
CA ILE A 316 15.23 30.32 7.58
C ILE A 316 16.49 31.15 7.34
N ASP A 317 16.62 32.29 8.01
CA ASP A 317 17.82 33.10 7.82
C ASP A 317 18.93 32.61 8.73
N LYS A 318 18.57 32.26 9.98
CA LYS A 318 19.54 31.74 10.95
C LYS A 318 19.87 30.30 10.55
N ASP A 319 19.55 29.95 9.30
CA ASP A 319 19.75 28.62 8.73
C ASP A 319 19.27 27.53 9.70
N ASN A 320 18.16 27.83 10.37
CA ASN A 320 17.57 26.92 11.34
C ASN A 320 16.28 26.32 10.77
N ALA A 321 16.23 26.17 9.44
CA ALA A 321 15.09 25.59 8.74
C ALA A 321 15.69 24.43 7.95
N LYS A 322 15.56 23.23 8.49
CA LYS A 322 16.16 22.07 7.84
C LYS A 322 15.40 21.48 6.68
N TYR A 323 14.18 21.95 6.43
CA TYR A 323 13.42 21.39 5.33
C TYR A 323 13.40 22.27 4.08
N VAL A 324 13.27 23.57 4.27
CA VAL A 324 13.19 24.51 3.15
C VAL A 324 13.95 24.14 1.88
N LYS A 325 15.26 23.91 1.98
CA LYS A 325 16.03 23.56 0.78
C LYS A 325 15.63 22.24 0.13
N LYS A 326 15.42 21.20 0.94
CA LYS A 326 15.01 19.92 0.40
C LYS A 326 13.59 19.99 -0.14
N GLY A 327 12.68 20.46 0.69
CA GLY A 327 11.29 20.58 0.28
C GLY A 327 11.13 21.39 -1.00
N THR A 328 11.80 22.53 -1.05
CA THR A 328 11.69 23.38 -2.22
C THR A 328 12.22 22.68 -3.48
N LYS A 329 13.38 22.07 -3.36
CA LYS A 329 14.01 21.36 -4.47
C LYS A 329 13.02 20.34 -5.08
N HIS A 330 12.20 19.72 -4.23
CA HIS A 330 11.21 18.73 -4.68
C HIS A 330 10.15 19.36 -5.58
N PHE A 331 9.42 20.32 -5.04
CA PHE A 331 8.37 20.98 -5.80
C PHE A 331 8.91 21.64 -7.05
N GLU A 332 10.12 22.18 -6.97
CA GLU A 332 10.71 22.83 -8.13
C GLU A 332 10.76 21.81 -9.26
N ALA A 333 11.25 20.63 -8.93
CA ALA A 333 11.36 19.56 -9.91
C ALA A 333 10.01 19.27 -10.53
N LEU A 334 8.99 19.22 -9.68
CA LEU A 334 7.64 18.95 -10.15
C LEU A 334 7.18 20.07 -11.07
N ALA A 335 7.37 21.30 -10.62
CA ALA A 335 6.97 22.46 -11.39
C ALA A 335 7.59 22.45 -12.81
N ASN A 336 8.87 22.12 -12.94
CA ASN A 336 9.50 22.09 -14.26
C ASN A 336 8.97 20.94 -15.12
N ARG A 337 8.59 19.83 -14.51
CA ARG A 337 8.05 18.71 -15.26
C ARG A 337 6.72 19.15 -15.84
N ALA A 338 5.84 19.64 -14.95
CA ALA A 338 4.51 20.11 -15.33
C ALA A 338 4.54 21.22 -16.39
N ALA A 339 5.45 22.18 -16.22
CA ALA A 339 5.55 23.25 -17.20
C ALA A 339 6.00 22.64 -18.52
N THR A 340 6.99 21.76 -18.47
CA THR A 340 7.46 21.12 -19.68
C THR A 340 6.34 20.29 -20.33
N THR A 341 5.49 19.70 -19.50
CA THR A 341 4.37 18.91 -20.01
C THR A 341 3.17 19.78 -20.44
N GLY A 342 3.20 21.08 -20.13
CA GLY A 342 2.11 21.97 -20.50
C GLY A 342 0.93 21.98 -19.54
N HIS A 343 1.14 21.52 -18.31
CA HIS A 343 0.07 21.47 -17.34
C HIS A 343 0.19 22.55 -16.27
N VAL A 344 -0.94 23.05 -15.82
CA VAL A 344 -0.95 24.08 -14.79
C VAL A 344 -1.16 23.49 -13.41
N ILE A 345 -0.49 24.08 -12.41
CA ILE A 345 -0.67 23.64 -11.04
C ILE A 345 -1.21 24.80 -10.21
N ASP A 346 -2.35 24.56 -9.57
CA ASP A 346 -2.96 25.56 -8.69
C ASP A 346 -2.83 25.03 -7.28
N ILE A 347 -2.61 25.93 -6.33
CA ILE A 347 -2.52 25.53 -4.93
C ILE A 347 -3.50 26.38 -4.13
N TYR A 348 -4.44 25.72 -3.46
CA TYR A 348 -5.41 26.41 -2.62
C TYR A 348 -5.08 25.91 -1.22
N ALA A 349 -4.47 26.79 -0.43
CA ALA A 349 -4.05 26.43 0.92
C ALA A 349 -4.81 27.18 2.02
N CYS A 350 -5.69 26.46 2.72
CA CYS A 350 -6.47 27.04 3.81
C CYS A 350 -6.17 26.32 5.13
N ALA A 351 -5.49 27.02 6.04
CA ALA A 351 -5.14 26.47 7.34
C ALA A 351 -4.93 27.63 8.31
N LEU A 352 -4.99 27.36 9.61
CA LEU A 352 -4.78 28.42 10.59
C LEU A 352 -3.31 28.81 10.67
N ASP A 353 -2.44 27.96 10.14
CA ASP A 353 -1.01 28.24 10.14
C ASP A 353 -0.43 27.97 8.75
N GLN A 354 0.85 28.29 8.55
CA GLN A 354 1.50 28.09 7.28
C GLN A 354 1.32 26.69 6.69
N THR A 355 1.14 26.64 5.37
CA THR A 355 0.91 25.39 4.65
C THR A 355 2.14 24.95 3.86
N GLY A 356 3.11 25.83 3.71
CA GLY A 356 4.30 25.46 2.97
C GLY A 356 4.36 26.10 1.60
N LEU A 357 3.58 27.18 1.43
CA LEU A 357 3.53 27.89 0.17
C LEU A 357 4.92 28.29 -0.33
N LEU A 358 5.79 28.71 0.58
CA LEU A 358 7.14 29.12 0.21
C LEU A 358 7.83 28.03 -0.63
N GLU A 359 7.77 26.80 -0.15
CA GLU A 359 8.41 25.67 -0.83
C GLU A 359 7.70 25.29 -2.11
N MET A 360 6.38 25.48 -2.12
CA MET A 360 5.58 25.10 -3.28
C MET A 360 5.32 26.21 -4.31
N LYS A 361 5.65 27.45 -3.97
CA LYS A 361 5.40 28.58 -4.87
C LYS A 361 5.78 28.39 -6.34
N CYS A 362 6.94 27.80 -6.60
CA CYS A 362 7.39 27.58 -7.98
C CYS A 362 6.37 26.85 -8.87
N CYS A 363 5.52 26.03 -8.26
CA CYS A 363 4.52 25.30 -9.04
C CYS A 363 3.55 26.25 -9.68
N PRO A 364 2.77 26.99 -8.88
CA PRO A 364 1.85 27.90 -9.55
C PRO A 364 2.62 29.07 -10.19
N ASN A 365 3.83 29.35 -9.70
CA ASN A 365 4.63 30.45 -10.23
C ASN A 365 5.17 30.12 -11.62
N LEU A 366 5.69 28.91 -11.81
CA LEU A 366 6.26 28.51 -13.10
C LEU A 366 5.23 28.16 -14.17
N THR A 367 4.13 27.55 -13.77
CA THR A 367 3.06 27.24 -14.70
C THR A 367 2.19 28.41 -14.29
N GLY A 368 1.29 28.90 -15.14
CA GLY A 368 0.52 30.06 -14.69
C GLY A 368 -0.54 29.79 -13.63
N GLY A 369 -0.31 28.82 -12.75
CA GLY A 369 -1.29 28.49 -11.74
C GLY A 369 -1.65 29.52 -10.69
N TYR A 370 -2.76 29.28 -10.00
CA TYR A 370 -3.24 30.18 -8.95
C TYR A 370 -2.68 29.84 -7.57
N MET A 371 -2.48 30.86 -6.74
CA MET A 371 -2.03 30.61 -5.38
C MET A 371 -3.08 31.28 -4.49
N VAL A 372 -3.79 30.46 -3.72
CA VAL A 372 -4.84 30.96 -2.85
C VAL A 372 -4.61 30.62 -1.38
N MET A 373 -4.56 31.66 -0.54
CA MET A 373 -4.35 31.50 0.90
C MET A 373 -5.67 31.71 1.64
N GLY A 374 -5.75 31.23 2.87
CA GLY A 374 -6.97 31.38 3.64
C GLY A 374 -6.88 30.75 5.00
N ASP A 375 -7.90 30.98 5.82
CA ASP A 375 -7.95 30.44 7.18
C ASP A 375 -8.56 29.05 7.16
N SER A 376 -9.65 28.90 6.40
CA SER A 376 -10.32 27.62 6.28
C SER A 376 -11.18 27.68 5.04
N PHE A 377 -11.39 26.53 4.40
CA PHE A 377 -12.22 26.50 3.21
C PHE A 377 -13.65 26.87 3.58
N ASN A 378 -13.92 26.84 4.89
CA ASN A 378 -15.24 27.17 5.38
C ASN A 378 -15.32 28.66 5.69
N THR A 379 -14.96 29.46 4.69
CA THR A 379 -15.01 30.92 4.80
C THR A 379 -15.50 31.49 3.47
N SER A 380 -16.18 32.62 3.53
CA SER A 380 -16.69 33.26 2.32
C SER A 380 -15.48 33.71 1.52
N LEU A 381 -14.39 33.97 2.24
CA LEU A 381 -13.14 34.41 1.62
C LEU A 381 -12.76 33.39 0.57
N PHE A 382 -12.67 32.14 0.99
CA PHE A 382 -12.29 31.07 0.07
C PHE A 382 -13.37 30.77 -0.96
N LYS A 383 -14.53 30.27 -0.49
CA LYS A 383 -15.60 29.90 -1.41
C LYS A 383 -15.76 30.87 -2.56
N GLN A 384 -15.77 32.16 -2.23
CA GLN A 384 -15.91 33.22 -3.23
C GLN A 384 -14.75 33.19 -4.21
N THR A 385 -13.54 33.23 -3.66
CA THR A 385 -12.34 33.22 -4.48
C THR A 385 -12.34 32.06 -5.45
N PHE A 386 -12.68 30.87 -4.95
CA PHE A 386 -12.68 29.67 -5.77
C PHE A 386 -13.63 29.70 -6.95
N GLN A 387 -14.84 30.21 -6.79
CA GLN A 387 -15.73 30.24 -7.95
C GLN A 387 -15.35 31.33 -8.93
N ARG A 388 -14.64 32.35 -8.46
CA ARG A 388 -14.23 33.41 -9.36
C ARG A 388 -13.20 32.80 -10.31
N VAL A 389 -12.63 31.67 -9.89
CA VAL A 389 -11.64 30.96 -10.70
C VAL A 389 -12.29 30.47 -11.98
N PHE A 390 -13.58 30.17 -11.91
CA PHE A 390 -14.34 29.65 -13.05
C PHE A 390 -15.25 30.64 -13.75
N THR A 391 -14.89 31.93 -13.68
CA THR A 391 -15.67 32.98 -14.32
C THR A 391 -15.82 32.66 -15.80
N LYS A 392 -17.02 32.90 -16.33
CA LYS A 392 -17.28 32.65 -17.72
C LYS A 392 -17.31 33.96 -18.51
N ASP A 393 -17.07 33.90 -19.82
CA ASP A 393 -17.14 35.12 -20.60
C ASP A 393 -18.55 35.25 -21.11
N MET A 394 -18.79 36.31 -21.89
CA MET A 394 -20.10 36.62 -22.46
C MET A 394 -20.71 35.46 -23.24
N HIS A 395 -19.91 34.42 -23.50
CA HIS A 395 -20.37 33.26 -24.26
C HIS A 395 -20.39 31.96 -23.46
N GLY A 396 -20.20 32.07 -22.14
CA GLY A 396 -20.22 30.89 -21.29
C GLY A 396 -18.99 30.01 -21.34
N GLN A 397 -17.84 30.60 -21.64
CA GLN A 397 -16.60 29.86 -21.71
C GLN A 397 -15.68 30.41 -20.64
N PHE A 398 -14.93 29.54 -19.98
CA PHE A 398 -14.01 29.97 -18.93
C PHE A 398 -13.03 30.99 -19.47
N LYS A 399 -12.76 32.03 -18.69
CA LYS A 399 -11.78 33.02 -19.10
C LYS A 399 -10.41 32.40 -18.80
N MET A 400 -10.19 31.23 -19.37
CA MET A 400 -8.94 30.49 -19.17
C MET A 400 -8.32 30.15 -20.51
N GLY A 401 -7.00 30.19 -20.55
CA GLY A 401 -6.26 29.86 -21.76
C GLY A 401 -5.25 28.82 -21.29
N PHE A 402 -4.81 27.94 -22.17
CA PHE A 402 -3.86 26.91 -21.76
C PHE A 402 -2.67 26.72 -22.68
N GLY A 403 -1.58 26.24 -22.09
CA GLY A 403 -0.36 25.96 -22.84
C GLY A 403 -0.02 26.98 -23.91
N GLY A 404 -0.04 28.24 -23.52
CA GLY A 404 0.27 29.28 -24.47
C GLY A 404 1.76 29.30 -24.74
N THR A 405 2.13 29.75 -25.93
CA THR A 405 3.53 29.89 -26.31
C THR A 405 3.65 31.35 -26.68
N LEU A 406 4.63 32.02 -26.10
CA LEU A 406 4.83 33.42 -26.40
C LEU A 406 6.16 33.62 -27.11
N GLU A 407 6.12 34.30 -28.25
CA GLU A 407 7.32 34.57 -29.01
C GLU A 407 7.32 36.08 -29.26
N ILE A 408 8.50 36.68 -29.20
CA ILE A 408 8.61 38.10 -29.40
C ILE A 408 9.68 38.48 -30.42
N LYS A 409 9.24 39.07 -31.52
CA LYS A 409 10.16 39.53 -32.56
C LYS A 409 10.41 41.02 -32.32
N THR A 410 11.63 41.46 -32.59
CA THR A 410 12.00 42.86 -32.41
C THR A 410 12.75 43.34 -33.64
N SER A 411 12.81 44.64 -33.85
CA SER A 411 13.54 45.19 -34.99
C SER A 411 15.00 44.92 -34.76
N ARG A 412 15.79 44.96 -35.82
CA ARG A 412 17.20 44.66 -35.67
C ARG A 412 17.97 45.57 -34.72
N GLU A 413 17.48 46.78 -34.49
CA GLU A 413 18.17 47.68 -33.57
C GLU A 413 17.87 47.35 -32.10
N ILE A 414 16.96 46.40 -31.88
CA ILE A 414 16.58 46.02 -30.52
C ILE A 414 16.80 44.54 -30.22
N LYS A 415 17.00 44.24 -28.94
CA LYS A 415 17.19 42.87 -28.49
C LYS A 415 16.44 42.60 -27.18
N ILE A 416 16.09 41.33 -26.96
CA ILE A 416 15.37 40.91 -25.77
C ILE A 416 16.32 40.52 -24.65
N SER A 417 16.17 41.13 -23.48
CA SER A 417 17.01 40.83 -22.32
C SER A 417 16.39 39.63 -21.61
N GLY A 418 15.09 39.67 -21.42
CA GLY A 418 14.40 38.57 -20.76
C GLY A 418 13.01 38.96 -20.30
N ALA A 419 12.38 38.05 -19.55
CA ALA A 419 11.04 38.28 -19.04
C ALA A 419 10.95 37.97 -17.57
N ILE A 420 10.02 38.63 -16.88
CA ILE A 420 9.77 38.37 -15.46
C ILE A 420 8.27 38.25 -15.28
N GLY A 421 7.85 37.08 -14.81
CA GLY A 421 6.43 36.82 -14.59
C GLY A 421 6.13 35.34 -14.76
N PRO A 422 4.84 34.95 -14.74
CA PRO A 422 4.47 33.53 -14.89
C PRO A 422 4.87 32.99 -16.25
N CYS A 423 5.93 32.19 -16.26
CA CYS A 423 6.41 31.63 -17.50
C CYS A 423 7.61 30.70 -17.29
N VAL A 424 8.05 30.10 -18.37
CA VAL A 424 9.18 29.21 -18.40
C VAL A 424 9.85 29.44 -19.75
N SER A 425 11.17 29.56 -19.76
CA SER A 425 11.93 29.76 -21.01
C SER A 425 11.89 28.53 -21.91
N LEU A 426 11.72 28.74 -23.20
CA LEU A 426 11.71 27.63 -24.16
C LEU A 426 13.10 27.58 -24.76
N ASN A 427 13.95 28.47 -24.27
CA ASN A 427 15.33 28.58 -24.70
C ASN A 427 15.47 28.59 -26.22
N SER A 428 14.66 29.39 -26.89
CA SER A 428 14.70 29.50 -28.34
C SER A 428 15.60 30.65 -28.68
N LYS A 429 16.79 30.33 -29.17
CA LYS A 429 17.75 31.34 -29.54
C LYS A 429 17.33 32.06 -30.83
N GLY A 430 18.09 33.06 -31.24
CA GLY A 430 17.73 33.77 -32.44
C GLY A 430 18.40 35.13 -32.49
N PRO A 431 18.22 35.89 -33.57
CA PRO A 431 18.83 37.21 -33.68
C PRO A 431 18.28 38.21 -32.68
N CYS A 432 17.04 37.98 -32.24
CA CYS A 432 16.40 38.89 -31.29
C CYS A 432 16.87 38.76 -29.87
N VAL A 433 17.47 37.63 -29.52
CA VAL A 433 17.93 37.47 -28.15
C VAL A 433 19.22 38.22 -27.90
N SER A 434 19.37 38.72 -26.67
CA SER A 434 20.54 39.47 -26.25
C SER A 434 21.42 38.58 -25.39
N GLU A 435 22.72 38.90 -25.39
CA GLU A 435 23.67 38.16 -24.60
C GLU A 435 23.46 38.51 -23.15
N ASN A 436 23.38 39.81 -22.86
CA ASN A 436 23.15 40.27 -21.49
C ASN A 436 21.68 40.00 -21.17
N GLU A 437 21.41 38.92 -20.46
CA GLU A 437 20.02 38.60 -20.15
C GLU A 437 19.52 39.01 -18.78
N ILE A 438 18.22 39.27 -18.72
CA ILE A 438 17.52 39.69 -17.52
C ILE A 438 16.39 38.72 -17.19
N GLY A 439 16.20 38.46 -15.90
CA GLY A 439 15.14 37.56 -15.47
C GLY A 439 15.21 36.25 -16.23
N THR A 440 14.09 35.85 -16.83
CA THR A 440 14.06 34.62 -17.61
C THR A 440 14.47 35.02 -19.02
N GLY A 441 15.78 34.95 -19.27
CA GLY A 441 16.31 35.34 -20.57
C GLY A 441 16.91 34.23 -21.43
N GLY A 442 17.67 34.65 -22.43
CA GLY A 442 18.30 33.70 -23.33
C GLY A 442 17.27 33.02 -24.22
N THR A 443 16.25 33.76 -24.63
CA THR A 443 15.21 33.20 -25.46
C THR A 443 14.33 34.28 -26.06
N CYS A 444 13.56 33.92 -27.07
CA CYS A 444 12.61 34.81 -27.71
C CYS A 444 11.25 34.10 -27.62
N GLN A 445 11.24 33.03 -26.82
CA GLN A 445 10.05 32.21 -26.62
C GLN A 445 9.91 31.75 -25.17
N TRP A 446 8.69 31.84 -24.64
CA TRP A 446 8.40 31.41 -23.29
C TRP A 446 7.11 30.60 -23.33
N LYS A 447 6.95 29.70 -22.36
CA LYS A 447 5.74 28.92 -22.29
C LYS A 447 4.97 29.36 -21.05
N ILE A 448 3.68 29.63 -21.23
CA ILE A 448 2.79 30.05 -20.14
C ILE A 448 1.62 29.06 -20.12
N CYS A 449 1.77 27.96 -19.40
CA CYS A 449 0.77 26.91 -19.32
C CYS A 449 -0.61 27.34 -18.92
N GLY A 450 -0.67 28.33 -18.03
CA GLY A 450 -1.94 28.84 -17.56
C GLY A 450 -1.98 30.34 -17.72
N LEU A 451 -2.99 30.86 -18.43
CA LEU A 451 -3.11 32.31 -18.57
C LEU A 451 -4.55 32.77 -18.65
N SER A 452 -4.75 34.02 -18.21
CA SER A 452 -6.06 34.63 -18.18
C SER A 452 -6.01 35.95 -18.89
N PRO A 453 -7.14 36.67 -18.93
CA PRO A 453 -7.17 37.97 -19.60
C PRO A 453 -6.39 38.98 -18.77
N THR A 454 -5.97 38.56 -17.57
CA THR A 454 -5.21 39.42 -16.67
C THR A 454 -3.70 39.23 -16.69
N THR A 455 -3.27 38.01 -16.98
CA THR A 455 -1.85 37.68 -17.00
C THR A 455 -1.00 38.74 -17.70
N THR A 456 -0.01 39.24 -16.98
CA THR A 456 0.86 40.29 -17.50
C THR A 456 2.31 39.92 -17.24
N LEU A 457 3.17 40.16 -18.23
CA LEU A 457 4.59 39.87 -18.12
C LEU A 457 5.40 41.13 -18.33
N ALA A 458 6.61 41.15 -17.81
CA ALA A 458 7.52 42.28 -17.99
C ALA A 458 8.60 41.77 -18.94
N ILE A 459 8.71 42.41 -20.09
CA ILE A 459 9.71 42.05 -21.07
C ILE A 459 10.71 43.19 -21.08
N TYR A 460 11.98 42.88 -20.87
CA TYR A 460 12.98 43.93 -20.88
C TYR A 460 13.75 43.91 -22.17
N PHE A 461 13.97 45.09 -22.73
CA PHE A 461 14.68 45.20 -23.99
C PHE A 461 16.02 45.90 -23.84
N GLU A 462 16.78 45.87 -24.93
CA GLU A 462 18.13 46.44 -24.96
C GLU A 462 18.36 47.00 -26.35
N VAL A 463 18.85 48.24 -26.42
CA VAL A 463 19.12 48.83 -27.72
C VAL A 463 20.53 48.45 -28.15
N VAL A 464 20.78 48.43 -29.46
CA VAL A 464 22.10 48.08 -29.96
C VAL A 464 22.71 49.17 -30.86
N GLY A 475 11.49 57.30 -38.83
CA GLY A 475 12.12 56.06 -38.41
C GLY A 475 11.55 55.52 -37.12
N ARG A 476 11.13 54.26 -37.14
CA ARG A 476 10.53 53.64 -35.96
C ARG A 476 11.11 52.27 -35.67
N GLY A 477 11.09 51.91 -34.40
CA GLY A 477 11.53 50.59 -34.00
C GLY A 477 10.22 49.83 -33.85
N ALA A 478 10.26 48.51 -33.94
CA ALA A 478 9.02 47.74 -33.79
C ALA A 478 9.19 46.43 -33.02
N ILE A 479 8.12 46.01 -32.36
CA ILE A 479 8.13 44.78 -31.60
C ILE A 479 6.80 44.06 -31.84
N GLN A 480 6.86 42.74 -31.99
CA GLN A 480 5.67 41.94 -32.21
C GLN A 480 5.56 40.83 -31.17
N PHE A 481 4.37 40.63 -30.63
CA PHE A 481 4.15 39.58 -29.63
C PHE A 481 3.18 38.54 -30.23
N VAL A 482 3.59 37.28 -30.29
CA VAL A 482 2.71 36.23 -30.83
C VAL A 482 2.39 35.17 -29.78
N THR A 483 1.14 35.13 -29.34
CA THR A 483 0.72 34.19 -28.31
C THR A 483 -0.24 33.12 -28.81
N GLN A 484 0.24 31.88 -28.86
CA GLN A 484 -0.56 30.74 -29.28
C GLN A 484 -1.01 30.02 -28.02
N TYR A 485 -2.29 29.69 -27.94
CA TYR A 485 -2.78 29.00 -26.76
C TYR A 485 -4.04 28.25 -27.08
N GLN A 486 -4.47 27.43 -26.13
CA GLN A 486 -5.68 26.64 -26.27
C GLN A 486 -6.76 27.35 -25.48
N HIS A 487 -7.74 27.92 -26.19
CA HIS A 487 -8.85 28.62 -25.57
C HIS A 487 -9.70 27.58 -24.85
N SER A 488 -10.37 27.97 -23.77
CA SER A 488 -11.22 27.04 -23.01
C SER A 488 -12.28 26.33 -23.85
N SER A 489 -12.52 26.83 -25.05
CA SER A 489 -13.52 26.26 -25.95
C SER A 489 -12.95 25.07 -26.71
N GLY A 490 -11.66 24.85 -26.57
CA GLY A 490 -11.01 23.75 -27.28
C GLY A 490 -10.38 24.30 -28.54
N GLN A 491 -10.81 25.50 -28.92
CA GLN A 491 -10.33 26.19 -30.10
C GLN A 491 -8.86 26.59 -29.94
N ARG A 492 -8.02 26.21 -30.90
CA ARG A 492 -6.63 26.59 -30.86
C ARG A 492 -6.59 28.03 -31.37
N ARG A 493 -5.73 28.89 -30.81
CA ARG A 493 -5.67 30.28 -31.25
C ARG A 493 -4.32 30.95 -31.14
N ILE A 494 -4.17 32.00 -31.95
CA ILE A 494 -2.95 32.79 -31.99
C ILE A 494 -3.32 34.25 -31.86
N ARG A 495 -2.81 34.88 -30.81
CA ARG A 495 -3.08 36.29 -30.56
C ARG A 495 -1.83 37.02 -31.02
N VAL A 496 -2.00 38.05 -31.85
CA VAL A 496 -0.88 38.82 -32.39
C VAL A 496 -0.96 40.31 -32.11
N THR A 497 0.14 40.88 -31.60
CA THR A 497 0.21 42.31 -31.29
C THR A 497 1.52 42.90 -31.85
N THR A 498 1.40 43.89 -32.71
CA THR A 498 2.58 44.49 -33.30
C THR A 498 2.60 45.97 -32.96
N ILE A 499 3.68 46.42 -32.32
CA ILE A 499 3.75 47.82 -31.95
C ILE A 499 5.02 48.46 -32.50
N ALA A 500 4.95 49.77 -32.66
CA ALA A 500 6.07 50.54 -33.16
C ALA A 500 6.11 51.87 -32.42
N ARG A 501 7.28 52.23 -31.92
CA ARG A 501 7.49 53.48 -31.21
C ARG A 501 8.57 54.23 -31.99
N ASN A 502 8.61 55.55 -31.89
CA ASN A 502 9.61 56.32 -32.62
C ASN A 502 11.02 56.34 -32.05
N TRP A 503 12.00 56.26 -32.94
CA TRP A 503 13.41 56.31 -32.59
C TRP A 503 13.73 57.79 -32.38
N ALA A 504 14.67 58.08 -31.49
CA ALA A 504 15.02 59.47 -31.23
C ALA A 504 16.51 59.69 -31.00
N ASP A 505 17.01 60.82 -31.49
CA ASP A 505 18.41 61.23 -31.36
C ASP A 505 18.54 61.88 -29.98
N ALA A 506 19.11 61.17 -29.01
CA ALA A 506 19.24 61.70 -27.66
C ALA A 506 20.09 62.96 -27.53
N GLN A 507 20.94 63.23 -28.51
CA GLN A 507 21.79 64.41 -28.47
C GLN A 507 21.06 65.60 -29.11
N THR A 508 19.83 65.37 -29.54
CA THR A 508 19.03 66.41 -30.17
C THR A 508 17.56 66.26 -29.81
N GLN A 509 17.25 65.23 -29.03
CA GLN A 509 15.86 64.98 -28.68
C GLN A 509 15.59 64.58 -27.23
N ILE A 510 16.60 64.64 -26.37
CA ILE A 510 16.40 64.25 -24.97
C ILE A 510 15.00 64.60 -24.48
N GLN A 511 14.50 65.75 -24.93
CA GLN A 511 13.17 66.23 -24.56
C GLN A 511 12.10 65.27 -25.05
N ASN A 512 12.06 65.04 -26.37
CA ASN A 512 11.09 64.15 -26.95
C ASN A 512 11.10 62.77 -26.28
N ILE A 513 12.25 62.40 -25.72
CA ILE A 513 12.41 61.12 -25.02
C ILE A 513 11.86 61.20 -23.60
N ALA A 514 12.33 62.18 -22.86
CA ALA A 514 11.91 62.34 -21.48
C ALA A 514 10.41 62.58 -21.37
N ALA A 515 9.81 63.14 -22.41
CA ALA A 515 8.38 63.40 -22.37
C ALA A 515 7.59 62.10 -22.56
N SER A 516 8.24 61.08 -23.11
CA SER A 516 7.58 59.80 -23.36
C SER A 516 7.64 58.86 -22.17
N PHE A 517 8.29 59.29 -21.10
CA PHE A 517 8.42 58.47 -19.91
C PHE A 517 7.05 58.14 -19.33
N ASP A 518 6.90 56.91 -18.87
CA ASP A 518 5.67 56.43 -18.25
C ASP A 518 6.10 56.07 -16.82
N GLN A 519 5.94 57.00 -15.90
CA GLN A 519 6.37 56.77 -14.52
C GLN A 519 5.69 55.60 -13.83
N GLU A 520 4.40 55.39 -14.07
CA GLU A 520 3.68 54.27 -13.46
C GLU A 520 4.26 52.95 -13.97
N ALA A 521 4.41 52.84 -15.29
CA ALA A 521 4.98 51.63 -15.88
C ALA A 521 6.40 51.40 -15.38
N ALA A 522 7.24 52.42 -15.53
CA ALA A 522 8.64 52.35 -15.09
C ALA A 522 8.69 51.89 -13.65
N ALA A 523 7.83 52.49 -12.83
CA ALA A 523 7.77 52.15 -11.43
C ALA A 523 7.63 50.65 -11.27
N ILE A 524 6.59 50.08 -11.87
CA ILE A 524 6.33 48.64 -11.78
C ILE A 524 7.42 47.79 -12.44
N LEU A 525 7.85 48.16 -13.64
CA LEU A 525 8.88 47.39 -14.31
C LEU A 525 10.11 47.29 -13.41
N MET A 526 10.47 48.40 -12.77
CA MET A 526 11.62 48.43 -11.87
C MET A 526 11.39 47.59 -10.62
N ALA A 527 10.17 47.65 -10.08
CA ALA A 527 9.79 46.90 -8.89
C ALA A 527 9.86 45.42 -9.21
N ARG A 528 9.54 45.08 -10.44
CA ARG A 528 9.55 43.70 -10.89
C ARG A 528 11.01 43.20 -10.94
N LEU A 529 11.95 44.07 -11.33
CA LEU A 529 13.36 43.70 -11.36
C LEU A 529 13.92 43.61 -9.95
N ALA A 530 13.46 44.50 -9.07
CA ALA A 530 13.93 44.53 -7.68
C ALA A 530 13.48 43.26 -6.96
N ILE A 531 12.18 42.98 -7.07
CA ILE A 531 11.61 41.80 -6.44
C ILE A 531 12.23 40.51 -7.02
N TYR A 532 12.50 40.49 -8.32
CA TYR A 532 13.10 39.29 -8.91
C TYR A 532 14.45 39.02 -8.26
N ARG A 533 15.23 40.08 -8.04
CA ARG A 533 16.54 39.97 -7.40
C ARG A 533 16.41 39.51 -5.95
N ALA A 534 15.45 40.07 -5.24
CA ALA A 534 15.21 39.74 -3.84
C ALA A 534 15.09 38.25 -3.58
N GLU A 535 14.81 37.48 -4.64
CA GLU A 535 14.68 36.02 -4.54
C GLU A 535 16.07 35.43 -4.77
N THR A 536 16.68 35.87 -5.86
CA THR A 536 18.01 35.46 -6.28
C THR A 536 18.98 35.58 -5.10
N GLU A 537 20.17 35.03 -5.28
CA GLU A 537 21.22 35.06 -4.26
C GLU A 537 21.42 36.44 -3.64
N GLU A 538 20.72 37.45 -4.16
CA GLU A 538 20.87 38.82 -3.68
C GLU A 538 20.08 39.20 -2.42
N GLY A 539 20.79 39.81 -1.47
CA GLY A 539 20.18 40.23 -0.22
C GLY A 539 19.77 41.68 -0.25
N PRO A 540 19.69 42.36 0.91
CA PRO A 540 19.30 43.78 1.07
C PRO A 540 20.01 44.81 0.19
N ASP A 541 20.83 44.35 -0.74
CA ASP A 541 21.52 45.26 -1.65
C ASP A 541 20.49 45.72 -2.67
N VAL A 542 19.29 45.18 -2.54
CA VAL A 542 18.18 45.52 -3.42
C VAL A 542 17.84 46.99 -3.19
N LEU A 543 17.50 47.34 -1.95
CA LEU A 543 17.16 48.70 -1.60
C LEU A 543 18.26 49.61 -2.11
N ARG A 544 19.48 49.14 -1.96
CA ARG A 544 20.67 49.87 -2.37
C ARG A 544 20.63 50.23 -3.86
N TRP A 545 20.54 49.21 -4.71
CA TRP A 545 20.48 49.37 -6.18
C TRP A 545 19.27 50.19 -6.59
N LEU A 546 18.16 49.88 -5.94
CA LEU A 546 16.89 50.54 -6.20
C LEU A 546 17.05 52.04 -5.99
N ASP A 547 17.70 52.40 -4.87
CA ASP A 547 17.92 53.80 -4.55
C ASP A 547 18.94 54.46 -5.46
N ARG A 548 19.99 53.71 -5.83
CA ARG A 548 21.01 54.24 -6.71
C ARG A 548 20.39 54.70 -8.04
N GLN A 549 19.43 53.91 -8.53
CA GLN A 549 18.76 54.22 -9.79
C GLN A 549 17.85 55.43 -9.67
N LEU A 550 17.13 55.53 -8.56
CA LEU A 550 16.25 56.67 -8.33
C LEU A 550 17.08 57.94 -8.43
N ILE A 551 18.21 57.94 -7.71
CA ILE A 551 19.12 59.08 -7.72
C ILE A 551 19.59 59.41 -9.14
N ARG A 552 20.01 58.38 -9.88
CA ARG A 552 20.47 58.57 -11.26
C ARG A 552 19.39 59.16 -12.15
N LEU A 553 18.14 58.73 -11.96
CA LEU A 553 17.04 59.24 -12.77
C LEU A 553 16.76 60.70 -12.41
N CYS A 554 16.87 61.00 -11.13
CA CYS A 554 16.66 62.37 -10.66
C CYS A 554 17.73 63.24 -11.31
N GLN A 555 18.97 62.78 -11.21
CA GLN A 555 20.10 63.50 -11.79
C GLN A 555 19.97 63.73 -13.29
N LYS A 556 19.47 62.74 -14.03
CA LYS A 556 19.34 62.95 -15.47
C LYS A 556 18.08 63.68 -15.95
N PHE A 557 16.97 63.57 -15.23
CA PHE A 557 15.77 64.23 -15.69
C PHE A 557 15.17 65.31 -14.81
N GLY A 558 15.80 65.57 -13.67
CA GLY A 558 15.29 66.61 -12.78
C GLY A 558 15.83 68.01 -13.05
N GLU A 559 15.00 69.02 -12.78
CA GLU A 559 15.41 70.42 -12.96
C GLU A 559 16.16 70.84 -11.70
N TYR A 560 17.30 71.50 -11.85
CA TYR A 560 18.07 71.93 -10.69
C TYR A 560 19.44 72.56 -10.96
N HIS A 561 19.96 73.26 -9.94
CA HIS A 561 21.27 73.91 -9.99
C HIS A 561 22.13 73.07 -9.05
N LYS A 562 23.34 72.73 -9.48
CA LYS A 562 24.22 71.90 -8.65
C LYS A 562 24.35 72.38 -7.21
N ASP A 563 24.29 71.42 -6.29
CA ASP A 563 24.42 71.67 -4.86
C ASP A 563 23.41 72.67 -4.33
N ASP A 564 22.15 72.46 -4.66
CA ASP A 564 21.10 73.35 -4.21
C ASP A 564 19.79 72.57 -4.07
N PRO A 565 19.72 71.63 -3.12
CA PRO A 565 18.52 70.82 -2.89
C PRO A 565 17.23 71.58 -3.22
N SER A 566 16.95 72.62 -2.47
CA SER A 566 15.74 73.41 -2.65
C SER A 566 15.35 73.67 -4.10
N SER A 567 16.34 73.72 -5.00
CA SER A 567 16.03 74.00 -6.41
C SER A 567 15.46 72.80 -7.17
N PHE A 568 15.66 71.59 -6.64
CA PHE A 568 15.19 70.39 -7.31
C PHE A 568 13.69 70.30 -7.50
N ARG A 569 13.27 70.08 -8.75
CA ARG A 569 11.86 69.95 -9.08
C ARG A 569 11.68 69.03 -10.28
N PHE A 570 10.74 68.10 -10.19
CA PHE A 570 10.50 67.16 -11.27
C PHE A 570 9.34 67.60 -12.15
N SER A 571 9.44 67.25 -13.44
CA SER A 571 8.41 67.54 -14.42
C SER A 571 7.22 66.73 -13.93
N GLU A 572 6.02 67.07 -14.37
CA GLU A 572 4.86 66.32 -13.92
C GLU A 572 4.91 64.89 -14.49
N THR A 573 5.82 64.71 -15.45
CA THR A 573 6.01 63.43 -16.11
C THR A 573 6.81 62.48 -15.20
N PHE A 574 7.53 63.04 -14.22
CA PHE A 574 8.34 62.25 -13.29
C PHE A 574 7.98 62.39 -11.80
N SER A 575 7.40 63.54 -11.45
CA SER A 575 7.04 63.85 -10.06
C SER A 575 6.56 62.71 -9.14
N LEU A 576 5.80 61.77 -9.69
CA LEU A 576 5.27 60.66 -8.88
C LEU A 576 6.21 59.46 -8.70
N TYR A 577 7.22 59.35 -9.56
CA TYR A 577 8.16 58.23 -9.49
C TYR A 577 8.86 58.12 -8.14
N PRO A 578 9.36 59.25 -7.60
CA PRO A 578 10.03 59.20 -6.30
C PRO A 578 9.14 58.64 -5.21
N GLN A 579 7.86 59.02 -5.24
CA GLN A 579 6.89 58.55 -4.27
C GLN A 579 6.62 57.05 -4.44
N PHE A 580 6.58 56.59 -5.69
CA PHE A 580 6.34 55.19 -5.95
C PHE A 580 7.46 54.37 -5.32
N MET A 581 8.68 54.86 -5.47
CA MET A 581 9.84 54.17 -4.91
C MET A 581 9.72 54.17 -3.40
N PHE A 582 9.39 55.32 -2.83
CA PHE A 582 9.25 55.42 -1.39
C PHE A 582 8.38 54.30 -0.84
N HIS A 583 7.23 54.07 -1.48
CA HIS A 583 6.31 53.02 -1.06
C HIS A 583 6.75 51.60 -1.41
N LEU A 584 7.54 51.46 -2.48
CA LEU A 584 8.03 50.16 -2.89
C LEU A 584 9.06 49.66 -1.89
N ARG A 585 10.13 50.43 -1.72
CA ARG A 585 11.19 50.02 -0.82
C ARG A 585 10.73 49.69 0.60
N ARG A 586 9.59 50.22 1.03
CA ARG A 586 9.09 49.94 2.38
C ARG A 586 7.98 48.89 2.39
N SER A 587 7.70 48.30 1.22
CA SER A 587 6.62 47.32 1.10
C SER A 587 6.96 45.89 1.49
N SER A 588 5.92 45.17 1.89
CA SER A 588 6.06 43.77 2.29
C SER A 588 6.79 43.01 1.18
N PHE A 589 6.77 43.55 -0.04
CA PHE A 589 7.44 42.93 -1.18
C PHE A 589 8.95 42.89 -1.08
N LEU A 590 9.51 43.70 -0.18
CA LEU A 590 10.96 43.73 0.01
C LEU A 590 11.33 43.69 1.48
N GLN A 591 10.32 43.80 2.35
CA GLN A 591 10.53 43.76 3.79
C GLN A 591 9.65 42.62 4.30
N VAL A 592 10.16 41.41 4.11
CA VAL A 592 9.45 40.20 4.48
C VAL A 592 9.35 39.93 5.99
N PHE A 593 10.34 40.39 6.75
CA PHE A 593 10.39 40.16 8.19
C PHE A 593 9.17 40.46 9.07
N ASN A 594 8.08 40.95 8.50
CA ASN A 594 6.91 41.22 9.31
C ASN A 594 5.76 40.28 8.91
N ASN A 595 6.04 39.44 7.93
CA ASN A 595 5.07 38.48 7.44
C ASN A 595 5.71 37.09 7.49
N SER A 596 4.91 36.04 7.34
CA SER A 596 5.46 34.70 7.34
C SER A 596 5.99 34.44 5.94
N PRO A 597 6.96 33.53 5.79
CA PRO A 597 7.50 33.23 4.46
C PRO A 597 6.39 32.90 3.46
N ASP A 598 5.33 32.26 3.94
CA ASP A 598 4.22 31.91 3.08
C ASP A 598 3.57 33.17 2.52
N GLU A 599 3.13 34.07 3.40
CA GLU A 599 2.50 35.32 2.97
C GLU A 599 3.38 36.06 1.98
N SER A 600 4.66 36.17 2.30
CA SER A 600 5.61 36.85 1.43
C SER A 600 5.54 36.27 0.02
N SER A 601 5.54 34.95 -0.06
CA SER A 601 5.50 34.26 -1.34
C SER A 601 4.17 34.56 -2.03
N TYR A 602 3.12 34.67 -1.22
CA TYR A 602 1.78 34.95 -1.71
C TYR A 602 1.67 36.33 -2.35
N TYR A 603 2.17 37.34 -1.65
CA TYR A 603 2.12 38.70 -2.16
C TYR A 603 2.91 38.81 -3.45
N ARG A 604 4.13 38.31 -3.43
CA ARG A 604 5.00 38.35 -4.60
C ARG A 604 4.36 37.63 -5.78
N HIS A 605 3.80 36.46 -5.49
CA HIS A 605 3.12 35.68 -6.50
C HIS A 605 2.15 36.55 -7.29
N HIS A 606 1.22 37.18 -6.57
CA HIS A 606 0.22 38.02 -7.21
C HIS A 606 0.76 39.27 -7.89
N PHE A 607 1.75 39.91 -7.28
CA PHE A 607 2.32 41.12 -7.84
C PHE A 607 3.00 40.91 -9.18
N MET A 608 3.72 39.79 -9.32
CA MET A 608 4.45 39.48 -10.53
C MET A 608 3.56 38.99 -11.67
N ARG A 609 2.25 39.05 -11.44
CA ARG A 609 1.23 38.59 -12.40
C ARG A 609 0.41 39.76 -12.93
N GLN A 610 0.12 40.67 -12.00
CA GLN A 610 -0.72 41.84 -12.25
C GLN A 610 -0.40 42.79 -13.37
N ASP A 611 -1.46 43.49 -13.81
CA ASP A 611 -1.35 44.49 -14.86
C ASP A 611 -0.89 45.76 -14.17
N LEU A 612 -0.69 46.83 -14.93
CA LEU A 612 -0.23 48.07 -14.32
C LEU A 612 -1.12 48.54 -13.18
N THR A 613 -2.38 48.80 -13.51
CA THR A 613 -3.37 49.27 -12.56
C THR A 613 -3.33 48.59 -11.19
N GLN A 614 -3.61 47.29 -11.16
CA GLN A 614 -3.60 46.57 -9.89
C GLN A 614 -2.22 46.60 -9.23
N SER A 615 -1.18 46.59 -10.05
CA SER A 615 0.19 46.61 -9.51
C SER A 615 0.44 47.85 -8.66
N LEU A 616 0.01 49.01 -9.17
CA LEU A 616 0.20 50.27 -8.46
C LEU A 616 -0.45 50.24 -7.08
N ILE A 617 -1.68 49.75 -7.03
CA ILE A 617 -2.41 49.66 -5.77
C ILE A 617 -1.64 48.78 -4.83
N MET A 618 -1.01 47.74 -5.37
CA MET A 618 -0.23 46.85 -4.52
C MET A 618 0.96 47.60 -3.92
N ILE A 619 1.71 48.30 -4.77
CA ILE A 619 2.89 49.03 -4.32
C ILE A 619 2.54 50.25 -3.46
N GLN A 620 1.52 50.99 -3.87
CA GLN A 620 1.09 52.19 -3.15
C GLN A 620 -0.42 52.18 -2.96
N PRO A 621 -0.88 51.72 -1.78
CA PRO A 621 -2.31 51.65 -1.48
C PRO A 621 -3.06 52.96 -1.69
N ILE A 622 -4.30 52.83 -2.12
CA ILE A 622 -5.15 53.98 -2.35
C ILE A 622 -5.90 54.26 -1.06
N LEU A 623 -6.09 55.54 -0.77
CA LEU A 623 -6.80 55.95 0.43
C LEU A 623 -7.88 56.95 0.05
N TYR A 624 -9.14 56.62 0.31
CA TYR A 624 -10.23 57.55 0.01
C TYR A 624 -10.84 58.01 1.32
N ALA A 625 -11.22 59.28 1.39
CA ALA A 625 -11.84 59.84 2.58
C ALA A 625 -13.29 60.18 2.28
N TYR A 626 -14.16 59.93 3.26
CA TYR A 626 -15.59 60.22 3.13
C TYR A 626 -15.98 61.18 4.25
N SER A 627 -16.80 62.18 3.94
CA SER A 627 -17.23 63.16 4.94
C SER A 627 -18.46 63.91 4.46
N PHE A 628 -19.15 64.55 5.42
CA PHE A 628 -20.35 65.31 5.09
C PHE A 628 -20.04 66.47 4.16
N SER A 629 -18.82 66.97 4.22
CA SER A 629 -18.43 68.11 3.39
C SER A 629 -17.81 67.75 2.06
N GLY A 630 -18.59 67.15 1.17
CA GLY A 630 -18.08 66.80 -0.14
C GLY A 630 -18.07 65.30 -0.45
N PRO A 631 -18.05 64.92 -1.74
CA PRO A 631 -18.04 63.52 -2.17
C PRO A 631 -16.69 62.85 -1.87
N PRO A 632 -16.66 61.50 -1.88
CA PRO A 632 -15.43 60.76 -1.60
C PRO A 632 -14.28 61.23 -2.51
N GLU A 633 -13.09 61.40 -1.93
CA GLU A 633 -11.95 61.86 -2.71
C GLU A 633 -10.65 61.22 -2.25
N PRO A 634 -9.85 60.70 -3.19
CA PRO A 634 -8.58 60.07 -2.83
C PRO A 634 -7.76 61.07 -2.03
N VAL A 635 -7.04 60.59 -1.03
CA VAL A 635 -6.23 61.44 -0.16
C VAL A 635 -4.85 60.82 0.08
N LEU A 636 -3.88 61.63 0.48
CA LEU A 636 -2.54 61.14 0.72
C LEU A 636 -2.51 59.94 1.68
N LEU A 637 -1.56 59.04 1.45
CA LEU A 637 -1.38 57.85 2.29
C LEU A 637 -0.58 58.34 3.48
N ASP A 638 -1.06 59.40 4.10
CA ASP A 638 -0.38 60.01 5.23
C ASP A 638 -1.25 60.03 6.49
N SER A 639 -0.62 60.26 7.65
CA SER A 639 -1.34 60.34 8.90
C SER A 639 -2.19 61.61 8.84
N SER A 640 -1.67 62.62 8.16
CA SER A 640 -2.35 63.90 8.01
C SER A 640 -3.75 63.69 7.47
N SER A 641 -3.93 62.59 6.74
CA SER A 641 -5.23 62.30 6.17
C SER A 641 -6.23 61.74 7.18
N ILE A 642 -5.72 61.19 8.28
CA ILE A 642 -6.58 60.63 9.32
C ILE A 642 -7.16 61.75 10.18
N LEU A 643 -8.44 62.04 9.97
CA LEU A 643 -9.11 63.11 10.70
C LEU A 643 -10.34 62.60 11.46
N ALA A 644 -10.62 63.24 12.59
CA ALA A 644 -11.74 62.85 13.45
C ALA A 644 -13.12 62.78 12.80
N ASP A 645 -13.41 63.68 11.87
CA ASP A 645 -14.72 63.71 11.21
C ASP A 645 -14.69 63.07 9.83
N ARG A 646 -13.77 62.15 9.60
CA ARG A 646 -13.65 61.55 8.29
C ARG A 646 -13.58 60.02 8.31
N ILE A 647 -14.21 59.38 7.34
CA ILE A 647 -14.15 57.93 7.24
C ILE A 647 -13.15 57.60 6.15
N LEU A 648 -12.29 56.62 6.40
CA LEU A 648 -11.29 56.23 5.42
C LEU A 648 -11.49 54.82 4.86
N LEU A 649 -11.27 54.68 3.57
CA LEU A 649 -11.36 53.40 2.89
C LEU A 649 -9.98 53.21 2.27
N MET A 650 -9.21 52.29 2.83
CA MET A 650 -7.87 52.04 2.31
C MET A 650 -7.88 50.75 1.51
N ASP A 651 -7.56 50.88 0.23
CA ASP A 651 -7.54 49.72 -0.65
C ASP A 651 -6.12 49.31 -0.97
N THR A 652 -5.63 48.34 -0.22
CA THR A 652 -4.32 47.78 -0.48
C THR A 652 -4.86 46.77 -1.49
N PHE A 653 -4.05 46.00 -2.19
CA PHE A 653 -4.73 45.10 -3.13
C PHE A 653 -5.35 43.89 -2.41
N PHE A 654 -4.61 43.38 -1.44
CA PHE A 654 -5.00 42.21 -0.68
C PHE A 654 -6.08 42.39 0.39
N GLN A 655 -6.31 43.63 0.84
CA GLN A 655 -7.35 43.88 1.81
C GLN A 655 -8.05 45.21 1.62
N ILE A 656 -9.27 45.28 2.12
CA ILE A 656 -10.07 46.49 2.06
C ILE A 656 -10.36 46.87 3.50
N LEU A 657 -9.86 48.03 3.92
CA LEU A 657 -10.07 48.49 5.28
C LEU A 657 -10.86 49.79 5.32
N ILE A 658 -11.79 49.87 6.27
CA ILE A 658 -12.61 51.06 6.47
C ILE A 658 -12.30 51.53 7.89
N TYR A 659 -11.95 52.80 8.01
CA TYR A 659 -11.57 53.39 9.28
C TYR A 659 -12.45 54.56 9.66
N HIS A 660 -13.06 54.48 10.84
CA HIS A 660 -13.93 55.56 11.33
C HIS A 660 -13.11 56.53 12.20
N GLY A 661 -13.14 57.82 11.85
CA GLY A 661 -12.41 58.81 12.62
C GLY A 661 -13.01 58.93 14.01
N GLU A 662 -12.24 59.47 14.96
CA GLU A 662 -12.70 59.60 16.34
C GLU A 662 -14.13 60.15 16.55
N THR A 663 -14.45 61.27 15.90
CA THR A 663 -15.77 61.86 16.02
C THR A 663 -16.85 60.91 15.51
N ILE A 664 -16.66 60.43 14.29
CA ILE A 664 -17.59 59.52 13.64
C ILE A 664 -17.72 58.19 14.39
N ALA A 665 -16.62 57.75 14.99
CA ALA A 665 -16.63 56.51 15.75
C ALA A 665 -17.58 56.62 16.95
N GLN A 666 -17.67 57.82 17.51
CA GLN A 666 -18.53 58.07 18.66
C GLN A 666 -20.00 58.13 18.28
N TRP A 667 -20.32 58.93 17.27
CA TRP A 667 -21.69 59.05 16.79
C TRP A 667 -22.26 57.66 16.49
N ARG A 668 -21.39 56.78 16.01
CA ARG A 668 -21.78 55.41 15.67
C ARG A 668 -21.99 54.55 16.94
N LYS A 669 -21.12 54.70 17.93
CA LYS A 669 -21.27 53.95 19.18
C LYS A 669 -22.44 54.49 19.98
N SER A 670 -22.85 55.71 19.65
CA SER A 670 -23.96 56.34 20.35
C SER A 670 -25.29 55.89 19.73
N GLY A 671 -25.27 55.55 18.44
CA GLY A 671 -26.49 55.07 17.80
C GLY A 671 -27.24 56.02 16.88
N TYR A 672 -26.74 57.23 16.70
CA TYR A 672 -27.41 58.21 15.84
C TYR A 672 -27.86 57.61 14.51
N GLN A 673 -27.19 56.54 14.06
CA GLN A 673 -27.51 55.91 12.79
C GLN A 673 -28.95 55.43 12.62
N ASP A 674 -29.54 54.93 13.70
CA ASP A 674 -30.91 54.42 13.63
C ASP A 674 -31.97 55.51 13.63
N MET A 675 -31.79 56.55 14.45
CA MET A 675 -32.75 57.65 14.55
C MET A 675 -33.10 58.19 13.15
N PRO A 676 -34.39 58.38 12.85
CA PRO A 676 -34.86 58.87 11.54
C PRO A 676 -34.35 60.27 11.22
N GLU A 677 -33.93 60.98 12.26
CA GLU A 677 -33.42 62.33 12.12
C GLU A 677 -32.12 62.34 11.32
N TYR A 678 -31.19 61.49 11.72
CA TYR A 678 -29.88 61.41 11.06
C TYR A 678 -29.83 60.54 9.81
N GLU A 679 -30.74 60.81 8.88
CA GLU A 679 -30.82 60.08 7.62
C GLU A 679 -29.47 60.07 6.92
N ASN A 680 -28.85 61.24 6.85
CA ASN A 680 -27.56 61.38 6.20
C ASN A 680 -26.45 60.59 6.88
N PHE A 681 -26.30 60.77 8.18
CA PHE A 681 -25.25 60.06 8.91
C PHE A 681 -25.27 58.56 8.61
N ARG A 682 -26.46 57.99 8.52
CA ARG A 682 -26.59 56.57 8.23
C ARG A 682 -26.02 56.30 6.85
N HIS A 683 -26.20 57.26 5.95
CA HIS A 683 -25.69 57.15 4.59
C HIS A 683 -24.19 57.24 4.57
N LEU A 684 -23.64 58.19 5.34
CA LEU A 684 -22.20 58.37 5.40
C LEU A 684 -21.50 57.07 5.78
N LEU A 685 -22.01 56.43 6.82
CA LEU A 685 -21.44 55.18 7.27
C LEU A 685 -21.49 54.12 6.18
N GLN A 686 -22.57 54.13 5.40
CA GLN A 686 -22.77 53.15 4.35
C GLN A 686 -22.00 53.44 3.05
N ALA A 687 -21.77 54.71 2.76
CA ALA A 687 -21.07 55.07 1.53
C ALA A 687 -19.82 54.21 1.30
N PRO A 688 -18.86 54.22 2.24
CA PRO A 688 -17.65 53.42 2.06
C PRO A 688 -17.91 51.91 2.02
N VAL A 689 -18.86 51.47 2.84
CA VAL A 689 -19.22 50.05 2.89
C VAL A 689 -19.68 49.57 1.52
N ASP A 690 -20.50 50.39 0.86
CA ASP A 690 -21.02 50.04 -0.45
C ASP A 690 -19.91 49.81 -1.46
N ASP A 691 -18.95 50.73 -1.51
CA ASP A 691 -17.83 50.61 -2.44
C ASP A 691 -16.93 49.41 -2.11
N ALA A 692 -16.86 49.07 -0.82
CA ALA A 692 -16.06 47.92 -0.40
C ALA A 692 -16.74 46.67 -0.94
N GLN A 693 -18.07 46.72 -1.03
CA GLN A 693 -18.83 45.59 -1.53
C GLN A 693 -18.54 45.31 -2.99
N GLU A 694 -18.41 46.37 -3.79
CA GLU A 694 -18.11 46.19 -5.22
C GLU A 694 -16.78 45.51 -5.42
N ILE A 695 -15.75 46.03 -4.77
CA ILE A 695 -14.39 45.50 -4.86
C ILE A 695 -14.39 44.04 -4.42
N LEU A 696 -15.15 43.75 -3.36
CA LEU A 696 -15.25 42.40 -2.81
C LEU A 696 -16.00 41.43 -3.72
N HIS A 697 -16.00 41.74 -5.01
CA HIS A 697 -16.64 40.90 -6.02
C HIS A 697 -15.78 41.00 -7.27
N SER A 698 -15.57 42.23 -7.72
CA SER A 698 -14.77 42.50 -8.91
C SER A 698 -13.33 41.98 -8.82
N ARG A 699 -12.72 42.06 -7.64
CA ARG A 699 -11.34 41.62 -7.47
C ARG A 699 -11.24 40.11 -7.38
N PHE A 700 -10.26 39.52 -8.09
CA PHE A 700 -10.12 38.08 -8.05
C PHE A 700 -9.70 37.59 -6.69
N PRO A 701 -8.39 37.53 -6.40
CA PRO A 701 -8.19 37.03 -5.03
C PRO A 701 -9.01 37.97 -4.16
N MET A 702 -10.14 37.47 -3.64
CA MET A 702 -10.98 38.33 -2.81
C MET A 702 -10.15 38.82 -1.64
N PRO A 703 -10.14 40.14 -1.45
CA PRO A 703 -9.38 40.74 -0.35
C PRO A 703 -10.00 40.50 1.01
N ARG A 704 -9.15 40.57 2.03
CA ARG A 704 -9.60 40.42 3.39
C ARG A 704 -10.29 41.76 3.70
N TYR A 705 -11.33 41.72 4.51
CA TYR A 705 -12.06 42.94 4.87
C TYR A 705 -11.74 43.33 6.32
N ILE A 706 -11.79 44.62 6.62
CA ILE A 706 -11.55 45.07 7.99
C ILE A 706 -12.34 46.33 8.30
N ASP A 707 -13.15 46.27 9.35
CA ASP A 707 -13.94 47.41 9.78
C ASP A 707 -13.32 47.82 11.12
N THR A 708 -12.66 48.97 11.16
CA THR A 708 -12.07 49.42 12.42
C THR A 708 -12.39 50.90 12.68
N GLU A 709 -11.78 51.46 13.71
CA GLU A 709 -12.02 52.84 14.08
C GLU A 709 -10.97 53.36 15.04
N HIS A 710 -11.00 54.66 15.28
CA HIS A 710 -10.08 55.30 16.20
C HIS A 710 -9.99 54.46 17.50
N GLY A 711 -8.79 54.01 17.82
CA GLY A 711 -8.60 53.21 19.03
C GLY A 711 -9.13 51.80 18.97
N GLY A 712 -9.40 51.31 17.76
CA GLY A 712 -9.89 49.96 17.60
C GLY A 712 -8.74 48.98 17.65
N SER A 713 -9.01 47.74 18.04
CA SER A 713 -7.96 46.74 18.12
C SER A 713 -7.19 46.61 16.81
N GLN A 714 -7.85 46.94 15.69
CA GLN A 714 -7.23 46.81 14.38
C GLN A 714 -6.80 48.07 13.66
N ALA A 715 -6.69 49.17 14.38
CA ALA A 715 -6.25 50.42 13.77
C ALA A 715 -4.86 50.17 13.20
N ARG A 716 -4.12 49.30 13.89
CA ARG A 716 -2.77 48.92 13.50
C ARG A 716 -2.68 48.71 11.97
N PHE A 717 -3.61 47.95 11.41
CA PHE A 717 -3.62 47.68 9.98
C PHE A 717 -3.58 48.91 9.10
N LEU A 718 -4.13 50.02 9.60
CA LEU A 718 -4.11 51.24 8.81
C LEU A 718 -2.87 52.06 9.13
N LEU A 719 -2.58 52.22 10.41
CA LEU A 719 -1.43 53.01 10.82
C LEU A 719 -0.12 52.52 10.22
N SER A 720 0.09 51.21 10.24
CA SER A 720 1.30 50.64 9.67
C SER A 720 1.47 50.97 8.18
N LYS A 721 0.38 50.97 7.41
CA LYS A 721 0.48 51.29 5.99
C LYS A 721 0.68 52.77 5.73
N VAL A 722 0.43 53.58 6.77
CA VAL A 722 0.60 55.02 6.66
C VAL A 722 1.83 55.52 7.44
N PRO A 741 26.36 52.40 2.16
CA PRO A 741 25.24 53.14 2.76
C PRO A 741 23.93 53.01 1.98
N ILE A 742 22.81 53.26 2.66
CA ILE A 742 21.49 53.17 2.02
C ILE A 742 20.83 54.56 1.98
N LEU A 743 20.07 54.81 0.92
CA LEU A 743 19.39 56.10 0.73
C LEU A 743 18.61 56.62 1.94
N THR A 744 18.24 55.73 2.85
CA THR A 744 17.51 56.12 4.06
C THR A 744 16.94 54.91 4.80
N ASP A 745 16.16 55.15 5.84
CA ASP A 745 15.55 54.08 6.62
C ASP A 745 14.05 54.31 6.80
N ASP A 746 13.47 53.60 7.76
CA ASP A 746 12.03 53.68 8.08
C ASP A 746 11.63 55.13 8.40
N VAL A 747 11.73 56.02 7.41
CA VAL A 747 11.39 57.43 7.63
C VAL A 747 10.12 57.86 6.89
N SER A 748 9.91 59.17 6.84
CA SER A 748 8.75 59.76 6.19
C SER A 748 9.07 60.14 4.76
N LEU A 749 8.02 60.25 3.93
CA LEU A 749 8.19 60.61 2.52
C LEU A 749 8.94 61.93 2.39
N GLN A 750 8.67 62.87 3.32
CA GLN A 750 9.34 64.16 3.28
C GLN A 750 10.84 64.03 3.51
N VAL A 751 11.22 63.36 4.59
CA VAL A 751 12.65 63.18 4.86
C VAL A 751 13.27 62.48 3.66
N PHE A 752 12.62 61.40 3.22
CA PHE A 752 13.08 60.63 2.08
C PHE A 752 13.34 61.54 0.89
N MET A 753 12.38 62.41 0.60
CA MET A 753 12.52 63.34 -0.51
C MET A 753 13.65 64.33 -0.29
N ASP A 754 13.88 64.70 0.97
CA ASP A 754 14.94 65.65 1.28
C ASP A 754 16.28 64.99 1.01
N HIS A 755 16.55 63.88 1.69
CA HIS A 755 17.80 63.20 1.49
C HIS A 755 17.97 62.89 0.00
N LEU A 756 16.85 62.72 -0.69
CA LEU A 756 16.89 62.45 -2.11
C LEU A 756 17.30 63.70 -2.87
N LYS A 757 16.57 64.79 -2.65
CA LYS A 757 16.86 66.05 -3.32
C LYS A 757 18.32 66.48 -3.21
N LYS A 758 18.92 66.29 -2.05
CA LYS A 758 20.30 66.71 -1.85
C LYS A 758 21.32 65.81 -2.56
N LEU A 759 21.02 64.52 -2.66
CA LEU A 759 21.94 63.61 -3.34
C LEU A 759 21.85 63.78 -4.84
N ALA A 760 20.67 64.18 -5.32
CA ALA A 760 20.44 64.35 -6.74
C ALA A 760 21.21 65.53 -7.30
N VAL A 761 21.42 66.53 -6.46
CA VAL A 761 22.10 67.76 -6.87
C VAL A 761 23.63 67.85 -6.72
N SER A 762 24.26 66.88 -6.06
CA SER A 762 25.71 66.92 -5.90
C SER A 762 26.41 65.99 -6.88
N ALA B 1 9.22 -67.27 6.87
CA ALA B 1 7.84 -66.74 6.73
C ALA B 1 7.52 -65.78 7.91
N MET B 2 7.43 -64.47 7.64
CA MET B 2 7.14 -63.46 8.68
C MET B 2 5.69 -63.16 9.02
N GLY B 3 5.47 -62.76 10.29
CA GLY B 3 4.13 -62.37 10.70
C GLY B 3 3.77 -61.07 9.98
N SER B 4 2.78 -61.14 9.09
CA SER B 4 2.33 -59.98 8.27
C SER B 4 1.69 -58.80 9.02
N PRO B 5 1.63 -57.62 8.36
CA PRO B 5 1.05 -56.41 8.95
C PRO B 5 -0.39 -56.65 9.31
N ILE B 6 -1.13 -57.23 8.38
CA ILE B 6 -2.52 -57.51 8.59
C ILE B 6 -2.75 -58.43 9.76
N GLN B 7 -1.96 -59.50 9.83
CA GLN B 7 -2.11 -60.46 10.93
C GLN B 7 -1.89 -59.76 12.27
N VAL B 8 -0.84 -58.94 12.34
CA VAL B 8 -0.51 -58.19 13.56
C VAL B 8 -1.59 -57.18 13.92
N ILE B 9 -2.11 -56.48 12.92
CA ILE B 9 -3.19 -55.51 13.17
C ILE B 9 -4.44 -56.23 13.67
N GLU B 10 -4.74 -57.39 13.09
CA GLU B 10 -5.92 -58.14 13.49
C GLU B 10 -5.77 -58.79 14.86
N ASN B 11 -4.65 -59.46 15.10
CA ASN B 11 -4.46 -60.09 16.40
C ASN B 11 -4.66 -59.07 17.53
N ASP B 12 -4.09 -57.87 17.39
CA ASP B 12 -4.22 -56.89 18.45
C ASP B 12 -5.66 -56.41 18.63
N ARG B 13 -6.39 -56.28 17.52
CA ARG B 13 -7.79 -55.87 17.62
C ARG B 13 -8.58 -56.93 18.38
N ALA B 14 -8.18 -58.18 18.22
CA ALA B 14 -8.86 -59.31 18.87
C ALA B 14 -8.62 -59.30 20.37
N SER B 15 -7.36 -59.28 20.77
CA SER B 15 -7.00 -59.29 22.18
C SER B 15 -7.22 -58.00 22.97
N ARG B 16 -7.20 -56.84 22.31
CA ARG B 16 -7.34 -55.56 23.01
C ARG B 16 -8.48 -54.65 22.60
N GLY B 17 -9.10 -54.93 21.46
CA GLY B 17 -10.19 -54.08 21.01
C GLY B 17 -11.40 -54.22 21.91
N GLY B 18 -12.32 -53.27 21.83
CA GLY B 18 -13.51 -53.33 22.64
C GLY B 18 -13.23 -53.55 24.11
N GLN B 19 -12.14 -52.96 24.58
CA GLN B 19 -11.76 -53.08 25.97
C GLN B 19 -11.25 -51.75 26.47
N VAL B 20 -11.49 -51.47 27.74
CA VAL B 20 -11.07 -50.22 28.32
C VAL B 20 -9.59 -50.23 28.62
N TYR B 21 -8.89 -49.24 28.09
CA TYR B 21 -7.47 -49.10 28.33
C TYR B 21 -7.41 -48.00 29.36
N ALA B 22 -7.09 -48.36 30.59
CA ALA B 22 -7.00 -47.37 31.66
C ALA B 22 -5.54 -47.00 31.87
N THR B 23 -5.22 -45.73 31.63
CA THR B 23 -3.84 -45.29 31.78
C THR B 23 -3.51 -45.01 33.24
N ASN B 24 -3.41 -46.07 34.03
CA ASN B 24 -3.12 -45.94 35.46
C ASN B 24 -1.77 -46.50 35.86
N THR B 25 -1.22 -47.39 35.05
CA THR B 25 0.07 -47.98 35.36
C THR B 25 1.15 -47.11 34.76
N ARG B 26 2.38 -47.26 35.23
CA ARG B 26 3.44 -46.43 34.69
C ARG B 26 3.79 -46.77 33.25
N GLY B 27 4.94 -47.43 33.03
CA GLY B 27 5.37 -47.73 31.67
C GLY B 27 4.46 -48.61 30.84
N GLN B 28 3.15 -48.51 31.07
CA GLN B 28 2.18 -49.33 30.36
C GLN B 28 2.18 -49.19 28.84
N ILE B 29 2.24 -50.33 28.16
CA ILE B 29 2.24 -50.38 26.71
C ILE B 29 0.78 -50.34 26.24
N PRO B 30 0.44 -49.37 25.37
CA PRO B 30 -0.92 -49.24 24.86
C PRO B 30 -1.21 -50.09 23.62
N PRO B 31 -2.48 -50.16 23.22
CA PRO B 31 -2.83 -50.94 22.03
C PRO B 31 -2.29 -50.19 20.80
N LEU B 32 -2.29 -50.86 19.64
CA LEU B 32 -1.83 -50.25 18.40
C LEU B 32 -2.79 -49.16 17.94
N VAL B 33 -2.30 -48.14 17.23
CA VAL B 33 -3.20 -47.09 16.78
C VAL B 33 -4.28 -47.70 15.88
N THR B 34 -4.00 -48.89 15.34
CA THR B 34 -4.96 -49.54 14.46
C THR B 34 -6.11 -50.19 15.24
N THR B 35 -5.93 -50.34 16.54
CA THR B 35 -6.94 -50.96 17.39
C THR B 35 -7.93 -49.97 18.02
N ASP B 36 -9.22 -50.26 17.91
CA ASP B 36 -10.27 -49.39 18.46
C ASP B 36 -10.76 -49.83 19.82
N CYS B 37 -10.30 -49.13 20.86
CA CYS B 37 -10.65 -49.44 22.23
C CYS B 37 -11.11 -48.17 22.91
N MET B 38 -11.67 -48.32 24.11
CA MET B 38 -12.09 -47.14 24.83
C MET B 38 -10.99 -46.79 25.82
N ILE B 39 -10.70 -45.49 25.90
CA ILE B 39 -9.66 -45.03 26.79
C ILE B 39 -10.21 -44.18 27.93
N GLN B 40 -9.71 -44.44 29.13
CA GLN B 40 -10.11 -43.70 30.31
C GLN B 40 -8.81 -43.19 30.91
N ASP B 41 -8.66 -41.86 31.02
CA ASP B 41 -7.42 -41.28 31.55
C ASP B 41 -6.90 -42.03 32.78
N GLN B 42 -7.14 -41.49 33.98
CA GLN B 42 -6.71 -42.18 35.19
C GLN B 42 -5.24 -42.01 35.61
N GLY B 43 -4.62 -40.89 35.25
CA GLY B 43 -3.24 -40.68 35.64
C GLY B 43 -2.31 -40.27 34.53
N ASN B 44 -2.09 -41.16 33.56
CA ASN B 44 -1.21 -40.90 32.43
C ASN B 44 -1.98 -40.46 31.17
N ALA B 45 -1.33 -39.67 30.32
CA ALA B 45 -1.97 -39.17 29.11
C ALA B 45 -2.42 -40.26 28.13
N SER B 46 -3.57 -40.02 27.51
CA SER B 46 -4.15 -40.95 26.55
C SER B 46 -3.23 -41.21 25.36
N PRO B 47 -3.22 -42.44 24.87
CA PRO B 47 -2.38 -42.76 23.71
C PRO B 47 -2.79 -41.98 22.46
N ARG B 48 -3.94 -41.29 22.55
CA ARG B 48 -4.44 -40.48 21.46
C ARG B 48 -3.70 -39.14 21.40
N PHE B 49 -3.18 -38.71 22.54
CA PHE B 49 -2.43 -37.47 22.63
C PHE B 49 -0.94 -37.71 22.43
N ILE B 50 -0.42 -38.77 23.04
CA ILE B 50 1.00 -39.07 22.91
C ILE B 50 1.38 -40.55 22.97
N ARG B 51 2.16 -40.98 21.98
CA ARG B 51 2.66 -42.34 21.90
C ARG B 51 4.18 -42.30 21.88
N CYS B 52 4.82 -43.43 22.20
CA CYS B 52 6.27 -43.49 22.24
C CYS B 52 6.88 -44.66 21.49
N THR B 53 8.13 -44.52 21.09
CA THR B 53 8.85 -45.56 20.37
C THR B 53 9.09 -46.74 21.34
N THR B 54 9.17 -46.42 22.63
CA THR B 54 9.32 -47.44 23.68
C THR B 54 8.69 -46.86 24.92
N TYR B 55 8.13 -47.71 25.76
CA TYR B 55 7.51 -47.20 26.97
C TYR B 55 8.38 -47.56 28.18
N CYS B 56 9.60 -47.95 27.87
CA CYS B 56 10.61 -48.28 28.88
C CYS B 56 11.94 -47.81 28.31
N PHE B 57 12.45 -46.72 28.84
CA PHE B 57 13.71 -46.16 28.38
C PHE B 57 14.91 -46.90 28.95
N PRO B 58 16.01 -46.94 28.19
CA PRO B 58 17.21 -47.62 28.68
C PRO B 58 17.75 -46.71 29.79
N CYS B 59 18.29 -47.29 30.86
CA CYS B 59 18.78 -46.50 31.99
C CYS B 59 19.97 -45.61 31.72
N THR B 60 20.85 -46.05 30.84
CA THR B 60 22.02 -45.24 30.57
C THR B 60 22.23 -44.95 29.10
N SER B 61 23.16 -44.04 28.85
CA SER B 61 23.51 -43.64 27.51
C SER B 61 24.14 -44.78 26.72
N ASP B 62 25.01 -45.55 27.36
CA ASP B 62 25.68 -46.67 26.67
C ASP B 62 24.68 -47.74 26.27
N MET B 63 23.74 -48.03 27.17
CA MET B 63 22.71 -49.03 26.90
C MET B 63 21.96 -48.56 25.65
N ALA B 64 21.55 -47.31 25.66
CA ALA B 64 20.83 -46.73 24.53
C ALA B 64 21.67 -46.89 23.27
N LYS B 65 22.96 -46.58 23.38
CA LYS B 65 23.87 -46.67 22.24
C LYS B 65 24.09 -48.10 21.76
N GLN B 66 23.85 -49.07 22.65
CA GLN B 66 23.97 -50.48 22.30
C GLN B 66 22.81 -50.80 21.36
N ALA B 67 21.60 -50.62 21.87
CA ALA B 67 20.39 -50.90 21.13
C ALA B 67 20.17 -50.00 19.92
N GLN B 68 20.56 -48.74 20.04
CA GLN B 68 20.35 -47.80 18.95
C GLN B 68 18.86 -47.62 18.61
N ILE B 69 17.98 -47.93 19.55
CA ILE B 69 16.54 -47.75 19.38
C ILE B 69 16.24 -46.28 19.68
N PRO B 70 15.85 -45.51 18.66
CA PRO B 70 15.57 -44.10 18.97
C PRO B 70 14.52 -43.93 20.05
N LEU B 71 14.82 -43.06 21.02
CA LEU B 71 13.89 -42.76 22.12
C LEU B 71 13.13 -41.50 21.71
N ALA B 72 11.84 -41.63 21.43
CA ALA B 72 11.06 -40.45 21.02
C ALA B 72 9.57 -40.54 21.34
N ALA B 73 8.89 -39.41 21.21
CA ALA B 73 7.46 -39.31 21.47
C ALA B 73 6.69 -38.59 20.35
N VAL B 74 5.54 -39.13 19.95
CA VAL B 74 4.72 -38.48 18.94
C VAL B 74 3.59 -37.81 19.74
N ILE B 75 3.49 -36.49 19.63
CA ILE B 75 2.49 -35.75 20.41
C ILE B 75 1.47 -34.94 19.61
N LYS B 76 0.20 -35.29 19.75
CA LYS B 76 -0.88 -34.60 19.08
C LYS B 76 -1.68 -33.96 20.22
N PRO B 77 -1.21 -32.79 20.70
CA PRO B 77 -1.76 -31.98 21.80
C PRO B 77 -3.25 -31.75 21.78
N PHE B 78 -3.82 -31.68 20.59
CA PHE B 78 -5.25 -31.46 20.47
C PHE B 78 -5.97 -32.54 19.69
N ALA B 79 -5.50 -33.77 19.84
CA ALA B 79 -6.11 -34.90 19.16
C ALA B 79 -7.61 -34.91 19.50
N THR B 80 -8.42 -35.25 18.51
CA THR B 80 -9.85 -35.28 18.73
C THR B 80 -10.22 -36.47 19.60
N ILE B 81 -10.76 -36.22 20.78
CA ILE B 81 -11.14 -37.31 21.66
C ILE B 81 -12.56 -37.79 21.34
N PRO B 82 -12.77 -39.11 21.27
CA PRO B 82 -14.08 -39.69 20.96
C PRO B 82 -15.18 -39.17 21.89
N SER B 83 -16.38 -39.00 21.34
CA SER B 83 -17.53 -38.50 22.11
C SER B 83 -17.83 -39.36 23.34
N ASN B 84 -17.52 -40.64 23.26
CA ASN B 84 -17.75 -41.57 24.37
C ASN B 84 -16.60 -41.62 25.36
N GLU B 85 -15.69 -40.66 25.28
CA GLU B 85 -14.56 -40.60 26.21
C GLU B 85 -14.60 -39.28 26.97
N SER B 86 -14.20 -39.32 28.23
CA SER B 86 -14.22 -38.14 29.08
C SER B 86 -13.39 -37.00 28.51
N PRO B 87 -13.93 -35.76 28.55
CA PRO B 87 -13.27 -34.54 28.06
C PRO B 87 -12.27 -33.94 29.06
N LEU B 88 -11.47 -32.99 28.57
CA LEU B 88 -10.50 -32.37 29.44
C LEU B 88 -11.14 -31.37 30.39
N TYR B 89 -10.54 -31.26 31.57
CA TYR B 89 -11.02 -30.33 32.58
C TYR B 89 -10.19 -29.06 32.53
N LEU B 90 -10.86 -27.92 32.71
CA LEU B 90 -10.17 -26.64 32.72
C LEU B 90 -9.86 -26.29 34.17
N VAL B 91 -8.58 -26.27 34.53
CA VAL B 91 -8.19 -25.95 35.90
C VAL B 91 -7.76 -24.49 36.06
N ASN B 92 -8.30 -23.82 37.08
CA ASN B 92 -7.99 -22.41 37.34
C ASN B 92 -7.34 -22.28 38.71
N HIS B 93 -6.10 -21.76 38.73
CA HIS B 93 -5.37 -21.59 39.97
C HIS B 93 -5.35 -20.15 40.48
N GLY B 94 -6.33 -19.36 40.04
CA GLY B 94 -6.42 -17.98 40.48
C GLY B 94 -5.27 -17.06 40.13
N GLU B 95 -5.35 -15.85 40.66
CA GLU B 95 -4.37 -14.78 40.46
C GLU B 95 -2.94 -15.24 40.25
N SER B 96 -2.47 -16.07 41.17
CA SER B 96 -1.12 -16.59 41.09
C SER B 96 -0.83 -17.29 39.76
N GLY B 97 -1.80 -18.08 39.30
CA GLY B 97 -1.62 -18.81 38.06
C GLY B 97 -1.35 -20.25 38.45
N PRO B 98 -1.13 -21.16 37.49
CA PRO B 98 -0.87 -22.55 37.86
C PRO B 98 0.40 -22.75 38.69
N VAL B 99 0.27 -23.56 39.74
CA VAL B 99 1.38 -23.87 40.63
C VAL B 99 2.44 -24.63 39.84
N ARG B 100 3.71 -24.28 40.06
CA ARG B 100 4.79 -24.94 39.33
C ARG B 100 6.01 -25.07 40.22
N CYS B 101 6.91 -25.97 39.83
CA CYS B 101 8.15 -26.15 40.57
C CYS B 101 9.00 -24.92 40.30
N ASN B 102 9.58 -24.36 41.35
CA ASN B 102 10.42 -23.18 41.17
C ASN B 102 11.66 -23.44 40.32
N ARG B 103 12.16 -24.68 40.35
CA ARG B 103 13.35 -25.04 39.59
C ARG B 103 13.13 -25.40 38.12
N CYS B 104 12.62 -26.60 37.86
CA CYS B 104 12.41 -27.09 36.49
C CYS B 104 11.19 -26.46 35.82
N LYS B 105 10.31 -25.86 36.63
CA LYS B 105 9.10 -25.19 36.16
C LYS B 105 7.97 -26.08 35.68
N ALA B 106 8.03 -27.36 36.04
CA ALA B 106 6.98 -28.30 35.64
C ALA B 106 5.67 -27.92 36.33
N TYR B 107 4.56 -28.08 35.62
CA TYR B 107 3.25 -27.74 36.17
C TYR B 107 2.79 -28.75 37.23
N MET B 108 1.85 -28.32 38.08
CA MET B 108 1.32 -29.18 39.12
C MET B 108 0.59 -30.32 38.42
N CYS B 109 1.05 -31.54 38.69
CA CYS B 109 0.48 -32.72 38.06
C CYS B 109 0.48 -33.94 38.98
N PRO B 110 0.00 -35.09 38.48
CA PRO B 110 -0.03 -36.28 39.32
C PRO B 110 1.36 -36.74 39.75
N PHE B 111 2.39 -36.06 39.25
CA PHE B 111 3.77 -36.44 39.55
C PHE B 111 4.47 -35.68 40.67
N MET B 112 3.73 -34.88 41.42
CA MET B 112 4.33 -34.13 42.51
C MET B 112 4.02 -34.82 43.83
N GLN B 113 5.06 -35.29 44.52
CA GLN B 113 4.91 -35.99 45.80
C GLN B 113 4.76 -35.03 46.98
N PHE B 114 3.54 -34.89 47.49
CA PHE B 114 3.31 -34.01 48.63
C PHE B 114 3.88 -34.62 49.91
N ILE B 115 4.70 -33.86 50.61
CA ILE B 115 5.35 -34.34 51.83
C ILE B 115 5.07 -33.46 53.05
N GLU B 116 5.65 -33.85 54.17
CA GLU B 116 5.52 -33.13 55.43
C GLU B 116 4.11 -32.58 55.69
N GLY B 117 3.15 -33.49 55.86
CA GLY B 117 1.79 -33.08 56.13
C GLY B 117 1.08 -32.41 54.97
N GLY B 118 1.80 -32.22 53.86
CA GLY B 118 1.20 -31.61 52.69
C GLY B 118 1.46 -30.13 52.57
N ARG B 119 2.57 -29.70 53.16
CA ARG B 119 2.94 -28.29 53.15
C ARG B 119 4.00 -28.06 52.08
N ARG B 120 4.73 -29.12 51.78
CA ARG B 120 5.78 -29.06 50.76
C ARG B 120 5.66 -30.26 49.84
N TYR B 121 5.70 -30.03 48.53
CA TYR B 121 5.62 -31.12 47.58
C TYR B 121 6.96 -31.20 46.87
N GLN B 122 7.50 -32.39 46.72
CA GLN B 122 8.78 -32.52 46.04
C GLN B 122 8.48 -32.81 44.56
N CYS B 123 9.06 -32.00 43.69
CA CYS B 123 8.84 -32.15 42.26
C CYS B 123 9.30 -33.50 41.70
N GLY B 124 8.43 -34.12 40.91
CA GLY B 124 8.75 -35.41 40.33
C GLY B 124 9.71 -35.38 39.16
N PHE B 125 10.07 -34.20 38.67
CA PHE B 125 10.98 -34.13 37.53
C PHE B 125 12.44 -33.86 37.91
N CYS B 126 12.65 -32.96 38.87
CA CYS B 126 14.01 -32.62 39.30
C CYS B 126 14.29 -32.83 40.80
N ASN B 127 13.30 -33.37 41.51
CA ASN B 127 13.44 -33.67 42.93
C ASN B 127 13.54 -32.47 43.86
N CYS B 128 13.34 -31.27 43.33
CA CYS B 128 13.39 -30.07 44.16
C CYS B 128 12.15 -30.01 45.06
N VAL B 129 12.33 -29.54 46.29
CA VAL B 129 11.22 -29.42 47.23
C VAL B 129 10.59 -28.03 47.08
N ASN B 130 9.28 -27.97 47.15
CA ASN B 130 8.56 -26.71 46.99
C ASN B 130 7.58 -26.47 48.13
N ASP B 131 7.14 -25.22 48.28
CA ASP B 131 6.20 -24.89 49.34
C ASP B 131 4.81 -24.76 48.76
N VAL B 132 3.93 -25.68 49.14
CA VAL B 132 2.56 -25.64 48.68
C VAL B 132 2.00 -24.27 49.04
N PRO B 133 1.76 -23.42 48.04
CA PRO B 133 1.22 -22.09 48.33
C PRO B 133 0.02 -22.15 49.27
N PRO B 134 -0.20 -21.08 50.05
CA PRO B 134 -1.31 -21.00 51.00
C PRO B 134 -2.63 -21.54 50.43
N PHE B 135 -3.24 -20.76 49.55
CA PHE B 135 -4.51 -21.10 48.93
C PHE B 135 -4.63 -22.52 48.37
N TYR B 136 -3.49 -23.18 48.15
CA TYR B 136 -3.52 -24.53 47.58
C TYR B 136 -3.29 -25.66 48.58
N PHE B 137 -2.85 -25.33 49.78
CA PHE B 137 -2.58 -26.36 50.79
C PHE B 137 -3.74 -27.30 51.10
N GLN B 138 -3.40 -28.57 51.34
CA GLN B 138 -4.39 -29.58 51.70
C GLN B 138 -3.69 -30.71 52.44
N HIS B 139 -4.42 -31.34 53.36
CA HIS B 139 -3.92 -32.42 54.19
C HIS B 139 -3.72 -33.75 53.48
N LEU B 140 -2.62 -34.44 53.81
CA LEU B 140 -2.34 -35.75 53.24
C LEU B 140 -3.24 -36.68 54.06
N ASP B 141 -3.07 -37.99 53.94
CA ASP B 141 -3.94 -38.87 54.73
C ASP B 141 -3.44 -40.23 55.17
N HIS B 142 -3.09 -41.10 54.24
CA HIS B 142 -2.60 -42.41 54.63
C HIS B 142 -1.22 -42.66 54.09
N ILE B 143 -1.03 -42.31 52.82
CA ILE B 143 0.27 -42.45 52.19
C ILE B 143 0.46 -41.23 51.30
N GLY B 144 -0.33 -40.20 51.58
CA GLY B 144 -0.22 -38.96 50.84
C GLY B 144 -1.37 -38.53 49.96
N ARG B 145 -2.29 -39.44 49.64
CA ARG B 145 -3.42 -39.13 48.74
C ARG B 145 -3.93 -37.69 48.84
N ARG B 146 -3.64 -37.04 49.97
CA ARG B 146 -3.99 -35.66 50.18
C ARG B 146 -5.46 -35.24 50.07
N LEU B 147 -6.36 -36.20 50.25
CA LEU B 147 -7.79 -35.91 50.24
C LEU B 147 -8.24 -34.97 49.14
N ASP B 148 -7.38 -34.74 48.15
CA ASP B 148 -7.73 -33.85 47.07
C ASP B 148 -7.78 -34.69 45.81
N HIS B 149 -6.66 -35.35 45.55
CA HIS B 149 -6.46 -36.20 44.40
C HIS B 149 -7.65 -36.31 43.46
N TYR B 150 -8.47 -37.33 43.68
CA TYR B 150 -9.63 -37.59 42.84
C TYR B 150 -10.60 -36.45 42.61
N GLU B 151 -10.42 -35.35 43.32
CA GLU B 151 -11.31 -34.20 43.18
C GLU B 151 -10.77 -33.15 42.22
N LYS B 152 -9.45 -33.03 42.15
CA LYS B 152 -8.81 -32.07 41.28
C LYS B 152 -8.10 -32.79 40.13
N PRO B 153 -8.53 -32.51 38.89
CA PRO B 153 -7.95 -33.14 37.71
C PRO B 153 -6.44 -33.05 37.57
N GLU B 154 -5.84 -31.94 37.98
CA GLU B 154 -4.40 -31.78 37.85
C GLU B 154 -3.61 -32.70 38.78
N LEU B 155 -4.32 -33.39 39.67
CA LEU B 155 -3.64 -34.26 40.61
C LEU B 155 -3.87 -35.73 40.30
N SER B 156 -4.97 -36.02 39.63
CA SER B 156 -5.35 -37.39 39.32
C SER B 156 -5.33 -37.78 37.84
N LEU B 157 -5.43 -36.79 36.96
CA LEU B 157 -5.45 -37.04 35.53
C LEU B 157 -4.14 -36.78 34.78
N GLY B 158 -3.99 -37.43 33.63
CA GLY B 158 -2.80 -37.25 32.82
C GLY B 158 -2.85 -36.03 31.91
N SER B 159 -4.06 -35.70 31.45
CA SER B 159 -4.26 -34.55 30.57
C SER B 159 -5.31 -33.65 31.18
N TYR B 160 -5.21 -32.35 30.89
CA TYR B 160 -6.14 -31.36 31.41
C TYR B 160 -5.61 -29.99 31.01
N GLU B 161 -6.41 -28.95 31.18
CA GLU B 161 -5.98 -27.59 30.84
C GLU B 161 -5.98 -26.65 32.05
N TYR B 162 -5.08 -25.67 32.02
CA TYR B 162 -4.95 -24.63 33.04
C TYR B 162 -5.33 -23.28 32.45
N VAL B 163 -5.84 -22.39 33.29
CA VAL B 163 -6.18 -21.03 32.85
C VAL B 163 -4.84 -20.31 32.93
N ALA B 164 -4.52 -19.50 31.93
CA ALA B 164 -3.26 -18.78 31.93
C ALA B 164 -3.46 -17.33 32.36
N THR B 165 -2.68 -16.88 33.34
CA THR B 165 -2.78 -15.51 33.83
C THR B 165 -2.02 -14.56 32.91
N LEU B 166 -2.32 -13.27 33.01
CA LEU B 166 -1.70 -12.26 32.15
C LEU B 166 -0.20 -12.36 31.89
N ASP B 167 0.58 -12.89 32.83
CA ASP B 167 2.02 -12.99 32.60
C ASP B 167 2.37 -14.12 31.63
N TYR B 168 1.32 -14.75 31.09
CA TYR B 168 1.48 -15.83 30.11
C TYR B 168 1.12 -15.22 28.76
N CYS B 169 0.65 -13.98 28.81
CA CYS B 169 0.23 -13.24 27.62
C CYS B 169 1.23 -12.25 27.07
N ARG B 170 1.21 -12.08 25.75
CA ARG B 170 2.09 -11.14 25.07
C ARG B 170 1.77 -9.75 25.64
N LYS B 171 2.82 -8.98 25.92
CA LYS B 171 2.65 -7.63 26.46
C LYS B 171 1.84 -7.59 27.75
N SER B 172 1.80 -8.72 28.45
CA SER B 172 1.08 -8.83 29.72
C SER B 172 -0.37 -8.36 29.69
N LYS B 173 -1.00 -8.41 28.52
CA LYS B 173 -2.39 -8.00 28.37
C LYS B 173 -3.19 -9.09 27.68
N PRO B 174 -4.49 -9.20 28.01
CA PRO B 174 -5.33 -10.22 27.39
C PRO B 174 -5.26 -10.15 25.87
N PRO B 175 -5.01 -11.28 25.20
CA PRO B 175 -4.92 -11.29 23.74
C PRO B 175 -6.26 -11.02 23.10
N ASN B 176 -6.27 -10.89 21.78
CA ASN B 176 -7.51 -10.64 21.06
C ASN B 176 -7.90 -11.89 20.31
N PRO B 177 -9.19 -12.06 20.03
CA PRO B 177 -9.61 -13.25 19.29
C PRO B 177 -8.99 -13.19 17.90
N PRO B 178 -8.66 -14.36 17.31
CA PRO B 178 -8.05 -14.42 15.97
C PRO B 178 -8.97 -13.98 14.84
N ALA B 179 -8.38 -13.84 13.66
CA ALA B 179 -9.11 -13.43 12.47
C ALA B 179 -8.70 -14.31 11.30
N PHE B 180 -9.66 -14.55 10.41
CA PHE B 180 -9.40 -15.38 9.24
C PHE B 180 -9.32 -14.48 8.01
N ILE B 181 -8.20 -14.53 7.30
CA ILE B 181 -8.06 -13.72 6.10
C ILE B 181 -8.06 -14.60 4.86
N PHE B 182 -9.10 -14.46 4.04
CA PHE B 182 -9.23 -15.23 2.81
C PHE B 182 -8.61 -14.43 1.68
N MET B 183 -7.67 -15.05 0.98
CA MET B 183 -6.96 -14.37 -0.09
C MET B 183 -7.05 -15.24 -1.35
N ILE B 184 -7.72 -14.70 -2.36
CA ILE B 184 -7.95 -15.41 -3.61
C ILE B 184 -7.13 -14.98 -4.81
N ASP B 185 -6.47 -15.96 -5.43
CA ASP B 185 -5.66 -15.73 -6.63
C ASP B 185 -6.69 -15.57 -7.75
N VAL B 186 -6.79 -14.38 -8.32
CA VAL B 186 -7.77 -14.15 -9.38
C VAL B 186 -7.15 -14.00 -10.76
N SER B 187 -5.96 -14.53 -10.96
CA SER B 187 -5.33 -14.45 -12.27
C SER B 187 -6.14 -15.32 -13.23
N TYR B 188 -5.84 -15.20 -14.52
CA TYR B 188 -6.53 -15.95 -15.57
C TYR B 188 -6.87 -17.41 -15.20
N SER B 189 -5.85 -18.24 -15.04
CA SER B 189 -6.03 -19.66 -14.72
C SER B 189 -7.21 -19.99 -13.79
N ASN B 190 -7.32 -19.28 -12.68
CA ASN B 190 -8.40 -19.55 -11.73
C ASN B 190 -9.72 -18.91 -12.11
N ILE B 191 -9.70 -18.05 -13.12
CA ILE B 191 -10.93 -17.42 -13.57
C ILE B 191 -11.56 -18.40 -14.55
N LYS B 192 -10.71 -18.99 -15.37
CA LYS B 192 -11.14 -19.95 -16.38
C LYS B 192 -11.63 -21.25 -15.74
N ASN B 193 -10.78 -21.89 -14.94
CA ASN B 193 -11.17 -23.16 -14.30
C ASN B 193 -12.37 -23.01 -13.36
N GLY B 194 -12.95 -21.81 -13.34
CA GLY B 194 -14.11 -21.52 -12.51
C GLY B 194 -13.90 -21.62 -11.01
N LEU B 195 -12.64 -21.53 -10.60
CA LEU B 195 -12.29 -21.64 -9.20
C LEU B 195 -12.67 -20.39 -8.41
N VAL B 196 -12.37 -19.23 -8.97
CA VAL B 196 -12.69 -17.97 -8.32
C VAL B 196 -14.15 -17.91 -7.92
N LYS B 197 -15.04 -18.15 -8.88
CA LYS B 197 -16.46 -18.12 -8.56
C LYS B 197 -16.79 -19.19 -7.53
N LEU B 198 -16.26 -20.39 -7.75
CA LEU B 198 -16.50 -21.49 -6.84
C LEU B 198 -16.20 -21.07 -5.40
N ILE B 199 -15.02 -20.51 -5.19
CA ILE B 199 -14.62 -20.08 -3.85
C ILE B 199 -15.51 -18.98 -3.29
N CYS B 200 -15.77 -17.94 -4.09
CA CYS B 200 -16.62 -16.84 -3.64
C CYS B 200 -18.05 -17.31 -3.34
N GLU B 201 -18.65 -18.05 -4.27
CA GLU B 201 -20.02 -18.54 -4.08
C GLU B 201 -20.12 -19.43 -2.85
N GLU B 202 -19.22 -20.40 -2.77
CA GLU B 202 -19.22 -21.35 -1.66
C GLU B 202 -18.86 -20.67 -0.34
N LEU B 203 -18.01 -19.66 -0.42
CA LEU B 203 -17.59 -18.94 0.76
C LEU B 203 -18.77 -18.30 1.50
N LYS B 204 -19.82 -17.93 0.77
CA LYS B 204 -21.01 -17.33 1.37
C LYS B 204 -21.69 -18.31 2.31
N THR B 205 -21.54 -19.59 2.00
CA THR B 205 -22.13 -20.65 2.80
C THR B 205 -21.31 -20.99 4.03
N MET B 206 -20.03 -21.22 3.81
CA MET B 206 -19.11 -21.61 4.87
C MET B 206 -18.76 -20.58 5.93
N LEU B 207 -18.77 -19.31 5.57
CA LEU B 207 -18.45 -18.26 6.53
C LEU B 207 -19.38 -18.32 7.75
N GLU B 208 -20.44 -19.11 7.64
CA GLU B 208 -21.41 -19.25 8.73
C GLU B 208 -20.94 -20.24 9.77
N LYS B 209 -20.32 -21.31 9.29
CA LYS B 209 -19.80 -22.38 10.12
C LYS B 209 -18.49 -22.01 10.80
N ILE B 210 -18.17 -20.73 10.86
CA ILE B 210 -16.94 -20.32 11.51
C ILE B 210 -17.07 -20.64 13.00
N PRO B 211 -16.08 -21.37 13.54
CA PRO B 211 -16.03 -21.78 14.95
C PRO B 211 -16.26 -20.68 15.98
N LYS B 212 -16.96 -21.05 17.04
CA LYS B 212 -17.26 -20.14 18.14
C LYS B 212 -17.56 -21.01 19.35
N GLU B 213 -16.98 -20.65 20.50
CA GLU B 213 -17.19 -21.43 21.72
C GLU B 213 -18.67 -21.50 22.13
N GLU B 214 -19.03 -22.53 22.88
CA GLU B 214 -20.42 -22.69 23.31
C GLU B 214 -20.80 -21.58 24.29
N GLN B 215 -19.82 -21.18 25.10
CA GLN B 215 -19.99 -20.13 26.09
C GLN B 215 -20.28 -18.76 25.49
N GLU B 216 -20.24 -18.67 24.17
CA GLU B 216 -20.53 -17.42 23.46
C GLU B 216 -21.61 -17.70 22.42
N GLU B 217 -22.26 -16.64 21.92
CA GLU B 217 -23.32 -16.84 20.95
C GLU B 217 -22.91 -16.60 19.50
N THR B 218 -21.89 -15.77 19.31
CA THR B 218 -21.39 -15.50 17.97
C THR B 218 -19.87 -15.57 18.02
N SER B 219 -19.27 -16.00 16.91
CA SER B 219 -17.82 -16.12 16.87
C SER B 219 -17.08 -14.81 17.11
N ALA B 220 -16.00 -14.88 17.87
CA ALA B 220 -15.18 -13.72 18.17
C ALA B 220 -14.19 -13.52 17.03
N ILE B 221 -14.15 -14.48 16.10
CA ILE B 221 -13.25 -14.40 14.96
C ILE B 221 -13.86 -13.53 13.86
N ARG B 222 -13.13 -12.51 13.43
CA ARG B 222 -13.62 -11.65 12.36
C ARG B 222 -12.99 -12.12 11.06
N VAL B 223 -13.38 -11.52 9.95
CA VAL B 223 -12.82 -11.95 8.67
C VAL B 223 -12.38 -10.80 7.75
N GLY B 224 -11.52 -11.13 6.79
CA GLY B 224 -11.02 -10.14 5.84
C GLY B 224 -10.90 -10.77 4.47
N PHE B 225 -11.04 -9.96 3.42
CA PHE B 225 -10.98 -10.49 2.06
C PHE B 225 -10.01 -9.74 1.18
N ILE B 226 -9.28 -10.49 0.34
CA ILE B 226 -8.29 -9.95 -0.58
C ILE B 226 -8.22 -10.80 -1.85
N THR B 227 -7.86 -10.19 -2.97
CA THR B 227 -7.68 -10.91 -4.24
C THR B 227 -6.37 -10.41 -4.81
N TYR B 228 -5.79 -11.12 -5.78
CA TYR B 228 -4.53 -10.66 -6.32
C TYR B 228 -4.09 -11.33 -7.63
N ASN B 229 -3.00 -10.79 -8.20
CA ASN B 229 -2.36 -11.24 -9.44
C ASN B 229 -1.24 -10.24 -9.67
N LYS B 230 -0.08 -10.49 -9.08
CA LYS B 230 1.05 -9.57 -9.21
C LYS B 230 0.70 -8.22 -8.59
N VAL B 231 -0.58 -8.04 -8.25
CA VAL B 231 -1.09 -6.82 -7.62
C VAL B 231 -2.16 -7.22 -6.60
N LEU B 232 -2.22 -6.52 -5.46
CA LEU B 232 -3.18 -6.83 -4.40
C LEU B 232 -4.43 -5.95 -4.37
N HIS B 233 -5.58 -6.59 -4.17
CA HIS B 233 -6.83 -5.85 -4.10
C HIS B 233 -7.47 -6.08 -2.74
N PHE B 234 -7.30 -5.13 -1.83
CA PHE B 234 -7.91 -5.23 -0.51
C PHE B 234 -9.36 -4.75 -0.60
N PHE B 235 -10.19 -5.18 0.34
CA PHE B 235 -11.58 -4.78 0.33
C PHE B 235 -12.04 -4.32 1.69
N ASN B 236 -12.79 -3.21 1.70
CA ASN B 236 -13.33 -2.65 2.91
C ASN B 236 -14.76 -3.17 3.01
N VAL B 237 -15.07 -3.84 4.11
CA VAL B 237 -16.39 -4.40 4.31
C VAL B 237 -16.97 -4.00 5.67
N LYS B 238 -16.84 -2.73 6.01
CA LYS B 238 -17.34 -2.25 7.30
C LYS B 238 -18.85 -2.47 7.38
N SER B 239 -19.35 -2.62 8.61
CA SER B 239 -20.77 -2.85 8.83
C SER B 239 -21.55 -1.54 8.76
N ASN B 240 -21.33 -0.79 7.68
CA ASN B 240 -22.03 0.47 7.48
C ASN B 240 -21.82 0.95 6.05
N LEU B 241 -21.58 0.01 5.15
CA LEU B 241 -21.39 0.31 3.74
C LEU B 241 -22.34 -0.59 2.96
N ALA B 242 -23.18 0.02 2.11
CA ALA B 242 -24.11 -0.77 1.32
C ALA B 242 -23.32 -1.36 0.16
N GLN B 243 -22.19 -0.75 -0.12
CA GLN B 243 -21.32 -1.17 -1.20
C GLN B 243 -19.89 -1.35 -0.67
N PRO B 244 -19.20 -2.40 -1.10
CA PRO B 244 -17.83 -2.63 -0.63
C PRO B 244 -16.82 -1.77 -1.39
N GLN B 245 -15.77 -1.35 -0.71
CA GLN B 245 -14.74 -0.53 -1.36
C GLN B 245 -13.53 -1.38 -1.69
N MET B 246 -12.82 -1.01 -2.75
CA MET B 246 -11.63 -1.76 -3.17
C MET B 246 -10.41 -0.85 -3.20
N MET B 247 -9.34 -1.27 -2.55
CA MET B 247 -8.09 -0.50 -2.51
C MET B 247 -6.99 -1.36 -3.08
N VAL B 248 -6.41 -0.90 -4.19
CA VAL B 248 -5.37 -1.63 -4.87
C VAL B 248 -3.97 -1.14 -4.54
N VAL B 249 -3.15 -2.06 -4.05
CA VAL B 249 -1.76 -1.75 -3.74
C VAL B 249 -0.94 -2.38 -4.85
N THR B 250 -0.08 -1.57 -5.47
CA THR B 250 0.74 -2.04 -6.58
C THR B 250 2.20 -2.03 -6.20
N ASP B 251 2.48 -1.44 -5.04
CA ASP B 251 3.84 -1.35 -4.57
C ASP B 251 4.34 -2.65 -3.93
N VAL B 252 4.22 -3.74 -4.67
CA VAL B 252 4.72 -5.02 -4.19
C VAL B 252 6.19 -4.69 -4.02
N GLY B 253 6.89 -5.33 -3.10
CA GLY B 253 8.29 -4.96 -2.92
C GLY B 253 8.37 -4.25 -1.58
N GLU B 254 7.38 -3.40 -1.32
CA GLU B 254 7.28 -2.69 -0.04
C GLU B 254 5.80 -2.62 0.27
N VAL B 255 5.18 -3.81 0.23
CA VAL B 255 3.76 -4.01 0.47
C VAL B 255 3.28 -3.40 1.78
N PHE B 256 1.98 -3.14 1.85
CA PHE B 256 1.38 -2.58 3.05
C PHE B 256 -0.13 -2.76 2.96
N VAL B 257 -0.79 -2.67 4.12
CA VAL B 257 -2.23 -2.82 4.19
C VAL B 257 -2.83 -1.41 4.21
N PRO B 258 -3.57 -1.04 3.16
CA PRO B 258 -4.20 0.28 3.03
C PRO B 258 -5.42 0.49 3.93
N LEU B 259 -5.54 -0.31 4.98
CA LEU B 259 -6.71 -0.21 5.83
C LEU B 259 -6.52 -0.65 7.27
N LEU B 260 -7.58 -0.40 8.02
CA LEU B 260 -7.76 -0.72 9.43
C LEU B 260 -9.21 -0.23 9.54
N ASP B 261 -10.08 -1.03 10.15
CA ASP B 261 -11.50 -0.67 10.22
C ASP B 261 -12.03 -0.80 8.80
N GLY B 262 -12.76 -1.87 8.55
CA GLY B 262 -13.27 -2.10 7.23
C GLY B 262 -12.59 -3.35 6.67
N PHE B 263 -11.46 -3.69 7.28
CA PHE B 263 -10.70 -4.88 6.92
C PHE B 263 -10.62 -5.67 8.22
N LEU B 264 -11.34 -6.79 8.28
CA LEU B 264 -11.43 -7.62 9.48
C LEU B 264 -12.66 -7.17 10.24
N VAL B 265 -13.79 -7.76 9.91
CA VAL B 265 -15.05 -7.40 10.55
C VAL B 265 -15.77 -8.65 11.00
N ASN B 266 -16.85 -8.46 11.76
CA ASN B 266 -17.67 -9.58 12.21
C ASN B 266 -18.52 -9.93 10.99
N TYR B 267 -18.36 -11.16 10.49
CA TYR B 267 -19.10 -11.61 9.32
C TYR B 267 -20.61 -11.42 9.46
N GLN B 268 -21.12 -11.61 10.67
CA GLN B 268 -22.54 -11.46 10.90
C GLN B 268 -22.94 -9.99 10.69
N GLU B 269 -22.24 -9.10 11.36
CA GLU B 269 -22.54 -7.67 11.26
C GLU B 269 -22.45 -7.12 9.84
N SER B 270 -21.44 -7.55 9.09
CA SER B 270 -21.24 -7.05 7.74
C SER B 270 -21.69 -8.05 6.68
N GLN B 271 -22.53 -8.99 7.07
CA GLN B 271 -23.00 -10.03 6.18
C GLN B 271 -23.32 -9.62 4.74
N SER B 272 -24.36 -8.79 4.55
CA SER B 272 -24.79 -8.36 3.22
C SER B 272 -23.70 -7.70 2.37
N VAL B 273 -22.82 -6.95 3.03
CA VAL B 273 -21.74 -6.26 2.32
C VAL B 273 -20.72 -7.28 1.83
N ILE B 274 -20.40 -8.25 2.68
CA ILE B 274 -19.45 -9.29 2.30
C ILE B 274 -20.02 -10.09 1.14
N HIS B 275 -21.25 -10.57 1.31
CA HIS B 275 -21.91 -11.33 0.25
C HIS B 275 -21.86 -10.54 -1.05
N ASN B 276 -22.24 -9.27 -0.96
CA ASN B 276 -22.25 -8.34 -2.06
C ASN B 276 -20.91 -8.46 -2.82
N LEU B 277 -19.83 -8.25 -2.07
CA LEU B 277 -18.46 -8.33 -2.61
C LEU B 277 -18.20 -9.72 -3.20
N LEU B 278 -18.64 -10.76 -2.49
CA LEU B 278 -18.45 -12.14 -2.94
C LEU B 278 -19.16 -12.41 -4.26
N ASP B 279 -20.33 -11.79 -4.46
CA ASP B 279 -21.09 -11.95 -5.70
C ASP B 279 -20.32 -11.27 -6.81
N GLN B 280 -19.72 -10.15 -6.47
CA GLN B 280 -18.96 -9.33 -7.42
C GLN B 280 -17.59 -9.81 -7.89
N ILE B 281 -16.74 -10.21 -6.95
CA ILE B 281 -15.38 -10.63 -7.29
C ILE B 281 -15.28 -11.46 -8.58
N PRO B 282 -16.10 -12.51 -8.71
CA PRO B 282 -16.08 -13.35 -9.91
C PRO B 282 -16.26 -12.56 -11.22
N ASP B 283 -17.28 -11.71 -11.26
CA ASP B 283 -17.51 -10.89 -12.46
C ASP B 283 -16.34 -9.92 -12.63
N MET B 284 -16.05 -9.20 -11.56
CA MET B 284 -14.97 -8.22 -11.50
C MET B 284 -13.71 -8.59 -12.29
N PHE B 285 -13.23 -9.81 -12.09
CA PHE B 285 -12.02 -10.26 -12.76
C PHE B 285 -12.28 -11.22 -13.94
N ALA B 286 -13.55 -11.52 -14.18
CA ALA B 286 -13.92 -12.43 -15.27
C ALA B 286 -13.07 -12.24 -16.52
N ASP B 287 -12.93 -11.01 -16.97
CA ASP B 287 -12.14 -10.75 -18.17
C ASP B 287 -10.66 -10.49 -17.94
N SER B 288 -10.22 -10.60 -16.70
CA SER B 288 -8.82 -10.39 -16.37
C SER B 288 -8.03 -11.27 -17.33
N ASN B 289 -6.92 -10.74 -17.84
CA ASN B 289 -6.10 -11.50 -18.76
C ASN B 289 -4.72 -11.66 -18.18
N GLU B 290 -4.63 -11.47 -16.87
CA GLU B 290 -3.36 -11.59 -16.15
C GLU B 290 -2.99 -13.03 -15.82
N ASN B 291 -1.72 -13.38 -16.05
CA ASN B 291 -1.24 -14.74 -15.80
C ASN B 291 -0.17 -14.80 -14.73
N GLU B 292 0.66 -13.77 -14.66
CA GLU B 292 1.71 -13.75 -13.65
C GLU B 292 1.11 -13.29 -12.33
N THR B 293 1.63 -13.85 -11.23
CA THR B 293 1.14 -13.48 -9.90
C THR B 293 2.33 -13.39 -8.93
N VAL B 294 2.07 -12.79 -7.77
CA VAL B 294 3.08 -12.67 -6.73
C VAL B 294 2.64 -13.64 -5.64
N PHE B 295 3.47 -13.83 -4.62
CA PHE B 295 3.08 -14.73 -3.54
C PHE B 295 3.52 -14.25 -2.16
N ALA B 296 4.81 -14.04 -1.98
CA ALA B 296 5.32 -13.59 -0.68
C ALA B 296 4.57 -12.35 -0.22
N PRO B 297 4.37 -11.36 -1.13
CA PRO B 297 3.66 -10.14 -0.76
C PRO B 297 2.29 -10.41 -0.13
N VAL B 298 1.61 -11.45 -0.61
CA VAL B 298 0.29 -11.85 -0.11
C VAL B 298 0.39 -12.25 1.35
N ILE B 299 1.36 -13.12 1.65
CA ILE B 299 1.58 -13.57 3.03
C ILE B 299 2.01 -12.36 3.85
N GLN B 300 2.89 -11.57 3.26
CA GLN B 300 3.43 -10.36 3.87
C GLN B 300 2.27 -9.45 4.28
N ALA B 301 1.30 -9.28 3.39
CA ALA B 301 0.14 -8.42 3.65
C ALA B 301 -0.76 -8.94 4.76
N GLY B 302 -1.20 -10.19 4.64
CA GLY B 302 -2.06 -10.76 5.66
C GLY B 302 -1.45 -10.64 7.05
N MET B 303 -0.15 -10.90 7.13
CA MET B 303 0.57 -10.84 8.40
C MET B 303 0.53 -9.41 8.90
N GLU B 304 0.93 -8.48 8.03
CA GLU B 304 0.93 -7.06 8.35
C GLU B 304 -0.47 -6.66 8.84
N ALA B 305 -1.51 -7.13 8.15
CA ALA B 305 -2.89 -6.81 8.52
C ALA B 305 -3.17 -7.26 9.94
N LEU B 306 -2.72 -8.46 10.28
CA LEU B 306 -2.93 -9.00 11.62
C LEU B 306 -2.11 -8.21 12.63
N LYS B 307 -0.85 -7.92 12.30
CA LYS B 307 -0.01 -7.18 13.23
C LYS B 307 -0.69 -5.86 13.63
N ALA B 308 -1.34 -5.22 12.65
CA ALA B 308 -2.04 -3.96 12.89
C ALA B 308 -3.26 -4.12 13.78
N ALA B 309 -4.11 -5.11 13.50
CA ALA B 309 -5.29 -5.33 14.32
C ALA B 309 -4.83 -5.90 15.66
N ASP B 310 -3.51 -6.07 15.76
CA ASP B 310 -2.87 -6.59 16.97
C ASP B 310 -3.57 -7.87 17.44
N CYS B 311 -3.73 -8.82 16.54
CA CYS B 311 -4.39 -10.08 16.86
C CYS B 311 -3.77 -11.25 16.10
N PRO B 312 -3.97 -12.48 16.61
CA PRO B 312 -3.38 -13.61 15.88
C PRO B 312 -4.32 -13.90 14.73
N GLY B 313 -3.90 -14.73 13.79
CA GLY B 313 -4.79 -15.02 12.68
C GLY B 313 -4.34 -16.18 11.83
N LYS B 314 -5.15 -16.48 10.83
CA LYS B 314 -4.86 -17.56 9.90
C LYS B 314 -5.19 -17.08 8.50
N LEU B 315 -4.28 -17.32 7.56
CA LEU B 315 -4.49 -16.91 6.18
C LEU B 315 -4.97 -18.10 5.35
N PHE B 316 -6.05 -17.91 4.60
CA PHE B 316 -6.54 -18.98 3.74
C PHE B 316 -6.22 -18.51 2.34
N ILE B 317 -5.06 -18.91 1.86
CA ILE B 317 -4.63 -18.51 0.53
C ILE B 317 -5.01 -19.55 -0.53
N PHE B 318 -5.62 -19.06 -1.61
CA PHE B 318 -6.02 -19.90 -2.73
C PHE B 318 -5.15 -19.48 -3.92
N HIS B 319 -4.13 -20.28 -4.23
CA HIS B 319 -3.20 -19.96 -5.32
C HIS B 319 -3.26 -20.98 -6.48
N SER B 320 -2.85 -20.58 -7.68
CA SER B 320 -2.89 -21.51 -8.81
C SER B 320 -1.55 -21.90 -9.44
N SER B 321 -0.69 -20.93 -9.75
CA SER B 321 0.58 -21.28 -10.39
C SER B 321 1.84 -20.62 -9.83
N LEU B 322 2.98 -20.98 -10.41
CA LEU B 322 4.27 -20.47 -9.99
C LEU B 322 4.28 -18.95 -10.12
N PRO B 323 4.50 -18.24 -9.00
CA PRO B 323 4.56 -16.77 -8.93
C PRO B 323 5.80 -16.22 -9.61
N THR B 324 5.63 -15.74 -10.84
CA THR B 324 6.75 -15.24 -11.63
C THR B 324 6.86 -13.72 -11.71
N ALA B 325 5.78 -13.02 -11.40
CA ALA B 325 5.78 -11.56 -11.43
C ALA B 325 6.94 -11.07 -10.56
N GLU B 326 7.66 -10.07 -11.04
CA GLU B 326 8.79 -9.55 -10.29
C GLU B 326 8.35 -8.98 -8.96
N ALA B 327 9.07 -9.37 -7.91
CA ALA B 327 8.80 -8.95 -6.53
C ALA B 327 9.53 -9.91 -5.61
N PRO B 328 9.66 -9.56 -4.32
CA PRO B 328 10.35 -10.51 -3.45
C PRO B 328 9.63 -11.87 -3.44
N GLY B 329 10.42 -12.94 -3.47
CA GLY B 329 9.83 -14.27 -3.48
C GLY B 329 9.54 -14.74 -4.88
N LYS B 330 9.96 -13.96 -5.89
CA LYS B 330 9.76 -14.34 -7.29
C LYS B 330 10.39 -15.72 -7.47
N LEU B 331 9.65 -16.63 -8.09
CA LEU B 331 10.14 -17.98 -8.28
C LEU B 331 10.44 -18.35 -9.72
N LYS B 332 11.62 -18.92 -9.94
CA LYS B 332 12.03 -19.37 -11.26
C LYS B 332 11.62 -20.82 -11.47
N ASN B 333 11.90 -21.37 -12.64
CA ASN B 333 11.56 -22.74 -12.94
C ASN B 333 12.81 -23.61 -12.84
N ARG B 334 13.44 -23.58 -11.67
CA ARG B 334 14.68 -24.29 -11.37
C ARG B 334 14.66 -25.81 -11.17
N ASP B 335 13.77 -26.55 -11.82
CA ASP B 335 13.75 -28.00 -11.63
C ASP B 335 14.94 -28.65 -12.36
N ASP B 336 15.96 -29.06 -11.59
CA ASP B 336 17.18 -29.66 -12.16
C ASP B 336 17.45 -31.13 -11.80
N LYS B 337 18.23 -31.78 -12.66
CA LYS B 337 18.60 -33.18 -12.47
C LYS B 337 19.85 -33.29 -11.60
N LYS B 338 19.71 -32.94 -10.33
CA LYS B 338 20.78 -33.02 -9.35
C LYS B 338 20.13 -33.88 -8.26
N LEU B 339 20.07 -35.19 -8.46
CA LEU B 339 19.36 -36.01 -7.46
C LEU B 339 19.64 -37.50 -7.22
N VAL B 340 20.89 -37.96 -7.26
CA VAL B 340 21.08 -39.39 -6.97
C VAL B 340 22.29 -39.61 -6.09
N ASN B 341 23.34 -38.87 -6.37
CA ASN B 341 24.58 -38.91 -5.63
C ASN B 341 25.12 -37.52 -5.86
N THR B 342 24.20 -36.65 -6.24
CA THR B 342 24.48 -35.26 -6.51
C THR B 342 25.12 -34.68 -5.27
N ASP B 343 24.59 -35.08 -4.13
CA ASP B 343 25.08 -34.60 -2.85
C ASP B 343 24.62 -33.14 -2.76
N LYS B 344 23.96 -32.70 -3.82
CA LYS B 344 23.45 -31.35 -3.93
C LYS B 344 21.94 -31.43 -4.17
N GLU B 345 21.40 -32.63 -4.06
CA GLU B 345 19.97 -32.87 -4.25
C GLU B 345 19.09 -32.13 -3.24
N LYS B 346 19.65 -31.89 -2.06
CA LYS B 346 18.92 -31.21 -1.01
C LYS B 346 18.37 -29.86 -1.44
N ILE B 347 19.13 -29.18 -2.30
CA ILE B 347 18.72 -27.86 -2.78
C ILE B 347 17.34 -27.83 -3.46
N LEU B 348 16.94 -28.95 -4.05
CA LEU B 348 15.64 -29.03 -4.71
C LEU B 348 14.52 -28.91 -3.70
N PHE B 349 14.75 -29.45 -2.50
CA PHE B 349 13.76 -29.43 -1.44
C PHE B 349 13.81 -28.21 -0.52
N GLN B 350 14.54 -27.17 -0.91
CA GLN B 350 14.63 -25.97 -0.10
C GLN B 350 14.10 -24.79 -0.92
N PRO B 351 13.53 -23.77 -0.26
CA PRO B 351 13.02 -22.63 -1.03
C PRO B 351 14.12 -21.96 -1.84
N GLN B 352 13.75 -21.33 -2.96
CA GLN B 352 14.72 -20.68 -3.82
C GLN B 352 15.36 -19.47 -3.15
N THR B 353 14.55 -18.46 -2.84
CA THR B 353 15.03 -17.25 -2.21
C THR B 353 15.17 -17.45 -0.71
N ASN B 354 15.83 -16.51 -0.06
CA ASN B 354 16.03 -16.56 1.39
C ASN B 354 14.89 -15.81 2.09
N VAL B 355 13.99 -15.22 1.29
CA VAL B 355 12.88 -14.45 1.83
C VAL B 355 11.83 -15.28 2.57
N TYR B 356 11.44 -16.40 1.97
CA TYR B 356 10.43 -17.26 2.58
C TYR B 356 10.70 -17.65 4.02
N ASP B 357 11.95 -17.95 4.34
CA ASP B 357 12.27 -18.32 5.71
C ASP B 357 12.02 -17.14 6.63
N SER B 358 12.39 -15.94 6.19
CA SER B 358 12.21 -14.72 6.99
C SER B 358 10.74 -14.43 7.20
N LEU B 359 9.97 -14.51 6.11
CA LEU B 359 8.55 -14.25 6.16
C LEU B 359 7.93 -15.18 7.21
N ALA B 360 8.38 -16.42 7.22
CA ALA B 360 7.90 -17.42 8.15
C ALA B 360 8.18 -16.98 9.60
N LYS B 361 9.39 -16.46 9.83
CA LYS B 361 9.74 -15.99 11.15
C LYS B 361 8.86 -14.82 11.56
N ASP B 362 8.67 -13.87 10.66
CA ASP B 362 7.84 -12.71 10.94
C ASP B 362 6.42 -13.16 11.28
N CYS B 363 5.91 -14.12 10.52
CA CYS B 363 4.57 -14.63 10.77
C CYS B 363 4.49 -15.22 12.17
N VAL B 364 5.37 -16.17 12.44
CA VAL B 364 5.38 -16.80 13.75
C VAL B 364 5.52 -15.73 14.83
N ALA B 365 6.40 -14.77 14.58
CA ALA B 365 6.65 -13.68 15.50
C ALA B 365 5.37 -12.95 15.87
N HIS B 366 4.43 -12.90 14.94
CA HIS B 366 3.18 -12.20 15.21
C HIS B 366 1.96 -13.10 15.29
N GLY B 367 2.20 -14.41 15.46
CA GLY B 367 1.11 -15.35 15.57
C GLY B 367 0.23 -15.43 14.34
N CYS B 368 0.85 -15.35 13.17
CA CYS B 368 0.11 -15.42 11.93
C CYS B 368 0.38 -16.79 11.33
N SER B 369 -0.68 -17.55 11.07
CA SER B 369 -0.53 -18.87 10.48
C SER B 369 -1.09 -18.86 9.05
N VAL B 370 -0.40 -19.51 8.14
CA VAL B 370 -0.87 -19.53 6.76
C VAL B 370 -1.12 -20.92 6.21
N THR B 371 -2.34 -21.11 5.73
CA THR B 371 -2.76 -22.37 5.15
C THR B 371 -2.95 -22.10 3.65
N LEU B 372 -2.35 -22.97 2.83
CA LEU B 372 -2.38 -22.83 1.38
C LEU B 372 -3.16 -23.88 0.59
N PHE B 373 -4.12 -23.43 -0.20
CA PHE B 373 -4.91 -24.31 -1.08
C PHE B 373 -4.32 -24.07 -2.45
N LEU B 374 -3.55 -25.03 -2.94
CA LEU B 374 -2.87 -24.89 -4.22
C LEU B 374 -3.49 -25.69 -5.36
N PHE B 375 -3.67 -25.04 -6.51
CA PHE B 375 -4.27 -25.70 -7.67
C PHE B 375 -3.33 -25.63 -8.88
N PRO B 376 -2.12 -26.19 -8.76
CA PRO B 376 -1.16 -26.17 -9.86
C PRO B 376 -1.64 -27.02 -11.03
N SER B 377 -0.94 -26.88 -12.15
CA SER B 377 -1.26 -27.63 -13.36
C SER B 377 0.05 -27.86 -14.10
N GLN B 378 1.12 -27.37 -13.49
CA GLN B 378 2.46 -27.46 -14.03
C GLN B 378 3.37 -27.20 -12.83
N TYR B 379 4.69 -27.32 -13.01
CA TYR B 379 5.62 -27.09 -11.90
C TYR B 379 5.22 -25.87 -11.09
N VAL B 380 5.38 -25.95 -9.77
CA VAL B 380 5.02 -24.85 -8.90
C VAL B 380 6.05 -24.59 -7.80
N ASP B 381 7.02 -25.49 -7.68
CA ASP B 381 8.05 -25.37 -6.66
C ASP B 381 7.42 -25.37 -5.26
N VAL B 382 6.91 -26.54 -4.86
CA VAL B 382 6.27 -26.75 -3.57
C VAL B 382 7.27 -26.53 -2.42
N ALA B 383 8.53 -26.86 -2.65
CA ALA B 383 9.54 -26.69 -1.62
C ALA B 383 9.53 -25.21 -1.18
N SER B 384 9.19 -24.33 -2.11
CA SER B 384 9.15 -22.89 -1.81
C SER B 384 7.77 -22.43 -1.32
N LEU B 385 6.73 -22.76 -2.07
CA LEU B 385 5.38 -22.34 -1.72
C LEU B 385 4.84 -22.96 -0.45
N GLY B 386 5.43 -24.07 -0.02
CA GLY B 386 4.95 -24.72 1.18
C GLY B 386 5.74 -24.42 2.45
N LEU B 387 6.90 -23.78 2.31
CA LEU B 387 7.71 -23.47 3.48
C LEU B 387 6.98 -22.67 4.57
N VAL B 388 6.56 -21.46 4.24
CA VAL B 388 5.88 -20.61 5.20
C VAL B 388 4.70 -21.32 5.84
N PRO B 389 3.86 -21.99 5.05
CA PRO B 389 2.73 -22.68 5.70
C PRO B 389 3.17 -23.86 6.58
N GLN B 390 4.29 -24.50 6.25
CA GLN B 390 4.76 -25.60 7.08
C GLN B 390 5.29 -25.05 8.39
N LEU B 391 6.20 -24.09 8.29
CA LEU B 391 6.82 -23.47 9.47
C LEU B 391 5.82 -22.68 10.30
N THR B 392 4.77 -22.19 9.66
CA THR B 392 3.76 -21.40 10.34
C THR B 392 2.72 -22.28 11.04
N GLY B 393 2.87 -23.60 10.90
CA GLY B 393 1.95 -24.52 11.52
C GLY B 393 0.63 -24.71 10.78
N GLY B 394 0.58 -24.23 9.54
CA GLY B 394 -0.62 -24.33 8.71
C GLY B 394 -0.70 -25.63 7.92
N THR B 395 -1.58 -25.69 6.92
CA THR B 395 -1.76 -26.90 6.12
C THR B 395 -1.64 -26.65 4.63
N LEU B 396 -1.12 -27.62 3.88
CA LEU B 396 -0.96 -27.48 2.43
C LEU B 396 -1.88 -28.46 1.68
N TYR B 397 -2.77 -27.91 0.86
CA TYR B 397 -3.70 -28.73 0.06
C TYR B 397 -3.38 -28.55 -1.42
N LYS B 398 -2.88 -29.59 -2.07
CA LYS B 398 -2.55 -29.51 -3.50
C LYS B 398 -3.50 -30.36 -4.35
N TYR B 399 -4.13 -29.72 -5.33
CA TYR B 399 -5.05 -30.38 -6.24
C TYR B 399 -4.48 -30.27 -7.65
N ASN B 400 -3.68 -31.26 -8.05
CA ASN B 400 -3.05 -31.24 -9.38
C ASN B 400 -4.02 -31.23 -10.56
N ASN B 401 -3.74 -30.35 -11.52
CA ASN B 401 -4.54 -30.20 -12.73
C ASN B 401 -6.04 -30.17 -12.45
N PHE B 402 -6.41 -29.33 -11.50
CA PHE B 402 -7.80 -29.20 -11.08
C PHE B 402 -8.83 -29.13 -12.23
N GLN B 403 -9.90 -29.89 -12.08
CA GLN B 403 -10.99 -29.92 -13.06
C GLN B 403 -12.31 -29.95 -12.28
N MET B 404 -13.10 -28.92 -12.49
CA MET B 404 -14.38 -28.73 -11.80
C MET B 404 -15.33 -29.94 -11.73
N HIS B 405 -15.64 -30.56 -12.86
CA HIS B 405 -16.57 -31.69 -12.86
C HIS B 405 -16.04 -32.91 -12.12
N LEU B 406 -14.84 -32.81 -11.57
CA LEU B 406 -14.24 -33.94 -10.86
C LEU B 406 -13.77 -33.61 -9.45
N ASP B 407 -12.98 -32.55 -9.31
CA ASP B 407 -12.42 -32.20 -8.02
C ASP B 407 -13.17 -31.19 -7.16
N ARG B 408 -14.29 -30.69 -7.64
CA ARG B 408 -15.06 -29.72 -6.89
C ARG B 408 -15.26 -30.19 -5.44
N GLN B 409 -15.84 -31.38 -5.29
CA GLN B 409 -16.12 -31.92 -3.97
C GLN B 409 -14.90 -32.16 -3.08
N GLN B 410 -13.81 -32.65 -3.68
CA GLN B 410 -12.60 -32.90 -2.90
C GLN B 410 -12.13 -31.61 -2.22
N PHE B 411 -12.09 -30.53 -2.99
CA PHE B 411 -11.65 -29.22 -2.48
C PHE B 411 -12.64 -28.60 -1.49
N LEU B 412 -13.92 -28.53 -1.85
CA LEU B 412 -14.91 -27.95 -0.96
C LEU B 412 -14.99 -28.73 0.34
N ASN B 413 -14.62 -30.00 0.30
CA ASN B 413 -14.65 -30.84 1.51
C ASN B 413 -13.48 -30.46 2.39
N ASP B 414 -12.33 -30.28 1.77
CA ASP B 414 -11.13 -29.92 2.50
C ASP B 414 -11.31 -28.55 3.12
N LEU B 415 -11.85 -27.61 2.33
CA LEU B 415 -12.05 -26.26 2.80
C LEU B 415 -13.00 -26.19 4.00
N ARG B 416 -14.19 -26.76 3.88
CA ARG B 416 -15.16 -26.76 4.98
C ARG B 416 -14.46 -27.31 6.21
N ASN B 417 -13.92 -28.51 6.02
CA ASN B 417 -13.22 -29.24 7.06
C ASN B 417 -12.19 -28.36 7.76
N ASP B 418 -11.39 -27.64 6.99
CA ASP B 418 -10.35 -26.79 7.53
C ASP B 418 -10.87 -25.58 8.31
N ILE B 419 -11.98 -25.00 7.86
CA ILE B 419 -12.55 -23.84 8.54
C ILE B 419 -13.17 -24.22 9.87
N GLU B 420 -13.66 -25.44 9.96
CA GLU B 420 -14.31 -25.89 11.18
C GLU B 420 -13.35 -26.53 12.18
N LYS B 421 -12.11 -26.74 11.77
CA LYS B 421 -11.11 -27.35 12.65
C LYS B 421 -10.97 -26.67 14.01
N LYS B 422 -10.81 -27.46 15.06
CA LYS B 422 -10.59 -26.90 16.38
C LYS B 422 -9.15 -26.38 16.27
N ILE B 423 -8.92 -25.12 16.60
CA ILE B 423 -7.58 -24.58 16.51
C ILE B 423 -7.14 -23.63 17.60
N GLY B 424 -5.84 -23.71 17.92
CA GLY B 424 -5.26 -22.86 18.93
C GLY B 424 -4.47 -21.84 18.13
N PHE B 425 -4.06 -20.75 18.76
CA PHE B 425 -3.32 -19.73 18.05
C PHE B 425 -2.14 -19.22 18.87
N ASP B 426 -1.14 -18.68 18.18
CA ASP B 426 0.06 -18.13 18.80
C ASP B 426 0.52 -19.02 19.96
N ALA B 427 0.85 -20.26 19.63
CA ALA B 427 1.24 -21.21 20.64
C ALA B 427 2.72 -21.55 20.72
N ILE B 428 3.11 -22.05 21.88
CA ILE B 428 4.46 -22.50 22.08
C ILE B 428 4.40 -23.75 22.97
N MET B 429 4.94 -24.84 22.43
CA MET B 429 4.97 -26.11 23.15
C MET B 429 6.33 -26.31 23.79
N ARG B 430 6.33 -26.73 25.04
CA ARG B 430 7.58 -26.99 25.72
C ARG B 430 7.44 -28.40 26.32
N VAL B 431 8.46 -29.24 26.13
CA VAL B 431 8.42 -30.61 26.64
C VAL B 431 9.45 -30.86 27.73
N ARG B 432 9.00 -30.77 28.98
CA ARG B 432 9.89 -30.99 30.12
C ARG B 432 9.98 -32.48 30.47
N THR B 433 11.14 -32.88 30.97
CA THR B 433 11.36 -34.27 31.34
C THR B 433 11.94 -34.39 32.75
N SER B 434 12.00 -35.62 33.23
CA SER B 434 12.55 -35.87 34.55
C SER B 434 14.09 -35.95 34.44
N THR B 435 14.76 -35.89 35.57
CA THR B 435 16.22 -35.94 35.60
C THR B 435 16.82 -37.13 34.86
N GLY B 436 17.75 -36.86 33.95
CA GLY B 436 18.40 -37.94 33.22
C GLY B 436 18.37 -37.85 31.70
N PHE B 437 17.28 -37.33 31.15
CA PHE B 437 17.15 -37.19 29.69
C PHE B 437 16.38 -35.91 29.41
N ARG B 438 16.37 -35.51 28.15
CA ARG B 438 15.68 -34.28 27.79
C ARG B 438 15.38 -34.25 26.30
N ALA B 439 14.43 -33.40 25.91
CA ALA B 439 14.06 -33.24 24.51
C ALA B 439 15.21 -32.56 23.79
N THR B 440 15.71 -33.19 22.74
CA THR B 440 16.84 -32.63 22.00
C THR B 440 16.57 -32.34 20.53
N ASP B 441 15.40 -32.74 20.04
CA ASP B 441 15.12 -32.53 18.63
C ASP B 441 13.62 -32.56 18.37
N PHE B 442 13.18 -31.78 17.40
CA PHE B 442 11.75 -31.72 17.09
C PHE B 442 11.47 -31.80 15.61
N PHE B 443 10.34 -32.41 15.28
CA PHE B 443 9.90 -32.57 13.91
C PHE B 443 8.40 -32.30 13.84
N GLY B 444 8.00 -31.38 12.99
CA GLY B 444 6.59 -31.07 12.85
C GLY B 444 6.42 -29.77 12.10
N GLY B 445 5.18 -29.34 11.92
CA GLY B 445 4.92 -28.09 11.23
C GLY B 445 5.20 -27.07 12.31
N ILE B 446 6.48 -26.85 12.58
CA ILE B 446 6.89 -25.96 13.65
C ILE B 446 8.04 -25.02 13.28
N LEU B 447 8.36 -24.10 14.21
CA LEU B 447 9.44 -23.14 14.05
C LEU B 447 10.14 -22.93 15.37
N MET B 448 11.46 -23.05 15.38
CA MET B 448 12.21 -22.91 16.62
C MET B 448 13.41 -21.96 16.54
N ASN B 449 13.42 -20.96 17.41
CA ASN B 449 14.50 -19.98 17.47
C ASN B 449 15.53 -20.37 18.54
N ASN B 450 15.07 -20.98 19.64
CA ASN B 450 15.98 -21.45 20.68
C ASN B 450 15.90 -22.98 20.59
N THR B 451 16.36 -23.69 21.62
CA THR B 451 16.33 -25.15 21.58
C THR B 451 15.38 -25.84 22.56
N THR B 452 14.37 -25.11 23.03
CA THR B 452 13.41 -25.66 23.97
C THR B 452 11.97 -25.30 23.62
N ASP B 453 11.80 -24.18 22.92
CA ASP B 453 10.46 -23.74 22.58
C ASP B 453 9.99 -23.99 21.16
N VAL B 454 9.03 -24.90 21.06
CA VAL B 454 8.42 -25.25 19.78
C VAL B 454 7.32 -24.22 19.55
N GLU B 455 7.49 -23.39 18.52
CA GLU B 455 6.53 -22.35 18.20
C GLU B 455 5.60 -22.71 17.07
N MET B 456 4.31 -22.71 17.37
CA MET B 456 3.28 -23.04 16.41
C MET B 456 2.31 -21.86 16.32
N ALA B 457 2.35 -21.12 15.21
CA ALA B 457 1.46 -19.96 15.04
C ALA B 457 0.02 -20.44 15.17
N ALA B 458 -0.22 -21.66 14.69
CA ALA B 458 -1.52 -22.28 14.78
C ALA B 458 -1.26 -23.76 15.00
N ILE B 459 -2.21 -24.43 15.60
CA ILE B 459 -2.09 -25.85 15.83
C ILE B 459 -3.53 -26.37 15.81
N ASP B 460 -3.73 -27.55 15.26
CA ASP B 460 -5.05 -28.12 15.17
C ASP B 460 -5.08 -29.56 15.67
N CYS B 461 -6.27 -30.15 15.68
CA CYS B 461 -6.46 -31.52 16.14
C CYS B 461 -5.73 -32.59 15.32
N ASP B 462 -5.26 -32.22 14.14
CA ASP B 462 -4.58 -33.18 13.29
C ASP B 462 -3.07 -33.17 13.41
N LYS B 463 -2.50 -31.99 13.68
CA LYS B 463 -1.05 -31.86 13.79
C LYS B 463 -0.40 -32.69 14.90
N ALA B 464 0.76 -33.26 14.60
CA ALA B 464 1.50 -34.02 15.59
C ALA B 464 2.94 -33.55 15.50
N VAL B 465 3.56 -33.35 16.65
CA VAL B 465 4.95 -32.95 16.69
C VAL B 465 5.69 -34.17 17.24
N THR B 466 6.76 -34.58 16.56
CA THR B 466 7.53 -35.72 17.03
C THR B 466 8.79 -35.25 17.76
N VAL B 467 8.93 -35.67 19.01
CA VAL B 467 10.03 -35.28 19.86
C VAL B 467 11.04 -36.36 20.24
N GLU B 468 12.30 -36.13 19.88
CA GLU B 468 13.37 -37.06 20.20
C GLU B 468 14.08 -36.71 21.50
N PHE B 469 14.37 -37.72 22.31
CA PHE B 469 15.08 -37.48 23.57
C PHE B 469 16.46 -38.12 23.54
N LYS B 470 17.37 -37.62 24.38
CA LYS B 470 18.73 -38.17 24.49
C LYS B 470 19.09 -38.22 25.98
N HIS B 471 20.03 -39.07 26.34
CA HIS B 471 20.44 -39.18 27.74
C HIS B 471 21.28 -38.00 28.18
N ASP B 472 20.93 -37.47 29.34
CA ASP B 472 21.59 -36.31 29.95
C ASP B 472 22.52 -36.81 31.06
N ASP B 473 22.01 -37.80 31.79
CA ASP B 473 22.68 -38.40 32.94
C ASP B 473 22.18 -39.85 32.96
N LYS B 474 21.88 -40.37 34.15
CA LYS B 474 21.37 -41.73 34.27
C LYS B 474 20.00 -41.69 34.96
N LEU B 475 19.11 -42.57 34.53
CA LEU B 475 17.76 -42.63 35.08
C LEU B 475 17.65 -43.74 36.10
N SER B 476 16.66 -43.66 36.97
CA SER B 476 16.49 -44.70 37.99
C SER B 476 15.41 -45.71 37.63
N GLU B 477 15.79 -46.99 37.65
CA GLU B 477 14.86 -48.06 37.33
C GLU B 477 13.72 -48.02 38.32
N ASP B 478 13.82 -47.12 39.29
CA ASP B 478 12.82 -46.97 40.32
C ASP B 478 11.85 -45.83 40.04
N SER B 479 12.38 -44.71 39.55
CA SER B 479 11.55 -43.54 39.24
C SER B 479 11.10 -43.56 37.79
N GLY B 480 11.89 -44.22 36.96
CA GLY B 480 11.55 -44.27 35.54
C GLY B 480 11.81 -42.93 34.89
N ALA B 481 11.09 -42.66 33.81
CA ALA B 481 11.23 -41.42 33.05
C ALA B 481 9.90 -40.71 32.94
N LEU B 482 9.87 -39.44 33.26
CA LEU B 482 8.63 -38.69 33.18
C LEU B 482 8.62 -37.70 32.01
N ILE B 483 7.42 -37.36 31.55
CA ILE B 483 7.28 -36.42 30.45
C ILE B 483 6.07 -35.51 30.68
N GLN B 484 6.26 -34.21 30.42
CA GLN B 484 5.17 -33.26 30.55
C GLN B 484 5.15 -32.31 29.36
N CYS B 485 4.17 -32.50 28.49
CA CYS B 485 4.04 -31.64 27.33
C CYS B 485 3.10 -30.53 27.77
N ALA B 486 3.50 -29.30 27.50
CA ALA B 486 2.69 -28.15 27.86
C ALA B 486 2.59 -27.29 26.64
N VAL B 487 1.38 -26.85 26.33
CA VAL B 487 1.19 -25.98 25.18
C VAL B 487 0.44 -24.74 25.61
N LEU B 488 1.10 -23.60 25.48
CA LEU B 488 0.51 -22.32 25.80
C LEU B 488 -0.07 -21.81 24.49
N TYR B 489 -1.29 -21.28 24.52
CA TYR B 489 -1.90 -20.78 23.29
C TYR B 489 -3.07 -19.84 23.52
N THR B 490 -3.60 -19.29 22.44
CA THR B 490 -4.74 -18.40 22.51
C THR B 490 -5.89 -19.08 21.79
N THR B 491 -7.08 -19.01 22.39
CA THR B 491 -8.29 -19.63 21.83
C THR B 491 -9.01 -18.72 20.86
N ILE B 492 -9.96 -19.30 20.12
CA ILE B 492 -10.73 -18.54 19.15
C ILE B 492 -11.60 -17.46 19.81
N SER B 493 -11.68 -17.52 21.14
CA SER B 493 -12.45 -16.52 21.90
C SER B 493 -11.46 -15.53 22.50
N GLY B 494 -10.18 -15.75 22.21
CA GLY B 494 -9.14 -14.87 22.70
C GLY B 494 -8.69 -15.10 24.12
N GLN B 495 -8.67 -16.34 24.57
CA GLN B 495 -8.26 -16.66 25.93
C GLN B 495 -6.92 -17.38 25.98
N ARG B 496 -6.04 -16.95 26.89
CA ARG B 496 -4.74 -17.58 27.04
C ARG B 496 -4.93 -18.86 27.82
N ARG B 497 -4.60 -19.99 27.22
CA ARG B 497 -4.80 -21.26 27.87
C ARG B 497 -3.61 -22.22 27.81
N LEU B 498 -3.53 -23.10 28.79
CA LEU B 498 -2.44 -24.07 28.83
C LEU B 498 -2.98 -25.48 28.79
N ARG B 499 -2.44 -26.30 27.90
CA ARG B 499 -2.85 -27.70 27.82
C ARG B 499 -1.67 -28.52 28.29
N ILE B 500 -1.94 -29.43 29.21
CA ILE B 500 -0.92 -30.28 29.80
C ILE B 500 -1.12 -31.77 29.50
N HIS B 501 -0.01 -32.47 29.26
CA HIS B 501 -0.02 -33.91 28.99
C HIS B 501 1.13 -34.57 29.74
N ASN B 502 0.82 -35.33 30.79
CA ASN B 502 1.82 -36.00 31.59
C ASN B 502 1.86 -37.47 31.21
N LEU B 503 3.05 -38.04 31.17
CA LEU B 503 3.21 -39.46 30.84
C LEU B 503 4.39 -40.05 31.60
N GLY B 504 4.14 -41.15 32.29
CA GLY B 504 5.19 -41.79 33.04
C GLY B 504 5.65 -43.08 32.40
N LEU B 505 6.90 -43.13 31.98
CA LEU B 505 7.45 -44.32 31.34
C LEU B 505 8.29 -45.08 32.32
N ASN B 506 8.62 -46.33 32.00
CA ASN B 506 9.48 -47.13 32.85
C ASN B 506 10.89 -46.98 32.35
N CYS B 507 11.81 -47.40 33.19
CA CYS B 507 13.22 -47.30 32.87
C CYS B 507 13.84 -48.62 33.29
N SER B 508 14.96 -49.00 32.68
CA SER B 508 15.60 -50.26 33.04
C SER B 508 17.02 -50.44 32.56
N SER B 509 17.78 -51.20 33.33
CA SER B 509 19.15 -51.50 32.99
C SER B 509 19.19 -52.74 32.08
N GLN B 510 18.05 -53.42 31.97
CA GLN B 510 17.95 -54.63 31.14
C GLN B 510 17.45 -54.33 29.73
N LEU B 511 18.17 -54.81 28.73
CA LEU B 511 17.78 -54.61 27.33
C LEU B 511 16.47 -55.29 26.96
N ALA B 512 16.18 -56.41 27.60
CA ALA B 512 14.96 -57.14 27.32
C ALA B 512 13.78 -56.20 27.49
N ASP B 513 13.77 -55.48 28.61
CA ASP B 513 12.67 -54.55 28.90
C ASP B 513 12.52 -53.46 27.85
N LEU B 514 13.64 -52.98 27.31
CA LEU B 514 13.62 -51.93 26.31
C LEU B 514 12.87 -52.42 25.07
N TYR B 515 13.24 -53.58 24.57
CA TYR B 515 12.59 -54.13 23.38
C TYR B 515 11.14 -54.54 23.61
N LYS B 516 10.89 -55.23 24.72
CA LYS B 516 9.53 -55.66 25.02
C LYS B 516 8.55 -54.49 25.02
N SER B 517 9.04 -53.27 25.19
CA SER B 517 8.15 -52.11 25.25
C SER B 517 8.07 -51.22 24.02
N CYS B 518 8.74 -51.60 22.94
CA CYS B 518 8.72 -50.81 21.73
C CYS B 518 7.38 -50.82 20.98
N GLU B 519 7.21 -49.83 20.10
CA GLU B 519 6.03 -49.71 19.26
C GLU B 519 6.53 -49.39 17.85
N THR B 520 6.32 -50.33 16.94
CA THR B 520 6.76 -50.18 15.57
C THR B 520 6.24 -48.92 14.90
N ASP B 521 4.94 -48.69 15.01
CA ASP B 521 4.33 -47.51 14.39
C ASP B 521 4.98 -46.23 14.88
N ALA B 522 5.19 -46.14 16.19
CA ALA B 522 5.85 -44.97 16.78
C ALA B 522 7.26 -44.85 16.20
N LEU B 523 8.03 -45.94 16.24
CA LEU B 523 9.37 -45.92 15.69
C LEU B 523 9.35 -45.49 14.21
N ILE B 524 8.46 -46.08 13.42
CA ILE B 524 8.35 -45.74 12.00
C ILE B 524 8.06 -44.26 11.77
N ASN B 525 7.22 -43.68 12.64
CA ASN B 525 6.88 -42.27 12.52
C ASN B 525 8.13 -41.42 12.75
N PHE B 526 8.93 -41.80 13.74
CA PHE B 526 10.16 -41.05 14.01
C PHE B 526 11.09 -41.17 12.81
N PHE B 527 11.53 -42.38 12.51
CA PHE B 527 12.41 -42.59 11.38
C PHE B 527 12.00 -41.82 10.12
N ALA B 528 10.71 -41.84 9.79
CA ALA B 528 10.24 -41.13 8.62
C ALA B 528 10.54 -39.63 8.72
N LYS B 529 10.04 -39.00 9.78
CA LYS B 529 10.26 -37.58 9.97
C LYS B 529 11.73 -37.23 10.05
N SER B 530 12.50 -38.04 10.77
CA SER B 530 13.95 -37.83 10.92
C SER B 530 14.63 -37.84 9.55
N ALA B 531 14.26 -38.82 8.73
CA ALA B 531 14.81 -38.98 7.39
C ALA B 531 14.39 -37.82 6.49
N PHE B 532 13.10 -37.48 6.54
CA PHE B 532 12.54 -36.41 5.73
C PHE B 532 13.13 -35.04 6.04
N LYS B 533 13.52 -34.82 7.29
CA LYS B 533 14.13 -33.55 7.63
C LYS B 533 15.55 -33.56 7.09
N ALA B 534 16.20 -34.72 7.19
CA ALA B 534 17.56 -34.88 6.72
C ALA B 534 17.70 -34.66 5.21
N VAL B 535 16.65 -34.94 4.45
CA VAL B 535 16.70 -34.74 3.00
C VAL B 535 17.24 -33.36 2.64
N LEU B 536 16.93 -32.37 3.47
CA LEU B 536 17.39 -31.00 3.23
C LEU B 536 18.79 -30.78 3.79
N HIS B 537 19.54 -31.87 4.02
CA HIS B 537 20.87 -31.71 4.59
C HIS B 537 21.93 -32.71 4.17
N GLN B 538 21.52 -33.88 3.71
CA GLN B 538 22.47 -34.90 3.33
C GLN B 538 22.07 -35.66 2.09
N PRO B 539 23.03 -36.35 1.44
CA PRO B 539 22.70 -37.11 0.23
C PRO B 539 21.72 -38.20 0.62
N LEU B 540 20.66 -38.36 -0.15
CA LEU B 540 19.68 -39.38 0.15
C LEU B 540 20.33 -40.75 0.38
N LYS B 541 21.35 -41.07 -0.39
CA LYS B 541 22.03 -42.35 -0.23
C LYS B 541 22.57 -42.45 1.18
N VAL B 542 22.99 -41.33 1.75
CA VAL B 542 23.52 -41.32 3.12
C VAL B 542 22.41 -41.59 4.11
N ILE B 543 21.26 -40.96 3.87
CA ILE B 543 20.08 -41.11 4.71
C ILE B 543 19.61 -42.58 4.72
N ARG B 544 19.41 -43.14 3.52
CA ARG B 544 18.95 -44.52 3.40
C ARG B 544 19.89 -45.49 4.12
N GLU B 545 21.19 -45.26 3.96
CA GLU B 545 22.22 -46.09 4.58
C GLU B 545 22.07 -46.09 6.10
N ILE B 546 21.90 -44.89 6.66
CA ILE B 546 21.72 -44.72 8.09
C ILE B 546 20.51 -45.52 8.56
N LEU B 547 19.41 -45.44 7.80
CA LEU B 547 18.18 -46.15 8.12
C LEU B 547 18.40 -47.67 8.16
N VAL B 548 18.89 -48.20 7.05
CA VAL B 548 19.12 -49.63 6.96
C VAL B 548 20.05 -50.11 8.05
N ASN B 549 21.19 -49.45 8.20
CA ASN B 549 22.15 -49.85 9.21
C ASN B 549 21.63 -49.72 10.64
N GLN B 550 20.76 -48.75 10.90
CA GLN B 550 20.24 -48.60 12.25
C GLN B 550 19.27 -49.76 12.50
N THR B 551 18.56 -50.15 11.44
CA THR B 551 17.60 -51.25 11.50
C THR B 551 18.32 -52.56 11.78
N ALA B 552 19.41 -52.80 11.06
CA ALA B 552 20.20 -54.01 11.22
C ALA B 552 20.86 -53.97 12.60
N HIS B 553 21.25 -52.77 13.03
CA HIS B 553 21.90 -52.63 14.32
C HIS B 553 20.94 -52.99 15.47
N MET B 554 19.74 -52.42 15.44
CA MET B 554 18.77 -52.70 16.49
C MET B 554 18.51 -54.19 16.61
N LEU B 555 18.32 -54.84 15.47
CA LEU B 555 18.05 -56.26 15.42
C LEU B 555 19.25 -57.10 15.83
N ALA B 556 20.44 -56.70 15.39
CA ALA B 556 21.65 -57.43 15.73
C ALA B 556 21.88 -57.39 17.23
N CYS B 557 21.61 -56.25 17.83
CA CYS B 557 21.78 -56.08 19.26
C CYS B 557 20.86 -57.03 20.01
N TYR B 558 19.61 -57.10 19.57
CA TYR B 558 18.64 -57.97 20.19
C TYR B 558 19.12 -59.43 20.05
N ARG B 559 19.61 -59.75 18.86
CA ARG B 559 20.11 -61.08 18.58
C ARG B 559 21.23 -61.50 19.54
N LYS B 560 22.27 -60.67 19.63
CA LYS B 560 23.42 -60.96 20.48
C LYS B 560 23.24 -60.75 21.98
N ASN B 561 22.10 -60.22 22.42
CA ASN B 561 21.90 -59.96 23.84
C ASN B 561 20.66 -60.51 24.51
N CYS B 562 19.56 -60.62 23.77
CA CYS B 562 18.29 -61.08 24.36
C CYS B 562 17.80 -62.43 23.85
N ALA B 563 17.83 -62.60 22.54
CA ALA B 563 17.35 -63.81 21.91
C ALA B 563 18.01 -65.07 22.43
N SER B 564 17.17 -66.07 22.74
CA SER B 564 17.68 -67.36 23.20
C SER B 564 18.45 -67.92 22.00
N PRO B 565 19.47 -68.75 22.25
CA PRO B 565 20.29 -69.34 21.19
C PRO B 565 19.51 -70.02 20.06
N SER B 566 19.79 -69.61 18.82
CA SER B 566 19.13 -70.20 17.66
C SER B 566 20.10 -70.26 16.49
N ALA B 567 19.75 -71.08 15.49
CA ALA B 567 20.60 -71.26 14.32
C ALA B 567 20.91 -69.96 13.56
N ALA B 568 22.08 -69.93 12.93
CA ALA B 568 22.53 -68.78 12.16
C ALA B 568 21.72 -68.59 10.87
N SER B 569 21.02 -69.65 10.45
CA SER B 569 20.23 -69.57 9.24
C SER B 569 18.93 -68.82 9.52
N GLN B 570 18.76 -68.39 10.77
CA GLN B 570 17.55 -67.67 11.16
C GLN B 570 17.76 -66.22 11.52
N LEU B 571 16.76 -65.41 11.21
CA LEU B 571 16.78 -64.00 11.53
C LEU B 571 15.74 -63.80 12.63
N ILE B 572 16.19 -63.31 13.78
CA ILE B 572 15.28 -63.13 14.91
C ILE B 572 14.81 -61.69 15.07
N LEU B 573 13.49 -61.54 15.18
CA LEU B 573 12.86 -60.24 15.35
C LEU B 573 11.96 -60.25 16.57
N PRO B 574 12.10 -59.26 17.47
CA PRO B 574 11.25 -59.22 18.65
C PRO B 574 9.79 -58.94 18.27
N ASP B 575 8.83 -59.45 19.06
CA ASP B 575 7.41 -59.25 18.78
C ASP B 575 7.12 -57.78 18.53
N SER B 576 7.68 -56.94 19.39
CA SER B 576 7.50 -55.50 19.29
C SER B 576 7.93 -55.00 17.91
N MET B 577 8.87 -55.70 17.30
CA MET B 577 9.39 -55.30 15.99
C MET B 577 9.05 -56.22 14.80
N LYS B 578 8.11 -57.16 15.01
CA LYS B 578 7.69 -58.08 13.96
C LYS B 578 7.58 -57.44 12.58
N VAL B 579 6.76 -56.41 12.49
CA VAL B 579 6.52 -55.73 11.21
C VAL B 579 7.36 -54.47 11.00
N LEU B 580 8.41 -54.29 11.79
CA LEU B 580 9.23 -53.11 11.61
C LEU B 580 9.96 -53.14 10.26
N PRO B 581 10.52 -54.30 9.87
CA PRO B 581 11.22 -54.35 8.58
C PRO B 581 10.30 -53.95 7.40
N VAL B 582 9.13 -54.58 7.32
CA VAL B 582 8.16 -54.30 6.26
C VAL B 582 7.94 -52.80 6.09
N TYR B 583 7.65 -52.13 7.20
CA TYR B 583 7.41 -50.70 7.19
C TYR B 583 8.66 -49.91 6.82
N MET B 584 9.82 -50.35 7.32
CA MET B 584 11.10 -49.68 7.02
C MET B 584 11.35 -49.73 5.53
N ASN B 585 11.07 -50.87 4.91
CA ASN B 585 11.24 -51.02 3.48
C ASN B 585 10.28 -50.07 2.76
N CYS B 586 9.09 -49.87 3.32
CA CYS B 586 8.09 -48.97 2.71
C CYS B 586 8.60 -47.54 2.69
N LEU B 587 9.30 -47.16 3.76
CA LEU B 587 9.84 -45.82 3.89
C LEU B 587 10.91 -45.63 2.84
N LEU B 588 11.75 -46.66 2.69
CA LEU B 588 12.83 -46.63 1.72
C LEU B 588 12.36 -46.62 0.26
N LYS B 589 11.20 -47.22 -0.01
CA LYS B 589 10.64 -47.24 -1.36
C LYS B 589 9.94 -45.94 -1.68
N ASN B 590 9.44 -45.27 -0.63
CA ASN B 590 8.74 -43.99 -0.77
C ASN B 590 9.45 -43.03 -1.72
N CYS B 591 8.68 -42.31 -2.54
CA CYS B 591 9.26 -41.38 -3.51
C CYS B 591 10.15 -40.29 -2.95
N VAL B 592 9.89 -39.86 -1.72
CA VAL B 592 10.70 -38.83 -1.08
C VAL B 592 12.17 -39.24 -0.94
N LEU B 593 12.41 -40.52 -0.65
CA LEU B 593 13.77 -41.02 -0.48
C LEU B 593 14.29 -41.76 -1.71
N LEU B 594 13.50 -41.76 -2.79
CA LEU B 594 13.87 -42.42 -4.03
C LEU B 594 14.42 -41.48 -5.13
N SER B 595 13.95 -41.60 -6.38
CA SER B 595 14.49 -40.73 -7.44
C SER B 595 13.72 -40.44 -8.74
N ARG B 596 14.37 -39.62 -9.56
CA ARG B 596 13.94 -39.08 -10.86
C ARG B 596 12.92 -39.80 -11.74
N PRO B 597 13.19 -41.04 -12.16
CA PRO B 597 12.23 -41.76 -13.02
C PRO B 597 10.77 -41.56 -12.59
N GLU B 598 10.10 -40.60 -13.24
CA GLU B 598 8.72 -40.26 -12.93
C GLU B 598 8.67 -39.48 -11.62
N ILE B 599 7.47 -39.35 -11.06
CA ILE B 599 7.26 -38.61 -9.81
C ILE B 599 8.02 -37.28 -9.76
N SER B 600 7.24 -36.20 -9.89
CA SER B 600 7.77 -34.84 -9.88
C SER B 600 8.37 -34.42 -8.56
N THR B 601 9.26 -33.42 -8.62
CA THR B 601 9.87 -32.90 -7.41
C THR B 601 8.72 -32.32 -6.59
N ASP B 602 7.76 -31.71 -7.28
CA ASP B 602 6.59 -31.13 -6.63
C ASP B 602 5.81 -32.17 -5.85
N GLU B 603 5.85 -33.42 -6.31
CA GLU B 603 5.14 -34.48 -5.62
C GLU B 603 5.95 -34.92 -4.42
N ARG B 604 7.27 -34.93 -4.57
CA ARG B 604 8.18 -35.33 -3.49
C ARG B 604 8.16 -34.31 -2.36
N ALA B 605 8.31 -33.03 -2.71
CA ALA B 605 8.30 -31.96 -1.72
C ALA B 605 6.99 -31.98 -0.94
N TYR B 606 5.88 -32.21 -1.65
CA TYR B 606 4.56 -32.26 -1.03
C TYR B 606 4.42 -33.38 -0.02
N GLN B 607 4.75 -34.59 -0.45
CA GLN B 607 4.67 -35.74 0.44
C GLN B 607 5.60 -35.58 1.61
N ARG B 608 6.79 -35.05 1.35
CA ARG B 608 7.75 -34.85 2.42
C ARG B 608 7.15 -33.95 3.49
N GLN B 609 6.32 -33.00 3.07
CA GLN B 609 5.72 -32.05 3.98
C GLN B 609 4.58 -32.69 4.75
N LEU B 610 3.69 -33.37 4.03
CA LEU B 610 2.56 -34.02 4.67
C LEU B 610 2.95 -34.93 5.82
N VAL B 611 4.04 -35.66 5.66
CA VAL B 611 4.47 -36.59 6.70
C VAL B 611 5.00 -35.89 7.93
N MET B 612 5.68 -34.78 7.72
CA MET B 612 6.26 -34.02 8.81
C MET B 612 5.24 -33.65 9.91
N THR B 613 3.98 -33.57 9.51
CA THR B 613 2.90 -33.20 10.42
C THR B 613 2.16 -34.39 11.03
N MET B 614 2.21 -35.52 10.36
CA MET B 614 1.51 -36.72 10.79
C MET B 614 1.64 -37.29 12.19
N GLY B 615 0.53 -37.88 12.62
CA GLY B 615 0.47 -38.55 13.91
C GLY B 615 0.73 -40.01 13.59
N VAL B 616 0.71 -40.86 14.59
CA VAL B 616 0.97 -42.26 14.37
C VAL B 616 -0.11 -42.95 13.52
N ALA B 617 -1.37 -42.58 13.70
CA ALA B 617 -2.44 -43.19 12.91
C ALA B 617 -2.19 -42.93 11.44
N ASP B 618 -1.90 -41.67 11.13
CA ASP B 618 -1.64 -41.25 9.77
C ASP B 618 -0.44 -41.90 9.09
N SER B 619 0.69 -41.93 9.78
CA SER B 619 1.89 -42.51 9.20
C SER B 619 1.76 -44.01 9.00
N GLN B 620 1.05 -44.68 9.91
CA GLN B 620 0.91 -46.12 9.77
C GLN B 620 0.23 -46.39 8.43
N LEU B 621 -0.90 -45.73 8.20
CA LEU B 621 -1.66 -45.90 6.98
C LEU B 621 -0.93 -45.40 5.72
N PHE B 622 -0.23 -44.29 5.85
CA PHE B 622 0.47 -43.72 4.71
C PHE B 622 1.53 -44.64 4.16
N PHE B 623 2.29 -45.29 5.04
CA PHE B 623 3.35 -46.18 4.59
C PHE B 623 2.90 -47.59 4.30
N TYR B 624 1.75 -47.99 4.83
CA TYR B 624 1.21 -49.32 4.54
C TYR B 624 -0.25 -49.18 4.17
N PRO B 625 -0.53 -48.93 2.89
CA PRO B 625 -1.92 -48.78 2.44
C PRO B 625 -2.85 -49.88 2.89
N GLN B 626 -4.14 -49.56 2.88
CA GLN B 626 -5.18 -50.48 3.28
C GLN B 626 -5.83 -51.04 2.00
N LEU B 627 -5.66 -52.34 1.76
CA LEU B 627 -6.23 -52.99 0.57
C LEU B 627 -7.45 -53.86 0.92
N LEU B 628 -8.63 -53.40 0.51
CA LEU B 628 -9.86 -54.12 0.81
C LEU B 628 -10.49 -54.81 -0.40
N PRO B 629 -10.83 -56.10 -0.26
CA PRO B 629 -11.46 -56.83 -1.38
C PRO B 629 -12.95 -56.44 -1.37
N ILE B 630 -13.44 -55.97 -2.50
CA ILE B 630 -14.83 -55.54 -2.60
C ILE B 630 -15.80 -56.53 -3.25
N HIS B 631 -15.32 -57.36 -4.16
CA HIS B 631 -16.17 -58.33 -4.83
C HIS B 631 -16.70 -59.42 -3.88
N THR B 632 -15.92 -59.72 -2.86
CA THR B 632 -16.29 -60.74 -1.88
C THR B 632 -17.10 -60.14 -0.73
N LEU B 633 -17.57 -58.91 -0.92
CA LEU B 633 -18.33 -58.20 0.11
C LEU B 633 -19.65 -58.81 0.57
N ASP B 634 -19.87 -58.76 1.88
CA ASP B 634 -21.10 -59.25 2.48
C ASP B 634 -22.12 -58.14 2.27
N VAL B 635 -23.26 -58.45 1.67
CA VAL B 635 -24.27 -57.44 1.41
C VAL B 635 -24.98 -56.93 2.67
N LYS B 636 -25.42 -55.68 2.63
CA LYS B 636 -26.12 -55.03 3.75
C LYS B 636 -26.16 -55.86 5.03
N SER B 637 -25.08 -55.73 5.80
CA SER B 637 -24.88 -56.42 7.09
C SER B 637 -23.37 -56.37 7.24
N THR B 638 -22.78 -55.39 6.56
CA THR B 638 -21.34 -55.17 6.54
C THR B 638 -20.83 -54.39 7.74
N MET B 639 -19.52 -54.15 7.72
CA MET B 639 -18.82 -53.43 8.77
C MET B 639 -17.36 -53.30 8.33
N LEU B 640 -17.15 -53.09 7.03
CA LEU B 640 -15.80 -52.93 6.49
C LEU B 640 -15.09 -54.28 6.44
N PRO B 641 -14.81 -54.79 5.24
CA PRO B 641 -14.13 -56.09 5.04
C PRO B 641 -12.69 -56.19 5.54
N ALA B 642 -12.27 -57.41 5.85
CA ALA B 642 -10.91 -57.67 6.34
C ALA B 642 -9.89 -57.25 5.30
N ALA B 643 -8.83 -56.58 5.76
CA ALA B 643 -7.79 -56.10 4.87
C ALA B 643 -6.95 -57.24 4.30
N VAL B 644 -6.35 -56.97 3.16
CA VAL B 644 -5.52 -57.93 2.47
C VAL B 644 -4.15 -57.32 2.16
N ARG B 645 -3.09 -58.10 2.32
CA ARG B 645 -1.73 -57.63 2.10
C ARG B 645 -1.53 -56.71 0.89
N CYS B 646 -0.60 -55.77 1.02
CA CYS B 646 -0.29 -54.84 -0.07
C CYS B 646 0.65 -55.46 -1.08
N SER B 647 0.10 -56.33 -1.90
CA SER B 647 0.86 -57.02 -2.94
C SER B 647 -0.10 -57.36 -4.07
N GLU B 648 0.42 -57.49 -5.28
CA GLU B 648 -0.41 -57.83 -6.43
C GLU B 648 -0.93 -59.25 -6.27
N SER B 649 -0.13 -60.07 -5.61
CA SER B 649 -0.46 -61.46 -5.38
C SER B 649 -1.85 -61.68 -4.78
N ARG B 650 -2.38 -60.66 -4.10
CA ARG B 650 -3.69 -60.80 -3.49
C ARG B 650 -4.81 -60.18 -4.33
N LEU B 651 -4.50 -59.87 -5.59
CA LEU B 651 -5.46 -59.31 -6.52
C LEU B 651 -5.96 -60.43 -7.41
N SER B 652 -7.23 -60.36 -7.81
CA SER B 652 -7.81 -61.39 -8.65
C SER B 652 -8.49 -60.79 -9.89
N GLU B 653 -8.28 -61.40 -11.05
CA GLU B 653 -8.89 -60.90 -12.28
C GLU B 653 -10.39 -60.82 -12.13
N GLU B 654 -10.92 -61.60 -11.19
CA GLU B 654 -12.35 -61.62 -10.93
C GLU B 654 -12.73 -60.63 -9.84
N GLY B 655 -11.73 -60.03 -9.20
CA GLY B 655 -12.01 -59.10 -8.11
C GLY B 655 -12.00 -57.60 -8.33
N ILE B 656 -12.47 -56.89 -7.31
CA ILE B 656 -12.52 -55.44 -7.29
C ILE B 656 -12.04 -55.04 -5.90
N PHE B 657 -10.98 -54.24 -5.83
CA PHE B 657 -10.45 -53.84 -4.53
C PHE B 657 -10.44 -52.35 -4.25
N LEU B 658 -10.24 -51.99 -2.99
CA LEU B 658 -10.17 -50.60 -2.56
C LEU B 658 -8.83 -50.40 -1.87
N LEU B 659 -8.02 -49.49 -2.39
CA LEU B 659 -6.73 -49.20 -1.76
C LEU B 659 -6.67 -47.74 -1.34
N ALA B 660 -6.34 -47.50 -0.07
CA ALA B 660 -6.25 -46.14 0.46
C ALA B 660 -5.05 -45.96 1.40
N ASN B 661 -4.39 -44.80 1.27
CA ASN B 661 -3.23 -44.50 2.08
C ASN B 661 -3.47 -43.25 2.91
N GLY B 662 -4.67 -42.67 2.76
CA GLY B 662 -5.02 -41.48 3.49
C GLY B 662 -5.13 -40.25 2.62
N LEU B 663 -4.52 -40.32 1.45
CA LEU B 663 -4.55 -39.22 0.49
C LEU B 663 -5.24 -39.68 -0.79
N HIS B 664 -4.84 -40.85 -1.27
CA HIS B 664 -5.42 -41.44 -2.48
C HIS B 664 -6.31 -42.63 -2.13
N MET B 665 -7.33 -42.84 -2.96
CA MET B 665 -8.20 -43.99 -2.77
C MET B 665 -8.43 -44.59 -4.16
N PHE B 666 -7.87 -45.78 -4.40
CA PHE B 666 -8.02 -46.44 -5.68
C PHE B 666 -9.05 -47.54 -5.68
N LEU B 667 -9.90 -47.55 -6.71
CA LEU B 667 -10.93 -48.57 -6.87
C LEU B 667 -10.42 -49.38 -8.05
N TRP B 668 -9.84 -50.53 -7.75
CA TRP B 668 -9.27 -51.42 -8.75
C TRP B 668 -10.27 -52.43 -9.29
N LEU B 669 -10.26 -52.60 -10.61
CA LEU B 669 -11.16 -53.52 -11.27
C LEU B 669 -10.37 -54.51 -12.13
N GLY B 670 -10.65 -55.80 -11.96
CA GLY B 670 -9.96 -56.81 -12.74
C GLY B 670 -10.69 -56.99 -14.06
N VAL B 671 -10.03 -57.61 -15.03
CA VAL B 671 -10.63 -57.84 -16.35
C VAL B 671 -11.88 -58.71 -16.30
N SER B 672 -11.75 -59.90 -15.71
CA SER B 672 -12.88 -60.82 -15.59
C SER B 672 -13.73 -60.37 -14.41
N SER B 673 -13.90 -59.05 -14.30
CA SER B 673 -14.66 -58.48 -13.20
C SER B 673 -16.17 -58.70 -13.40
N PRO B 674 -16.81 -59.41 -12.45
CA PRO B 674 -18.25 -59.70 -12.53
C PRO B 674 -19.10 -58.52 -12.98
N PRO B 675 -19.77 -58.68 -14.14
CA PRO B 675 -20.64 -57.65 -14.72
C PRO B 675 -21.79 -57.29 -13.79
N GLU B 676 -22.15 -58.23 -12.92
CA GLU B 676 -23.22 -57.99 -11.97
C GLU B 676 -22.86 -56.80 -11.09
N LEU B 677 -21.61 -56.79 -10.62
CA LEU B 677 -21.10 -55.72 -9.76
C LEU B 677 -20.90 -54.44 -10.54
N ILE B 678 -20.20 -54.52 -11.67
CA ILE B 678 -19.95 -53.36 -12.50
C ILE B 678 -21.27 -52.63 -12.80
N GLN B 679 -22.36 -53.37 -12.79
CA GLN B 679 -23.68 -52.79 -13.05
C GLN B 679 -24.21 -52.13 -11.78
N GLY B 680 -24.22 -52.88 -10.68
CA GLY B 680 -24.71 -52.34 -9.43
C GLY B 680 -23.86 -51.24 -8.82
N ILE B 681 -22.81 -50.82 -9.54
CA ILE B 681 -21.91 -49.76 -9.06
C ILE B 681 -21.74 -48.61 -10.05
N PHE B 682 -21.30 -48.91 -11.27
CA PHE B 682 -21.09 -47.88 -12.28
C PHE B 682 -22.30 -47.72 -13.20
N ASN B 683 -23.39 -48.39 -12.86
CA ASN B 683 -24.64 -48.34 -13.61
C ASN B 683 -24.53 -48.78 -15.08
N VAL B 684 -23.31 -49.11 -15.52
CA VAL B 684 -23.11 -49.58 -16.88
C VAL B 684 -23.03 -51.11 -16.83
N PRO B 685 -23.40 -51.79 -17.93
CA PRO B 685 -23.39 -53.25 -18.02
C PRO B 685 -22.07 -54.03 -18.03
N SER B 686 -21.02 -53.50 -18.67
CA SER B 686 -19.77 -54.26 -18.69
C SER B 686 -18.48 -53.52 -18.32
N PHE B 687 -17.43 -54.31 -18.16
CA PHE B 687 -16.10 -53.80 -17.81
C PHE B 687 -15.64 -52.75 -18.81
N ALA B 688 -15.55 -53.16 -20.07
CA ALA B 688 -15.09 -52.26 -21.12
C ALA B 688 -15.95 -51.01 -21.28
N HIS B 689 -17.06 -50.94 -20.52
CA HIS B 689 -17.96 -49.80 -20.59
C HIS B 689 -17.59 -48.62 -19.70
N ILE B 690 -16.72 -48.87 -18.73
CA ILE B 690 -16.32 -47.82 -17.81
C ILE B 690 -15.20 -46.94 -18.37
N ASN B 691 -15.27 -45.64 -18.06
CA ASN B 691 -14.24 -44.72 -18.51
C ASN B 691 -13.57 -44.21 -17.24
N THR B 692 -12.28 -44.49 -17.11
CA THR B 692 -11.51 -44.07 -15.95
C THR B 692 -11.65 -42.56 -15.74
N ASP B 693 -11.41 -41.80 -16.80
CA ASP B 693 -11.49 -40.34 -16.78
C ASP B 693 -12.76 -39.75 -16.18
N MET B 694 -13.68 -40.59 -15.73
CA MET B 694 -14.91 -40.11 -15.12
C MET B 694 -14.97 -40.64 -13.69
N THR B 695 -14.01 -40.19 -12.88
CA THR B 695 -13.87 -40.61 -11.49
C THR B 695 -14.78 -39.91 -10.50
N LEU B 696 -16.04 -39.70 -10.86
CA LEU B 696 -16.95 -39.03 -9.95
C LEU B 696 -17.83 -40.04 -9.19
N LEU B 697 -18.43 -39.57 -8.10
CA LEU B 697 -19.30 -40.38 -7.25
C LEU B 697 -20.47 -41.04 -7.97
N PRO B 698 -20.55 -42.39 -7.93
CA PRO B 698 -21.62 -43.12 -8.59
C PRO B 698 -22.68 -43.57 -7.57
N GLU B 699 -23.91 -43.08 -7.70
CA GLU B 699 -24.95 -43.46 -6.75
C GLU B 699 -25.77 -44.65 -7.23
N VAL B 700 -27.10 -44.52 -7.24
CA VAL B 700 -27.99 -45.60 -7.66
C VAL B 700 -27.63 -46.83 -6.82
N GLY B 701 -27.68 -48.02 -7.43
CA GLY B 701 -27.33 -49.24 -6.72
C GLY B 701 -28.09 -49.38 -5.41
N ASN B 702 -28.67 -50.53 -5.17
CA ASN B 702 -29.42 -50.71 -3.93
C ASN B 702 -28.65 -51.50 -2.88
N PRO B 703 -28.10 -52.66 -3.25
CA PRO B 703 -27.35 -53.46 -2.27
C PRO B 703 -25.87 -53.19 -2.18
N TYR B 704 -25.23 -53.07 -3.35
CA TYR B 704 -23.80 -52.88 -3.41
C TYR B 704 -23.30 -51.44 -3.51
N SER B 705 -23.73 -50.71 -4.54
CA SER B 705 -23.27 -49.35 -4.68
C SER B 705 -23.44 -48.60 -3.37
N GLN B 706 -24.33 -49.09 -2.51
CA GLN B 706 -24.55 -48.47 -1.22
C GLN B 706 -23.56 -49.02 -0.19
N GLN B 707 -23.33 -50.33 -0.25
CA GLN B 707 -22.42 -50.98 0.67
C GLN B 707 -20.97 -50.58 0.42
N LEU B 708 -20.68 -50.14 -0.80
CA LEU B 708 -19.33 -49.71 -1.16
C LEU B 708 -19.16 -48.27 -0.71
N ARG B 709 -20.20 -47.47 -0.90
CA ARG B 709 -20.18 -46.07 -0.52
C ARG B 709 -20.10 -45.99 1.00
N MET B 710 -20.68 -46.99 1.66
CA MET B 710 -20.66 -47.04 3.12
C MET B 710 -19.23 -47.17 3.62
N ILE B 711 -18.46 -48.07 3.02
CA ILE B 711 -17.08 -48.29 3.42
C ILE B 711 -16.17 -47.15 3.01
N MET B 712 -16.45 -46.53 1.87
CA MET B 712 -15.61 -45.41 1.44
C MET B 712 -15.80 -44.28 2.45
N GLY B 713 -16.97 -44.25 3.09
CA GLY B 713 -17.24 -43.23 4.07
C GLY B 713 -16.53 -43.52 5.38
N ILE B 714 -16.61 -44.77 5.83
CA ILE B 714 -15.98 -45.16 7.08
C ILE B 714 -14.45 -45.05 7.01
N ILE B 715 -13.90 -45.22 5.81
CA ILE B 715 -12.46 -45.11 5.65
C ILE B 715 -11.99 -43.67 5.82
N GLN B 716 -12.73 -42.75 5.20
CA GLN B 716 -12.44 -41.32 5.25
C GLN B 716 -12.65 -40.72 6.63
N GLN B 717 -13.50 -41.36 7.42
CA GLN B 717 -13.84 -40.92 8.77
C GLN B 717 -12.75 -40.18 9.54
N LYS B 718 -11.79 -40.92 10.10
CA LYS B 718 -10.73 -40.29 10.88
C LYS B 718 -9.62 -39.62 10.08
N ARG B 719 -9.76 -39.56 8.76
CA ARG B 719 -8.72 -38.97 7.91
C ARG B 719 -8.86 -37.49 7.57
N PRO B 720 -7.84 -36.70 7.95
CA PRO B 720 -7.79 -35.25 7.72
C PRO B 720 -8.01 -34.75 6.28
N TYR B 721 -7.37 -35.35 5.28
CA TYR B 721 -7.60 -34.89 3.91
C TYR B 721 -8.70 -35.72 3.28
N SER B 722 -9.48 -35.12 2.39
CA SER B 722 -10.50 -35.92 1.71
C SER B 722 -9.77 -36.51 0.50
N MET B 723 -9.68 -37.84 0.50
CA MET B 723 -8.98 -38.58 -0.54
C MET B 723 -9.46 -38.42 -1.99
N LYS B 724 -8.51 -38.47 -2.92
CA LYS B 724 -8.80 -38.35 -4.34
C LYS B 724 -9.07 -39.73 -4.93
N LEU B 725 -10.33 -39.98 -5.27
CA LEU B 725 -10.72 -41.27 -5.86
C LEU B 725 -10.14 -41.43 -7.25
N THR B 726 -9.60 -42.60 -7.52
CA THR B 726 -9.01 -42.88 -8.82
C THR B 726 -9.36 -44.30 -9.18
N ILE B 727 -10.15 -44.43 -10.24
CA ILE B 727 -10.57 -45.74 -10.72
C ILE B 727 -9.53 -46.33 -11.63
N VAL B 728 -9.23 -47.61 -11.42
CA VAL B 728 -8.23 -48.28 -12.22
C VAL B 728 -8.76 -49.55 -12.85
N LYS B 729 -8.69 -49.61 -14.18
CA LYS B 729 -9.11 -50.81 -14.91
C LYS B 729 -7.82 -51.62 -14.96
N GLN B 730 -7.89 -52.92 -14.70
CA GLN B 730 -6.70 -53.76 -14.67
C GLN B 730 -5.70 -53.60 -15.82
N ARG B 731 -5.59 -54.63 -16.65
CA ARG B 731 -4.63 -54.63 -17.74
C ARG B 731 -4.36 -53.25 -18.33
N GLU B 732 -3.08 -53.01 -18.61
CA GLU B 732 -2.56 -51.76 -19.18
C GLU B 732 -3.47 -50.53 -19.23
N GLN B 733 -3.71 -49.93 -18.06
CA GLN B 733 -4.52 -48.73 -17.95
C GLN B 733 -3.67 -47.77 -17.10
N PRO B 734 -4.29 -46.89 -16.27
CA PRO B 734 -3.36 -46.04 -15.51
C PRO B 734 -2.58 -46.87 -14.49
N GLU B 735 -3.16 -48.02 -14.12
CA GLU B 735 -2.62 -48.99 -13.16
C GLU B 735 -1.18 -48.80 -12.71
N MET B 736 -0.32 -48.35 -13.61
CA MET B 736 1.07 -48.10 -13.29
C MET B 736 1.20 -47.33 -11.96
N VAL B 737 0.40 -46.28 -11.82
CA VAL B 737 0.40 -45.47 -10.61
C VAL B 737 0.01 -46.39 -9.44
N PHE B 738 -1.16 -47.00 -9.56
CA PHE B 738 -1.69 -47.93 -8.56
C PHE B 738 -0.64 -48.89 -8.01
N ARG B 739 0.10 -49.53 -8.92
CA ARG B 739 1.12 -50.49 -8.54
C ARG B 739 2.11 -49.97 -7.51
N GLN B 740 2.26 -48.65 -7.46
CA GLN B 740 3.19 -48.05 -6.51
C GLN B 740 2.76 -48.27 -5.06
N PHE B 741 1.45 -48.31 -4.83
CA PHE B 741 0.94 -48.48 -3.48
C PHE B 741 0.87 -49.91 -2.99
N LEU B 742 1.39 -50.84 -3.79
CA LEU B 742 1.43 -52.25 -3.40
C LEU B 742 2.84 -52.41 -2.83
N VAL B 743 3.07 -51.66 -1.76
CA VAL B 743 4.34 -51.56 -1.06
C VAL B 743 5.10 -52.83 -0.72
N GLU B 744 4.44 -53.97 -0.68
CA GLU B 744 5.16 -55.20 -0.37
C GLU B 744 5.90 -55.73 -1.60
N ASP B 745 5.50 -55.34 -2.79
CA ASP B 745 6.15 -55.80 -4.00
C ASP B 745 7.38 -54.94 -4.34
N LYS B 746 8.11 -55.34 -5.38
CA LYS B 746 9.31 -54.61 -5.79
C LYS B 746 8.98 -53.29 -6.48
N GLY B 747 7.91 -53.28 -7.27
CA GLY B 747 7.53 -52.07 -7.97
C GLY B 747 8.47 -51.71 -9.10
N GLY B 751 12.11 -49.88 -5.41
CA GLY B 751 13.18 -50.49 -4.65
C GLY B 751 13.00 -51.99 -4.52
N SER B 752 13.58 -52.58 -3.47
CA SER B 752 13.48 -54.01 -3.24
C SER B 752 12.15 -54.42 -2.59
N SER B 753 11.79 -55.69 -2.75
CA SER B 753 10.56 -56.20 -2.19
C SER B 753 10.73 -56.43 -0.70
N TYR B 754 9.64 -56.76 -0.02
CA TYR B 754 9.72 -57.00 1.40
C TYR B 754 10.74 -58.10 1.67
N VAL B 755 10.65 -59.20 0.94
CA VAL B 755 11.58 -60.31 1.15
C VAL B 755 13.03 -59.88 0.88
N ASP B 756 13.24 -59.14 -0.20
CA ASP B 756 14.59 -58.68 -0.54
C ASP B 756 15.18 -57.94 0.66
N PHE B 757 14.46 -56.92 1.12
CA PHE B 757 14.91 -56.12 2.25
C PHE B 757 15.20 -56.98 3.48
N LEU B 758 14.38 -57.99 3.72
CA LEU B 758 14.58 -58.88 4.85
C LEU B 758 15.90 -59.59 4.63
N CYS B 759 16.09 -60.03 3.39
CA CYS B 759 17.30 -60.74 3.01
C CYS B 759 18.55 -59.86 3.21
N CYS B 760 18.40 -58.57 2.94
CA CYS B 760 19.49 -57.61 3.09
C CYS B 760 19.85 -57.37 4.55
N VAL B 761 18.84 -57.09 5.36
CA VAL B 761 19.05 -56.83 6.78
C VAL B 761 19.83 -57.96 7.43
N HIS B 762 19.42 -59.20 7.15
CA HIS B 762 20.11 -60.35 7.71
C HIS B 762 21.59 -60.37 7.35
N LYS B 763 21.91 -59.97 6.13
CA LYS B 763 23.31 -59.97 5.74
C LYS B 763 24.14 -59.06 6.63
N GLU B 764 23.72 -57.81 6.81
CA GLU B 764 24.49 -56.91 7.66
C GLU B 764 24.37 -57.24 9.14
N ILE B 765 23.33 -57.97 9.51
CA ILE B 765 23.15 -58.36 10.91
C ILE B 765 24.17 -59.44 11.18
N CYS B 766 24.47 -60.24 10.16
CA CYS B 766 25.45 -61.31 10.25
C CYS B 766 26.83 -60.66 10.17
N GLN B 767 26.95 -59.60 9.36
CA GLN B 767 28.21 -58.89 9.22
C GLN B 767 28.68 -58.41 10.59
N LEU B 768 27.73 -58.01 11.43
CA LEU B 768 28.04 -57.58 12.79
C LEU B 768 28.32 -58.87 13.54
N LEU B 769 28.91 -59.80 12.79
CA LEU B 769 29.30 -61.14 13.21
C LEU B 769 29.00 -61.54 14.65
N ASN B 770 27.79 -62.04 14.87
CA ASN B 770 27.38 -62.48 16.20
C ASN B 770 25.97 -63.07 16.18
N ASP C 1 8.47 -63.62 19.88
CA ASP C 1 9.63 -63.62 18.94
C ASP C 1 9.36 -64.39 17.66
N VAL C 2 9.55 -63.72 16.54
CA VAL C 2 9.36 -64.34 15.24
C VAL C 2 10.71 -64.72 14.65
N ALA C 3 10.84 -65.97 14.22
CA ALA C 3 12.07 -66.43 13.61
C ALA C 3 11.80 -66.69 12.13
N ILE C 4 12.80 -66.45 11.29
CA ILE C 4 12.63 -66.69 9.86
C ILE C 4 13.87 -67.37 9.29
N ASP C 5 13.65 -68.43 8.52
CA ASP C 5 14.75 -69.17 7.90
C ASP C 5 15.11 -68.45 6.62
N MET C 6 16.27 -67.80 6.62
CA MET C 6 16.74 -67.04 5.48
C MET C 6 17.13 -67.86 4.25
N MET C 7 17.49 -69.12 4.48
CA MET C 7 17.91 -70.01 3.40
C MET C 7 17.16 -69.81 2.08
#